data_2BMM
# 
_entry.id   2BMM 
# 
_audit_conform.dict_name       mmcif_pdbx.dic 
_audit_conform.dict_version    5.382 
_audit_conform.dict_location   http://mmcif.pdb.org/dictionaries/ascii/mmcif_pdbx.dic 
# 
loop_
_database_2.database_id 
_database_2.database_code 
_database_2.pdbx_database_accession 
_database_2.pdbx_DOI 
PDB   2BMM         pdb_00002bmm 10.2210/pdb2bmm/pdb 
PDBE  EBI-23344    ?            ?                   
WWPDB D_1290023344 ?            ?                   
# 
_pdbx_database_status.status_code                     REL 
_pdbx_database_status.entry_id                        2BMM 
_pdbx_database_status.deposit_site                    PDBE 
_pdbx_database_status.process_site                    PDBE 
_pdbx_database_status.SG_entry                        . 
_pdbx_database_status.recvd_initial_deposition_date   2005-03-15 
_pdbx_database_status.pdb_format_compatible           Y 
_pdbx_database_status.status_code_sf                  REL 
_pdbx_database_status.status_code_mr                  ? 
_pdbx_database_status.status_code_cs                  ? 
_pdbx_database_status.methods_development_category    ? 
_pdbx_database_status.status_code_nmr_data            ? 
# 
loop_
_audit_author.name 
_audit_author.pdbx_ordinal 
'Ilari, A.'        1 
'Franceschini, S.' 2 
'Bonamore, A.'     3 
'Boffi, A.'        4 
# 
_citation.id                        primary 
_citation.title                     'A Novel Thermostable Hemoglobin from the Actinobacterium Thermobifida Fusca.' 
_citation.journal_abbrev            'FEBS J.' 
_citation.journal_volume            272 
_citation.page_first                4189 
_citation.page_last                 ? 
_citation.year                      2005 
_citation.journal_id_ASTM           ? 
_citation.country                   UK 
_citation.journal_id_ISSN           1742-464X 
_citation.journal_id_CSD            ? 
_citation.book_publisher            ? 
_citation.pdbx_database_id_PubMed   16098200 
_citation.pdbx_database_id_DOI      10.1111/J.1742-4658.2005.04831.X 
# 
loop_
_citation_author.citation_id 
_citation_author.name 
_citation_author.ordinal 
_citation_author.identifier_ORCID 
primary 'Bonamore, A.'    1 ? 
primary 'Ilari, A.'       2 ? 
primary 'Giangiacomo, L.' 3 ? 
primary 'Bellelli, A.'    4 ? 
primary 'Morea, V.'       5 ? 
primary 'Boffi, A.'       6 ? 
# 
_cell.entry_id           2BMM 
_cell.length_a           84.617 
_cell.length_b           84.617 
_cell.length_c           77.921 
_cell.angle_alpha        90.00 
_cell.angle_beta         90.00 
_cell.angle_gamma        120.00 
_cell.Z_PDB              12 
_cell.pdbx_unique_axis   ? 
# 
_symmetry.entry_id                         2BMM 
_symmetry.space_group_name_H-M             'P 64 2 2' 
_symmetry.pdbx_full_space_group_name_H-M   ? 
_symmetry.cell_setting                     ? 
_symmetry.Int_Tables_number                181 
# 
loop_
_entity.id 
_entity.type 
_entity.src_method 
_entity.pdbx_description 
_entity.formula_weight 
_entity.pdbx_number_of_molecules 
_entity.pdbx_ec 
_entity.pdbx_mutation 
_entity.pdbx_fragment 
_entity.details 
1 polymer     man 'THERMOSTABLE HEMOGLOBIN FROM THERMOBIFIDA FUSCA' 14642.640 1  ? ? 'RESIDUES 9-131' ? 
2 non-polymer syn 'PROTOPORPHYRIN IX CONTAINING FE'                 616.487   1  ? ? ?                ? 
3 non-polymer syn 'ACETATE ION'                                     59.044    1  ? ? ?                ? 
4 water       nat water                                             18.015    63 ? ? ?                ? 
# 
_entity_poly.entity_id                      1 
_entity_poly.type                           'polypeptide(L)' 
_entity_poly.nstd_linkage                   no 
_entity_poly.nstd_monomer                   no 
_entity_poly.pdbx_seq_one_letter_code       
;MTFYEAVGGEETFTRLARRFYEGVAADPVLRPMYPEEDLGPAEERLRLFLMQYWGGPRTYSERRGHPRLRMRHFPYRIGA
EERDRWLTHMRAAVDDLALPAHLEQQLWEYLVYAAYAMVNVPE
;
_entity_poly.pdbx_seq_one_letter_code_can   
;MTFYEAVGGEETFTRLARRFYEGVAADPVLRPMYPEEDLGPAEERLRLFLMQYWGGPRTYSERRGHPRLRMRHFPYRIGA
EERDRWLTHMRAAVDDLALPAHLEQQLWEYLVYAAYAMVNVPE
;
_entity_poly.pdbx_strand_id                 A 
_entity_poly.pdbx_target_identifier         ? 
# 
loop_
_entity_poly_seq.entity_id 
_entity_poly_seq.num 
_entity_poly_seq.mon_id 
_entity_poly_seq.hetero 
1 1   MET n 
1 2   THR n 
1 3   PHE n 
1 4   TYR n 
1 5   GLU n 
1 6   ALA n 
1 7   VAL n 
1 8   GLY n 
1 9   GLY n 
1 10  GLU n 
1 11  GLU n 
1 12  THR n 
1 13  PHE n 
1 14  THR n 
1 15  ARG n 
1 16  LEU n 
1 17  ALA n 
1 18  ARG n 
1 19  ARG n 
1 20  PHE n 
1 21  TYR n 
1 22  GLU n 
1 23  GLY n 
1 24  VAL n 
1 25  ALA n 
1 26  ALA n 
1 27  ASP n 
1 28  PRO n 
1 29  VAL n 
1 30  LEU n 
1 31  ARG n 
1 32  PRO n 
1 33  MET n 
1 34  TYR n 
1 35  PRO n 
1 36  GLU n 
1 37  GLU n 
1 38  ASP n 
1 39  LEU n 
1 40  GLY n 
1 41  PRO n 
1 42  ALA n 
1 43  GLU n 
1 44  GLU n 
1 45  ARG n 
1 46  LEU n 
1 47  ARG n 
1 48  LEU n 
1 49  PHE n 
1 50  LEU n 
1 51  MET n 
1 52  GLN n 
1 53  TYR n 
1 54  TRP n 
1 55  GLY n 
1 56  GLY n 
1 57  PRO n 
1 58  ARG n 
1 59  THR n 
1 60  TYR n 
1 61  SER n 
1 62  GLU n 
1 63  ARG n 
1 64  ARG n 
1 65  GLY n 
1 66  HIS n 
1 67  PRO n 
1 68  ARG n 
1 69  LEU n 
1 70  ARG n 
1 71  MET n 
1 72  ARG n 
1 73  HIS n 
1 74  PHE n 
1 75  PRO n 
1 76  TYR n 
1 77  ARG n 
1 78  ILE n 
1 79  GLY n 
1 80  ALA n 
1 81  GLU n 
1 82  GLU n 
1 83  ARG n 
1 84  ASP n 
1 85  ARG n 
1 86  TRP n 
1 87  LEU n 
1 88  THR n 
1 89  HIS n 
1 90  MET n 
1 91  ARG n 
1 92  ALA n 
1 93  ALA n 
1 94  VAL n 
1 95  ASP n 
1 96  ASP n 
1 97  LEU n 
1 98  ALA n 
1 99  LEU n 
1 100 PRO n 
1 101 ALA n 
1 102 HIS n 
1 103 LEU n 
1 104 GLU n 
1 105 GLN n 
1 106 GLN n 
1 107 LEU n 
1 108 TRP n 
1 109 GLU n 
1 110 TYR n 
1 111 LEU n 
1 112 VAL n 
1 113 TYR n 
1 114 ALA n 
1 115 ALA n 
1 116 TYR n 
1 117 ALA n 
1 118 MET n 
1 119 VAL n 
1 120 ASN n 
1 121 VAL n 
1 122 PRO n 
1 123 GLU n 
# 
_entity_src_gen.entity_id                          1 
_entity_src_gen.pdbx_src_id                        1 
_entity_src_gen.pdbx_alt_source_flag               sample 
_entity_src_gen.pdbx_seq_type                      ? 
_entity_src_gen.pdbx_beg_seq_num                   ? 
_entity_src_gen.pdbx_end_seq_num                   ? 
_entity_src_gen.gene_src_common_name               ? 
_entity_src_gen.gene_src_genus                     ? 
_entity_src_gen.pdbx_gene_src_gene                 ? 
_entity_src_gen.gene_src_species                   ? 
_entity_src_gen.gene_src_strain                    ? 
_entity_src_gen.gene_src_tissue                    ? 
_entity_src_gen.gene_src_tissue_fraction           ? 
_entity_src_gen.gene_src_details                   ? 
_entity_src_gen.pdbx_gene_src_fragment             ? 
_entity_src_gen.pdbx_gene_src_scientific_name      'THERMOBIFIDA FUSCA' 
_entity_src_gen.pdbx_gene_src_ncbi_taxonomy_id     2021 
_entity_src_gen.pdbx_gene_src_variant              ? 
_entity_src_gen.pdbx_gene_src_cell_line            ? 
_entity_src_gen.pdbx_gene_src_atcc                 ? 
_entity_src_gen.pdbx_gene_src_organ                ? 
_entity_src_gen.pdbx_gene_src_organelle            ? 
_entity_src_gen.pdbx_gene_src_cell                 ? 
_entity_src_gen.pdbx_gene_src_cellular_location    ? 
_entity_src_gen.host_org_common_name               ? 
_entity_src_gen.pdbx_host_org_scientific_name      'ESCHERICHIA COLI' 
_entity_src_gen.pdbx_host_org_ncbi_taxonomy_id     469008 
_entity_src_gen.host_org_genus                     ? 
_entity_src_gen.pdbx_host_org_gene                 ? 
_entity_src_gen.pdbx_host_org_organ                ? 
_entity_src_gen.host_org_species                   ? 
_entity_src_gen.pdbx_host_org_tissue               ? 
_entity_src_gen.pdbx_host_org_tissue_fraction      ? 
_entity_src_gen.pdbx_host_org_strain               'BL21(DE3)' 
_entity_src_gen.pdbx_host_org_variant              ? 
_entity_src_gen.pdbx_host_org_cell_line            ? 
_entity_src_gen.pdbx_host_org_atcc                 ? 
_entity_src_gen.pdbx_host_org_culture_collection   ? 
_entity_src_gen.pdbx_host_org_cell                 ? 
_entity_src_gen.pdbx_host_org_organelle            ? 
_entity_src_gen.pdbx_host_org_cellular_location    ? 
_entity_src_gen.pdbx_host_org_vector_type          ? 
_entity_src_gen.pdbx_host_org_vector               ? 
_entity_src_gen.host_org_details                   ? 
_entity_src_gen.expression_system_id               ? 
_entity_src_gen.plasmid_name                       PET23-D 
_entity_src_gen.plasmid_details                    ? 
_entity_src_gen.pdbx_description                   ? 
# 
_struct_ref.id                         1 
_struct_ref.db_name                    GB 
_struct_ref.db_code                    ZP_00292434 
_struct_ref.entity_id                  1 
_struct_ref.pdbx_seq_one_letter_code   ? 
_struct_ref.pdbx_align_begin           ? 
_struct_ref.pdbx_db_accession          48835434 
_struct_ref.pdbx_db_isoform            ? 
# 
_struct_ref_seq.align_id                      1 
_struct_ref_seq.ref_id                        1 
_struct_ref_seq.pdbx_PDB_id_code              2BMM 
_struct_ref_seq.pdbx_strand_id                A 
_struct_ref_seq.seq_align_beg                 1 
_struct_ref_seq.pdbx_seq_align_beg_ins_code   ? 
_struct_ref_seq.seq_align_end                 123 
_struct_ref_seq.pdbx_seq_align_end_ins_code   ? 
_struct_ref_seq.pdbx_db_accession             48835434 
_struct_ref_seq.db_align_beg                  9 
_struct_ref_seq.pdbx_db_align_beg_ins_code    ? 
_struct_ref_seq.db_align_end                  131 
_struct_ref_seq.pdbx_db_align_end_ins_code    ? 
_struct_ref_seq.pdbx_auth_seq_align_beg       34 
_struct_ref_seq.pdbx_auth_seq_align_end       156 
# 
loop_
_chem_comp.id 
_chem_comp.type 
_chem_comp.mon_nstd_flag 
_chem_comp.name 
_chem_comp.pdbx_synonyms 
_chem_comp.formula 
_chem_comp.formula_weight 
ACT non-polymer         . 'ACETATE ION'                     ?    'C2 H3 O2 -1'      59.044  
ALA 'L-peptide linking' y ALANINE                           ?    'C3 H7 N O2'       89.093  
ARG 'L-peptide linking' y ARGININE                          ?    'C6 H15 N4 O2 1'   175.209 
ASN 'L-peptide linking' y ASPARAGINE                        ?    'C4 H8 N2 O3'      132.118 
ASP 'L-peptide linking' y 'ASPARTIC ACID'                   ?    'C4 H7 N O4'       133.103 
GLN 'L-peptide linking' y GLUTAMINE                         ?    'C5 H10 N2 O3'     146.144 
GLU 'L-peptide linking' y 'GLUTAMIC ACID'                   ?    'C5 H9 N O4'       147.129 
GLY 'peptide linking'   y GLYCINE                           ?    'C2 H5 N O2'       75.067  
HEM non-polymer         . 'PROTOPORPHYRIN IX CONTAINING FE' HEME 'C34 H32 Fe N4 O4' 616.487 
HIS 'L-peptide linking' y HISTIDINE                         ?    'C6 H10 N3 O2 1'   156.162 
HOH non-polymer         . WATER                             ?    'H2 O'             18.015  
ILE 'L-peptide linking' y ISOLEUCINE                        ?    'C6 H13 N O2'      131.173 
LEU 'L-peptide linking' y LEUCINE                           ?    'C6 H13 N O2'      131.173 
MET 'L-peptide linking' y METHIONINE                        ?    'C5 H11 N O2 S'    149.211 
PHE 'L-peptide linking' y PHENYLALANINE                     ?    'C9 H11 N O2'      165.189 
PRO 'L-peptide linking' y PROLINE                           ?    'C5 H9 N O2'       115.130 
SER 'L-peptide linking' y SERINE                            ?    'C3 H7 N O3'       105.093 
THR 'L-peptide linking' y THREONINE                         ?    'C4 H9 N O3'       119.119 
TRP 'L-peptide linking' y TRYPTOPHAN                        ?    'C11 H12 N2 O2'    204.225 
TYR 'L-peptide linking' y TYROSINE                          ?    'C9 H11 N O3'      181.189 
VAL 'L-peptide linking' y VALINE                            ?    'C5 H11 N O2'      117.146 
# 
_exptl.entry_id          2BMM 
_exptl.method            'X-RAY DIFFRACTION' 
_exptl.crystals_number   1 
# 
_exptl_crystal.id                    1 
_exptl_crystal.density_meas          ? 
_exptl_crystal.density_Matthews      2.52 
_exptl_crystal.density_percent_sol   50.73 
_exptl_crystal.description           ? 
# 
_exptl_crystal_grow.crystal_id      1 
_exptl_crystal_grow.method          ? 
_exptl_crystal_grow.temp            ? 
_exptl_crystal_grow.temp_details    ? 
_exptl_crystal_grow.pH              5.80 
_exptl_crystal_grow.pdbx_pH_range   ? 
_exptl_crystal_grow.pdbx_details    'ACETATE BUFFER PH 5.8, NACL 2.5 M' 
# 
_diffrn.id                     1 
_diffrn.ambient_temp           100.0 
_diffrn.ambient_temp_details   ? 
_diffrn.crystal_id             1 
# 
_diffrn_detector.diffrn_id              1 
_diffrn_detector.detector               CCD 
_diffrn_detector.type                   MARRESEARCH 
_diffrn_detector.pdbx_collection_date   ? 
_diffrn_detector.details                ? 
# 
_diffrn_radiation.diffrn_id                        1 
_diffrn_radiation.wavelength_id                    1 
_diffrn_radiation.pdbx_monochromatic_or_laue_m_l   M 
_diffrn_radiation.monochromator                    ? 
_diffrn_radiation.pdbx_diffrn_protocol             'SINGLE WAVELENGTH' 
_diffrn_radiation.pdbx_scattering_type             x-ray 
# 
_diffrn_radiation_wavelength.id           1 
_diffrn_radiation_wavelength.wavelength   1.0 
_diffrn_radiation_wavelength.wt           1.0 
# 
_diffrn_source.diffrn_id                   1 
_diffrn_source.source                      SYNCHROTRON 
_diffrn_source.type                        'ELETTRA BEAMLINE 5.2R' 
_diffrn_source.pdbx_synchrotron_site       ELETTRA 
_diffrn_source.pdbx_synchrotron_beamline   5.2R 
_diffrn_source.pdbx_wavelength             1.0 
_diffrn_source.pdbx_wavelength_list        ? 
# 
_reflns.pdbx_diffrn_id               1 
_reflns.pdbx_ordinal                 1 
_reflns.entry_id                     2BMM 
_reflns.observed_criterion_sigma_I   ? 
_reflns.observed_criterion_sigma_F   ? 
_reflns.d_resolution_low             50.000 
_reflns.d_resolution_high            2.470 
_reflns.number_obs                   6119 
_reflns.number_all                   ? 
_reflns.percent_possible_obs         96.7 
_reflns.pdbx_Rmerge_I_obs            0.05000 
_reflns.pdbx_Rsym_value              ? 
_reflns.pdbx_netI_over_sigmaI        17.3000 
_reflns.B_iso_Wilson_estimate        ? 
_reflns.pdbx_redundancy              8.700 
# 
_refine.pdbx_refine_id                           'X-RAY DIFFRACTION' 
_refine.entry_id                                 2BMM 
_refine.pdbx_diffrn_id                           1 
_refine.pdbx_TLS_residual_ADP_flag               ? 
_refine.ls_number_reflns_obs                     5783 
_refine.ls_number_reflns_all                     ? 
_refine.pdbx_ls_sigma_I                          ? 
_refine.pdbx_ls_sigma_F                          ? 
_refine.pdbx_data_cutoff_high_absF               ? 
_refine.pdbx_data_cutoff_low_absF                ? 
_refine.pdbx_data_cutoff_high_rms_absF           ? 
_refine.ls_d_res_low                             72.55 
_refine.ls_d_res_high                            2.48 
_refine.ls_percent_reflns_obs                    97.5 
_refine.ls_R_factor_obs                          0.223 
_refine.ls_R_factor_all                          ? 
_refine.ls_R_factor_R_work                       0.218 
_refine.ls_R_factor_R_free                       0.315 
_refine.ls_R_factor_R_free_error                 ? 
_refine.ls_R_factor_R_free_error_details         ? 
_refine.ls_percent_reflns_R_free                 5.200 
_refine.ls_number_reflns_R_free                  316 
_refine.ls_number_parameters                     ? 
_refine.ls_number_restraints                     ? 
_refine.occupancy_min                            ? 
_refine.occupancy_max                            ? 
_refine.correlation_coeff_Fo_to_Fc               0.949 
_refine.correlation_coeff_Fo_to_Fc_free          0.897 
_refine.B_iso_mean                               55.28 
_refine.aniso_B[1][1]                            0.91000 
_refine.aniso_B[2][2]                            0.91000 
_refine.aniso_B[3][3]                            -1.36000 
_refine.aniso_B[1][2]                            0.45000 
_refine.aniso_B[1][3]                            0.00000 
_refine.aniso_B[2][3]                            0.00000 
_refine.solvent_model_details                    MASK 
_refine.solvent_model_param_ksol                 ? 
_refine.solvent_model_param_bsol                 ? 
_refine.pdbx_solvent_vdw_probe_radii             1.20 
_refine.pdbx_solvent_ion_probe_radii             0.80 
_refine.pdbx_solvent_shrinkage_radii             0.80 
_refine.pdbx_ls_cross_valid_method               THROUGHOUT 
_refine.details                                  'HYDROGENS HAVE BEEN ADDED IN THE RIDING POSITIONS' 
_refine.pdbx_starting_model                      'PDB ENTRY 1UX8' 
_refine.pdbx_method_to_determine_struct          'MOLECULAR REPLACEMENT' 
_refine.pdbx_isotropic_thermal_model             ? 
_refine.pdbx_stereochemistry_target_values       'MAXIMUM LIKELIHOOD' 
_refine.pdbx_stereochem_target_val_spec_case     ? 
_refine.pdbx_R_Free_selection_details            RANDOM 
_refine.pdbx_overall_ESU_R                       0.539 
_refine.pdbx_overall_ESU_R_Free                  0.357 
_refine.overall_SU_ML                            0.276 
_refine.pdbx_overall_phase_error                 ? 
_refine.overall_SU_B                             12.759 
_refine.overall_SU_R_Cruickshank_DPI             ? 
_refine.pdbx_overall_SU_R_free_Cruickshank_DPI   ? 
_refine.pdbx_overall_SU_R_Blow_DPI               ? 
_refine.pdbx_overall_SU_R_free_Blow_DPI          ? 
# 
_refine_hist.pdbx_refine_id                   'X-RAY DIFFRACTION' 
_refine_hist.cycle_id                         LAST 
_refine_hist.pdbx_number_atoms_protein        1032 
_refine_hist.pdbx_number_atoms_nucleic_acid   0 
_refine_hist.pdbx_number_atoms_ligand         47 
_refine_hist.number_atoms_solvent             63 
_refine_hist.number_atoms_total               1142 
_refine_hist.d_res_high                       2.48 
_refine_hist.d_res_low                        72.55 
# 
loop_
_refine_ls_restr.type 
_refine_ls_restr.dev_ideal 
_refine_ls_restr.dev_ideal_target 
_refine_ls_restr.weight 
_refine_ls_restr.number 
_refine_ls_restr.pdbx_refine_id 
_refine_ls_restr.pdbx_restraint_function 
r_bond_refined_d             0.014  0.022  ? 1117 'X-RAY DIFFRACTION' ? 
r_bond_other_d               ?      ?      ? ?    'X-RAY DIFFRACTION' ? 
r_angle_refined_deg          1.551  2.078  ? 1528 'X-RAY DIFFRACTION' ? 
r_angle_other_deg            ?      ?      ? ?    'X-RAY DIFFRACTION' ? 
r_dihedral_angle_1_deg       5.231  5.000  ? 122  'X-RAY DIFFRACTION' ? 
r_dihedral_angle_2_deg       26.383 21.167 ? 60   'X-RAY DIFFRACTION' ? 
r_dihedral_angle_3_deg       21.721 15.000 ? 168  'X-RAY DIFFRACTION' ? 
r_dihedral_angle_4_deg       19.830 15.000 ? 16   'X-RAY DIFFRACTION' ? 
r_chiral_restr               0.105  0.200  ? 141  'X-RAY DIFFRACTION' ? 
r_gen_planes_refined         0.006  0.020  ? 905  'X-RAY DIFFRACTION' ? 
r_gen_planes_other           ?      ?      ? ?    'X-RAY DIFFRACTION' ? 
r_nbd_refined                0.258  0.200  ? 640  'X-RAY DIFFRACTION' ? 
r_nbd_other                  ?      ?      ? ?    'X-RAY DIFFRACTION' ? 
r_nbtor_refined              0.317  0.200  ? 743  'X-RAY DIFFRACTION' ? 
r_nbtor_other                ?      ?      ? ?    'X-RAY DIFFRACTION' ? 
r_xyhbond_nbd_refined        0.169  0.200  ? 53   'X-RAY DIFFRACTION' ? 
r_xyhbond_nbd_other          ?      ?      ? ?    'X-RAY DIFFRACTION' ? 
r_metal_ion_refined          ?      ?      ? ?    'X-RAY DIFFRACTION' ? 
r_metal_ion_other            ?      ?      ? ?    'X-RAY DIFFRACTION' ? 
r_symmetry_vdw_refined       0.159  0.200  ? 48   'X-RAY DIFFRACTION' ? 
r_symmetry_vdw_other         ?      ?      ? ?    'X-RAY DIFFRACTION' ? 
r_symmetry_hbond_refined     0.308  0.200  ? 8    'X-RAY DIFFRACTION' ? 
r_symmetry_hbond_other       ?      ?      ? ?    'X-RAY DIFFRACTION' ? 
r_symmetry_metal_ion_refined ?      ?      ? ?    'X-RAY DIFFRACTION' ? 
r_symmetry_metal_ion_other   ?      ?      ? ?    'X-RAY DIFFRACTION' ? 
r_mcbond_it                  0.822  1.500  ? 635  'X-RAY DIFFRACTION' ? 
r_mcbond_other               ?      ?      ? ?    'X-RAY DIFFRACTION' ? 
r_mcangle_it                 1.396  2.000  ? 986  'X-RAY DIFFRACTION' ? 
r_mcangle_other              ?      ?      ? ?    'X-RAY DIFFRACTION' ? 
r_scbond_it                  2.071  3.000  ? 568  'X-RAY DIFFRACTION' ? 
r_scbond_other               ?      ?      ? ?    'X-RAY DIFFRACTION' ? 
r_scangle_it                 3.107  4.500  ? 540  'X-RAY DIFFRACTION' ? 
r_scangle_other              ?      ?      ? ?    'X-RAY DIFFRACTION' ? 
r_long_range_B_refined       ?      ?      ? ?    'X-RAY DIFFRACTION' ? 
r_long_range_B_other         ?      ?      ? ?    'X-RAY DIFFRACTION' ? 
r_rigid_bond_restr           ?      ?      ? ?    'X-RAY DIFFRACTION' ? 
r_sphericity_free            ?      ?      ? ?    'X-RAY DIFFRACTION' ? 
r_sphericity_bonded          ?      ?      ? ?    'X-RAY DIFFRACTION' ? 
# 
_refine_ls_shell.pdbx_refine_id                   'X-RAY DIFFRACTION' 
_refine_ls_shell.pdbx_total_number_of_bins_used   20 
_refine_ls_shell.d_res_high                       2.48 
_refine_ls_shell.d_res_low                        2.54 
_refine_ls_shell.number_reflns_R_work             324 
_refine_ls_shell.R_factor_R_work                  0.2960 
_refine_ls_shell.percent_reflns_obs               ? 
_refine_ls_shell.R_factor_R_free                  0.3930 
_refine_ls_shell.R_factor_R_free_error            ? 
_refine_ls_shell.percent_reflns_R_free            ? 
_refine_ls_shell.number_reflns_R_free             13 
_refine_ls_shell.number_reflns_all                ? 
_refine_ls_shell.R_factor_all                     ? 
# 
_struct.entry_id                  2BMM 
_struct.title                     'X-ray structure of a novel thermostable hemoglobin from the actinobacterium Thermobifida fusca' 
_struct.pdbx_model_details        ? 
_struct.pdbx_CASP_flag            ? 
_struct.pdbx_model_type_details   ? 
# 
_struct_keywords.entry_id        2BMM 
_struct_keywords.pdbx_keywords   'OXYGEN STORAGE/TRANSPORT' 
_struct_keywords.text            
'BACTERIAL HEMOGLOBIN, THERMOSTABLE PROTEIN, OXYGEN STORAGE/TRANSPORT, OXYGEN STORAGE-TRANSPORT complex' 
# 
loop_
_struct_asym.id 
_struct_asym.pdbx_blank_PDB_chainid_flag 
_struct_asym.pdbx_modified 
_struct_asym.entity_id 
_struct_asym.details 
A N N 1 ? 
B N N 2 ? 
C N N 3 ? 
D N N 4 ? 
# 
_struct_biol.id   1 
# 
loop_
_struct_conf.conf_type_id 
_struct_conf.id 
_struct_conf.pdbx_PDB_helix_id 
_struct_conf.beg_label_comp_id 
_struct_conf.beg_label_asym_id 
_struct_conf.beg_label_seq_id 
_struct_conf.pdbx_beg_PDB_ins_code 
_struct_conf.end_label_comp_id 
_struct_conf.end_label_asym_id 
_struct_conf.end_label_seq_id 
_struct_conf.pdbx_end_PDB_ins_code 
_struct_conf.beg_auth_comp_id 
_struct_conf.beg_auth_asym_id 
_struct_conf.beg_auth_seq_id 
_struct_conf.end_auth_comp_id 
_struct_conf.end_auth_asym_id 
_struct_conf.end_auth_seq_id 
_struct_conf.pdbx_PDB_helix_class 
_struct_conf.details 
_struct_conf.pdbx_PDB_helix_length 
HELX_P HELX_P1 1 THR A 2   ? GLY A 8   ? THR A 35  GLY A 41  1 ? 7  
HELX_P HELX_P2 2 GLY A 9   ? ALA A 26  ? GLY A 42  ALA A 59  1 ? 18 
HELX_P HELX_P3 3 LEU A 30  ? TYR A 34  ? LEU A 63  TYR A 67  5 ? 5  
HELX_P HELX_P4 4 LEU A 39  ? GLY A 55  ? LEU A 72  GLY A 88  1 ? 17 
HELX_P HELX_P5 5 ARG A 58  ? ARG A 64  ? ARG A 91  ARG A 97  1 ? 7  
HELX_P HELX_P6 6 ARG A 68  ? HIS A 73  ? ARG A 101 HIS A 106 1 ? 6  
HELX_P HELX_P7 7 GLY A 79  ? ALA A 98  ? GLY A 112 ALA A 131 1 ? 20 
HELX_P HELX_P8 8 PRO A 100 ? VAL A 119 ? PRO A 133 VAL A 152 1 ? 20 
# 
_struct_conf_type.id          HELX_P 
_struct_conf_type.criteria    ? 
_struct_conf_type.reference   ? 
# 
loop_
_struct_conn.id 
_struct_conn.conn_type_id 
_struct_conn.pdbx_leaving_atom_flag 
_struct_conn.pdbx_PDB_id 
_struct_conn.ptnr1_label_asym_id 
_struct_conn.ptnr1_label_comp_id 
_struct_conn.ptnr1_label_seq_id 
_struct_conn.ptnr1_label_atom_id 
_struct_conn.pdbx_ptnr1_label_alt_id 
_struct_conn.pdbx_ptnr1_PDB_ins_code 
_struct_conn.pdbx_ptnr1_standard_comp_id 
_struct_conn.ptnr1_symmetry 
_struct_conn.ptnr2_label_asym_id 
_struct_conn.ptnr2_label_comp_id 
_struct_conn.ptnr2_label_seq_id 
_struct_conn.ptnr2_label_atom_id 
_struct_conn.pdbx_ptnr2_label_alt_id 
_struct_conn.pdbx_ptnr2_PDB_ins_code 
_struct_conn.ptnr1_auth_asym_id 
_struct_conn.ptnr1_auth_comp_id 
_struct_conn.ptnr1_auth_seq_id 
_struct_conn.ptnr2_auth_asym_id 
_struct_conn.ptnr2_auth_comp_id 
_struct_conn.ptnr2_auth_seq_id 
_struct_conn.ptnr2_symmetry 
_struct_conn.pdbx_ptnr3_label_atom_id 
_struct_conn.pdbx_ptnr3_label_seq_id 
_struct_conn.pdbx_ptnr3_label_comp_id 
_struct_conn.pdbx_ptnr3_label_asym_id 
_struct_conn.pdbx_ptnr3_label_alt_id 
_struct_conn.pdbx_ptnr3_PDB_ins_code 
_struct_conn.details 
_struct_conn.pdbx_dist_value 
_struct_conn.pdbx_value_order 
_struct_conn.pdbx_role 
metalc1 metalc ? ? A HIS 73 NE2 ? ? ? 1_555 B HEM . FE  ? ? A HIS 106  A HEM 1157 1_555 ? ? ? ? ? ? ? 1.918 ? ? 
metalc2 metalc ? ? B HEM .  FE  ? ? ? 1_555 C ACT . OXT ? ? A HEM 1157 A ACT 1158 1_555 ? ? ? ? ? ? ? 1.666 ? ? 
# 
_struct_conn_type.id          metalc 
_struct_conn_type.criteria    ? 
_struct_conn_type.reference   ? 
# 
loop_
_struct_site.id 
_struct_site.pdbx_evidence_code 
_struct_site.pdbx_auth_asym_id 
_struct_site.pdbx_auth_comp_id 
_struct_site.pdbx_auth_seq_id 
_struct_site.pdbx_auth_ins_code 
_struct_site.pdbx_num_residues 
_struct_site.details 
AC1 Software ? ? ? ? 7  'BINDING SITE FOR RESIDUE ACT A1158' 
AC2 Software ? ? ? ? 18 'BINDING SITE FOR RESIDUE HEM A1157' 
# 
loop_
_struct_site_gen.id 
_struct_site_gen.site_id 
_struct_site_gen.pdbx_num_res 
_struct_site_gen.label_comp_id 
_struct_site_gen.label_asym_id 
_struct_site_gen.label_seq_id 
_struct_site_gen.pdbx_auth_ins_code 
_struct_site_gen.auth_comp_id 
_struct_site_gen.auth_asym_id 
_struct_site_gen.auth_seq_id 
_struct_site_gen.label_atom_id 
_struct_site_gen.label_alt_id 
_struct_site_gen.symmetry 
_struct_site_gen.details 
1  AC1 7  PHE A 20  ? PHE A 53   . ? 1_555 ? 
2  AC1 7  TYR A 21  ? TYR A 54   . ? 1_555 ? 
3  AC1 7  TYR A 34  ? TYR A 67   . ? 1_555 ? 
4  AC1 7  HIS A 73  ? HIS A 106  . ? 1_555 ? 
5  AC1 7  TRP A 86  ? TRP A 119  . ? 1_555 ? 
6  AC1 7  HEM B .   ? HEM A 1157 . ? 1_555 ? 
7  AC1 7  HOH D .   ? HOH A 2015 . ? 1_555 ? 
8  AC2 18 MET A 33  ? MET A 66   . ? 1_555 ? 
9  AC2 18 TYR A 34  ? TYR A 67   . ? 1_555 ? 
10 AC2 18 PRO A 35  ? PRO A 68   . ? 1_555 ? 
11 AC2 18 GLU A 36  ? GLU A 69   . ? 1_555 ? 
12 AC2 18 PHE A 49  ? PHE A 82   . ? 1_555 ? 
13 AC2 18 TYR A 60  ? TYR A 93   . ? 1_555 ? 
14 AC2 18 ARG A 64  ? ARG A 97   . ? 1_555 ? 
15 AC2 18 ARG A 72  ? ARG A 105  . ? 1_555 ? 
16 AC2 18 HIS A 73  ? HIS A 106  . ? 1_555 ? 
17 AC2 18 TYR A 76  ? TYR A 109  . ? 1_555 ? 
18 AC2 18 ILE A 78  ? ILE A 111  . ? 1_555 ? 
19 AC2 18 TRP A 86  ? TRP A 119  . ? 1_555 ? 
20 AC2 18 TYR A 110 ? TYR A 143  . ? 1_555 ? 
21 AC2 18 ALA A 114 ? ALA A 147  . ? 1_555 ? 
22 AC2 18 ALA A 115 ? ALA A 148  . ? 1_555 ? 
23 AC2 18 MET A 118 ? MET A 151  . ? 1_555 ? 
24 AC2 18 ACT C .   ? ACT A 1158 . ? 1_555 ? 
25 AC2 18 HOH D .   ? HOH A 2062 . ? 1_555 ? 
# 
_atom_sites.entry_id                    2BMM 
_atom_sites.fract_transf_matrix[1][1]   0.00295475 
_atom_sites.fract_transf_matrix[1][2]   -0.01328431 
_atom_sites.fract_transf_matrix[1][3]   0.00100740 
_atom_sites.fract_transf_matrix[2][1]   0.00891342 
_atom_sites.fract_transf_matrix[2][2]   -0.00431421 
_atom_sites.fract_transf_matrix[2][3]   0.00938893 
_atom_sites.fract_transf_matrix[3][1]   -0.00957998 
_atom_sites.fract_transf_matrix[3][2]   -0.00149316 
_atom_sites.fract_transf_matrix[3][3]   0.00840869 
_atom_sites.fract_transf_vector[1]      0.736722 
_atom_sites.fract_transf_vector[2]      0.180633 
_atom_sites.fract_transf_vector[3]      0.374812 
# 
loop_
_atom_type.symbol 
C  
FE 
N  
O  
S  
# 
loop_
_atom_site.group_PDB 
_atom_site.id 
_atom_site.type_symbol 
_atom_site.label_atom_id 
_atom_site.label_alt_id 
_atom_site.label_comp_id 
_atom_site.label_asym_id 
_atom_site.label_entity_id 
_atom_site.label_seq_id 
_atom_site.pdbx_PDB_ins_code 
_atom_site.Cartn_x 
_atom_site.Cartn_y 
_atom_site.Cartn_z 
_atom_site.occupancy 
_atom_site.B_iso_or_equiv 
_atom_site.pdbx_formal_charge 
_atom_site.auth_seq_id 
_atom_site.auth_comp_id 
_atom_site.auth_asym_id 
_atom_site.auth_atom_id 
_atom_site.pdbx_PDB_model_num 
ATOM   1    N  N   . MET A 1 1   ? -19.748 -12.827 -0.847  1.00 77.28 ? 34   MET A N   1 
ATOM   2    C  CA  . MET A 1 1   ? -18.966 -12.184 -1.940  1.00 77.24 ? 34   MET A CA  1 
ATOM   3    C  C   . MET A 1 1   ? -18.492 -10.802 -1.488  1.00 77.15 ? 34   MET A C   1 
ATOM   4    O  O   . MET A 1 1   ? -19.207 -9.810  -1.656  1.00 77.29 ? 34   MET A O   1 
ATOM   5    C  CB  . MET A 1 1   ? -19.794 -12.106 -3.234  1.00 77.21 ? 34   MET A CB  1 
ATOM   6    C  CG  . MET A 1 1   ? -19.191 -11.244 -4.364  1.00 76.77 ? 34   MET A CG  1 
ATOM   7    S  SD  . MET A 1 1   ? -17.686 -11.853 -5.161  1.00 76.61 ? 34   MET A SD  1 
ATOM   8    C  CE  . MET A 1 1   ? -18.275 -13.270 -6.097  1.00 74.71 ? 34   MET A CE  1 
ATOM   9    N  N   . THR A 1 2   ? -17.293 -10.754 -0.898  1.00 76.74 ? 35   THR A N   1 
ATOM   10   C  CA  . THR A 1 2   ? -16.684 -9.490  -0.480  1.00 76.18 ? 35   THR A CA  1 
ATOM   11   C  C   . THR A 1 2   ? -16.011 -8.719  -1.624  1.00 75.55 ? 35   THR A C   1 
ATOM   12   O  O   . THR A 1 2   ? -15.904 -9.197  -2.756  1.00 74.71 ? 35   THR A O   1 
ATOM   13   C  CB  . THR A 1 2   ? -15.663 -9.671  0.694   1.00 76.59 ? 35   THR A CB  1 
ATOM   14   O  OG1 . THR A 1 2   ? -14.572 -10.507 0.277   1.00 76.00 ? 35   THR A OG1 1 
ATOM   15   C  CG2 . THR A 1 2   ? -16.347 -10.255 1.955   1.00 76.93 ? 35   THR A CG2 1 
ATOM   16   N  N   . PHE A 1 3   ? -15.576 -7.506  -1.298  1.00 75.41 ? 36   PHE A N   1 
ATOM   17   C  CA  . PHE A 1 3   ? -14.735 -6.703  -2.177  1.00 75.21 ? 36   PHE A CA  1 
ATOM   18   C  C   . PHE A 1 3   ? -13.468 -7.481  -2.502  1.00 74.97 ? 36   PHE A C   1 
ATOM   19   O  O   . PHE A 1 3   ? -13.012 -7.502  -3.648  1.00 74.70 ? 36   PHE A O   1 
ATOM   20   C  CB  . PHE A 1 3   ? -14.366 -5.378  -1.494  1.00 75.07 ? 36   PHE A CB  1 
ATOM   21   C  CG  . PHE A 1 3   ? -13.585 -4.420  -2.378  1.00 75.80 ? 36   PHE A CG  1 
ATOM   22   C  CD1 . PHE A 1 3   ? -14.224 -3.350  -3.006  1.00 75.98 ? 36   PHE A CD1 1 
ATOM   23   C  CD2 . PHE A 1 3   ? -12.209 -4.584  -2.581  1.00 75.88 ? 36   PHE A CD2 1 
ATOM   24   C  CE1 . PHE A 1 3   ? -13.506 -2.467  -3.811  1.00 75.56 ? 36   PHE A CE1 1 
ATOM   25   C  CE2 . PHE A 1 3   ? -11.492 -3.703  -3.384  1.00 74.21 ? 36   PHE A CE2 1 
ATOM   26   C  CZ  . PHE A 1 3   ? -12.138 -2.648  -3.996  1.00 74.52 ? 36   PHE A CZ  1 
ATOM   27   N  N   . TYR A 1 4   ? -12.913 -8.113  -1.472  1.00 74.87 ? 37   TYR A N   1 
ATOM   28   C  CA  . TYR A 1 4   ? -11.695 -8.893  -1.587  1.00 74.87 ? 37   TYR A CA  1 
ATOM   29   C  C   . TYR A 1 4   ? -11.777 -9.852  -2.769  1.00 74.97 ? 37   TYR A C   1 
ATOM   30   O  O   . TYR A 1 4   ? -11.028 -9.724  -3.753  1.00 74.78 ? 37   TYR A O   1 
ATOM   31   C  CB  . TYR A 1 4   ? -11.445 -9.656  -0.285  1.00 74.94 ? 37   TYR A CB  1 
ATOM   32   C  CG  . TYR A 1 4   ? -10.210 -10.519 -0.321  1.00 74.95 ? 37   TYR A CG  1 
ATOM   33   C  CD1 . TYR A 1 4   ? -10.310 -11.887 -0.524  1.00 74.46 ? 37   TYR A CD1 1 
ATOM   34   C  CD2 . TYR A 1 4   ? -8.940  -9.962  -0.170  1.00 74.25 ? 37   TYR A CD2 1 
ATOM   35   C  CE1 . TYR A 1 4   ? -9.188  -12.680 -0.569  1.00 74.85 ? 37   TYR A CE1 1 
ATOM   36   C  CE2 . TYR A 1 4   ? -7.819  -10.746 -0.210  1.00 74.87 ? 37   TYR A CE2 1 
ATOM   37   C  CZ  . TYR A 1 4   ? -7.952  -12.109 -0.409  1.00 75.04 ? 37   TYR A CZ  1 
ATOM   38   O  OH  . TYR A 1 4   ? -6.847  -12.911 -0.437  1.00 75.63 ? 37   TYR A OH  1 
ATOM   39   N  N   . GLU A 1 5   ? -12.718 -10.789 -2.656  1.00 75.01 ? 38   GLU A N   1 
ATOM   40   C  CA  . GLU A 1 5   ? -12.998 -11.785 -3.678  1.00 74.94 ? 38   GLU A CA  1 
ATOM   41   C  C   . GLU A 1 5   ? -13.353 -11.165 -5.043  1.00 74.25 ? 38   GLU A C   1 
ATOM   42   O  O   . GLU A 1 5   ? -12.969 -11.685 -6.089  1.00 74.32 ? 38   GLU A O   1 
ATOM   43   C  CB  . GLU A 1 5   ? -14.118 -12.702 -3.188  1.00 75.29 ? 38   GLU A CB  1 
ATOM   44   C  CG  . GLU A 1 5   ? -14.151 -14.054 -3.893  1.00 77.50 ? 38   GLU A CG  1 
ATOM   45   C  CD  . GLU A 1 5   ? -15.502 -14.744 -3.774  1.00 80.34 ? 38   GLU A CD  1 
ATOM   46   O  OE1 . GLU A 1 5   ? -16.151 -14.606 -2.701  1.00 81.91 ? 38   GLU A OE1 1 
ATOM   47   O  OE2 . GLU A 1 5   ? -15.905 -15.424 -4.752  1.00 79.70 ? 38   GLU A OE2 1 
ATOM   48   N  N   . ALA A 1 6   ? -14.067 -10.044 -5.026  1.00 73.48 ? 39   ALA A N   1 
ATOM   49   C  CA  . ALA A 1 6   ? -14.554 -9.440  -6.262  1.00 72.69 ? 39   ALA A CA  1 
ATOM   50   C  C   . ALA A 1 6   ? -13.438 -8.871  -7.139  1.00 72.34 ? 39   ALA A C   1 
ATOM   51   O  O   . ALA A 1 6   ? -13.458 -9.053  -8.355  1.00 72.14 ? 39   ALA A O   1 
ATOM   52   C  CB  . ALA A 1 6   ? -15.588 -8.380  -5.953  1.00 72.58 ? 39   ALA A CB  1 
ATOM   53   N  N   . VAL A 1 7   ? -12.468 -8.187  -6.525  1.00 72.10 ? 40   VAL A N   1 
ATOM   54   C  CA  . VAL A 1 7   ? -11.346 -7.577  -7.270  1.00 71.57 ? 40   VAL A CA  1 
ATOM   55   C  C   . VAL A 1 7   ? -10.330 -8.588  -7.806  1.00 71.32 ? 40   VAL A C   1 
ATOM   56   O  O   . VAL A 1 7   ? -9.562  -8.279  -8.720  1.00 71.48 ? 40   VAL A O   1 
ATOM   57   C  CB  . VAL A 1 7   ? -10.620 -6.460  -6.475  1.00 71.48 ? 40   VAL A CB  1 
ATOM   58   C  CG1 . VAL A 1 7   ? -11.546 -5.278  -6.289  1.00 70.75 ? 40   VAL A CG1 1 
ATOM   59   C  CG2 . VAL A 1 7   ? -10.085 -6.981  -5.137  1.00 71.41 ? 40   VAL A CG2 1 
ATOM   60   N  N   . GLY A 1 8   ? -10.327 -9.788  -7.233  1.00 70.93 ? 41   GLY A N   1 
ATOM   61   C  CA  . GLY A 1 8   ? -9.526  -10.881 -7.759  1.00 70.43 ? 41   GLY A CA  1 
ATOM   62   C  C   . GLY A 1 8   ? -8.847  -11.674 -6.670  1.00 70.16 ? 41   GLY A C   1 
ATOM   63   O  O   . GLY A 1 8   ? -8.061  -12.567 -6.964  1.00 70.40 ? 41   GLY A O   1 
ATOM   64   N  N   . GLY A 1 9   ? -9.150  -11.344 -5.416  1.00 69.70 ? 42   GLY A N   1 
ATOM   65   C  CA  . GLY A 1 9   ? -8.572  -12.015 -4.258  1.00 68.84 ? 42   GLY A CA  1 
ATOM   66   C  C   . GLY A 1 9   ? -7.084  -11.765 -4.068  1.00 68.53 ? 42   GLY A C   1 
ATOM   67   O  O   . GLY A 1 9   ? -6.531  -10.768 -4.547  1.00 68.36 ? 42   GLY A O   1 
ATOM   68   N  N   . GLU A 1 10  ? -6.449  -12.699 -3.373  1.00 68.03 ? 43   GLU A N   1 
ATOM   69   C  CA  . GLU A 1 10  ? -5.016  -12.671 -3.065  1.00 68.08 ? 43   GLU A CA  1 
ATOM   70   C  C   . GLU A 1 10  ? -4.031  -12.261 -4.175  1.00 67.51 ? 43   GLU A C   1 
ATOM   71   O  O   . GLU A 1 10  ? -3.065  -11.531 -3.923  1.00 67.42 ? 43   GLU A O   1 
ATOM   72   C  CB  . GLU A 1 10  ? -4.607  -14.047 -2.559  1.00 68.37 ? 43   GLU A CB  1 
ATOM   73   C  CG  . GLU A 1 10  ? -3.649  -14.011 -1.390  1.00 69.34 ? 43   GLU A CG  1 
ATOM   74   C  CD  . GLU A 1 10  ? -2.798  -15.247 -1.331  1.00 70.39 ? 43   GLU A CD  1 
ATOM   75   O  OE1 . GLU A 1 10  ? -2.332  -15.603 -0.227  1.00 71.20 ? 43   GLU A OE1 1 
ATOM   76   O  OE2 . GLU A 1 10  ? -2.601  -15.852 -2.405  1.00 70.03 ? 43   GLU A OE2 1 
ATOM   77   N  N   . GLU A 1 11  ? -4.261  -12.747 -5.385  1.00 66.85 ? 44   GLU A N   1 
ATOM   78   C  CA  . GLU A 1 11  ? -3.315  -12.540 -6.479  1.00 66.69 ? 44   GLU A CA  1 
ATOM   79   C  C   . GLU A 1 11  ? -3.403  -11.125 -7.033  1.00 65.84 ? 44   GLU A C   1 
ATOM   80   O  O   . GLU A 1 11  ? -2.527  -10.686 -7.792  1.00 66.26 ? 44   GLU A O   1 
ATOM   81   C  CB  . GLU A 1 11  ? -3.579  -13.551 -7.594  1.00 67.05 ? 44   GLU A CB  1 
ATOM   82   C  CG  . GLU A 1 11  ? -4.611  -14.585 -7.194  1.00 69.41 ? 44   GLU A CG  1 
ATOM   83   C  CD  . GLU A 1 11  ? -4.257  -15.997 -7.641  1.00 73.15 ? 44   GLU A CD  1 
ATOM   84   O  OE1 . GLU A 1 11  ? -4.110  -16.874 -6.743  1.00 72.63 ? 44   GLU A OE1 1 
ATOM   85   O  OE2 . GLU A 1 11  ? -4.131  -16.220 -8.881  1.00 73.39 ? 44   GLU A OE2 1 
ATOM   86   N  N   . THR A 1 12  ? -4.478  -10.422 -6.677  1.00 64.52 ? 45   THR A N   1 
ATOM   87   C  CA  . THR A 1 12  ? -4.651  -9.025  -7.068  1.00 62.73 ? 45   THR A CA  1 
ATOM   88   C  C   . THR A 1 12  ? -3.755  -8.132  -6.216  1.00 61.87 ? 45   THR A C   1 
ATOM   89   O  O   . THR A 1 12  ? -3.120  -7.196  -6.705  1.00 61.23 ? 45   THR A O   1 
ATOM   90   C  CB  . THR A 1 12  ? -6.095  -8.624  -6.924  1.00 62.48 ? 45   THR A CB  1 
ATOM   91   O  OG1 . THR A 1 12  ? -6.860  -9.405  -7.839  1.00 62.42 ? 45   THR A OG1 1 
ATOM   92   C  CG2 . THR A 1 12  ? -6.287  -7.162  -7.240  1.00 61.91 ? 45   THR A CG2 1 
ATOM   93   N  N   . PHE A 1 13  ? -3.688  -8.462  -4.936  1.00 60.93 ? 46   PHE A N   1 
ATOM   94   C  CA  . PHE A 1 13  ? -2.902  -7.685  -3.997  1.00 60.16 ? 46   PHE A CA  1 
ATOM   95   C  C   . PHE A 1 13  ? -1.427  -7.960  -4.184  1.00 60.22 ? 46   PHE A C   1 
ATOM   96   O  O   . PHE A 1 13  ? -0.622  -7.017  -4.268  1.00 59.84 ? 46   PHE A O   1 
ATOM   97   C  CB  . PHE A 1 13  ? -3.418  -7.913  -2.571  1.00 59.26 ? 46   PHE A CB  1 
ATOM   98   C  CG  . PHE A 1 13  ? -4.837  -7.457  -2.405  1.00 57.29 ? 46   PHE A CG  1 
ATOM   99   C  CD1 . PHE A 1 13  ? -5.894  -8.361  -2.526  1.00 55.07 ? 46   PHE A CD1 1 
ATOM   100  C  CD2 . PHE A 1 13  ? -5.124  -6.101  -2.231  1.00 53.19 ? 46   PHE A CD2 1 
ATOM   101  C  CE1 . PHE A 1 13  ? -7.217  -7.924  -2.422  1.00 54.40 ? 46   PHE A CE1 1 
ATOM   102  C  CE2 . PHE A 1 13  ? -6.437  -5.661  -2.123  1.00 53.06 ? 46   PHE A CE2 1 
ATOM   103  C  CZ  . PHE A 1 13  ? -7.489  -6.570  -2.214  1.00 54.09 ? 46   PHE A CZ  1 
ATOM   104  N  N   . THR A 1 14  ? -1.092  -9.249  -4.303  1.00 60.52 ? 47   THR A N   1 
ATOM   105  C  CA  . THR A 1 14  ? 0.240   -9.667  -4.725  1.00 60.12 ? 47   THR A CA  1 
ATOM   106  C  C   . THR A 1 14  ? 0.640   -8.831  -5.938  1.00 60.02 ? 47   THR A C   1 
ATOM   107  O  O   . THR A 1 14  ? 1.646   -8.140  -5.893  1.00 60.18 ? 47   THR A O   1 
ATOM   108  C  CB  . THR A 1 14  ? 0.309   -11.184 -4.993  1.00 60.69 ? 47   THR A CB  1 
ATOM   109  O  OG1 . THR A 1 14  ? 0.058   -11.912 -3.766  1.00 60.25 ? 47   THR A OG1 1 
ATOM   110  C  CG2 . THR A 1 14  ? 1.677   -11.555 -5.540  1.00 60.48 ? 47   THR A CG2 1 
ATOM   111  N  N   . ARG A 1 15  ? -0.183  -8.825  -6.980  1.00 59.55 ? 48   ARG A N   1 
ATOM   112  C  CA  . ARG A 1 15  ? 0.078   -7.980  -8.144  1.00 60.13 ? 48   ARG A CA  1 
ATOM   113  C  C   . ARG A 1 15  ? 0.256   -6.494  -7.781  1.00 59.31 ? 48   ARG A C   1 
ATOM   114  O  O   . ARG A 1 15  ? 1.130   -5.795  -8.318  1.00 59.55 ? 48   ARG A O   1 
ATOM   115  C  CB  . ARG A 1 15  ? -1.061  -8.101  -9.167  1.00 60.52 ? 48   ARG A CB  1 
ATOM   116  C  CG  . ARG A 1 15  ? -0.992  -9.216  -10.236 1.00 61.58 ? 48   ARG A CG  1 
ATOM   117  C  CD  . ARG A 1 15  ? -1.810  -8.780  -11.507 1.00 62.02 ? 48   ARG A CD  1 
ATOM   118  N  NE  . ARG A 1 15  ? -0.997  -8.232  -12.612 1.00 66.24 ? 48   ARG A NE  1 
ATOM   119  C  CZ  . ARG A 1 15  ? -0.241  -7.123  -12.568 1.00 68.13 ? 48   ARG A CZ  1 
ATOM   120  N  NH1 . ARG A 1 15  ? -0.162  -6.401  -11.458 1.00 68.75 ? 48   ARG A NH1 1 
ATOM   121  N  NH2 . ARG A 1 15  ? 0.457   -6.731  -13.641 1.00 67.97 ? 48   ARG A NH2 1 
ATOM   122  N  N   . LEU A 1 16  ? -0.590  -6.006  -6.884  1.00 58.43 ? 49   LEU A N   1 
ATOM   123  C  CA  . LEU A 1 16  ? -0.576  -4.589  -6.508  1.00 57.38 ? 49   LEU A CA  1 
ATOM   124  C  C   . LEU A 1 16  ? 0.644   -4.209  -5.628  1.00 57.22 ? 49   LEU A C   1 
ATOM   125  O  O   . LEU A 1 16  ? 1.376   -3.271  -5.957  1.00 57.01 ? 49   LEU A O   1 
ATOM   126  C  CB  . LEU A 1 16  ? -1.894  -4.235  -5.816  1.00 57.13 ? 49   LEU A CB  1 
ATOM   127  C  CG  . LEU A 1 16  ? -2.093  -2.845  -5.244  1.00 55.24 ? 49   LEU A CG  1 
ATOM   128  C  CD1 . LEU A 1 16  ? -2.556  -1.953  -6.349  1.00 55.22 ? 49   LEU A CD1 1 
ATOM   129  C  CD2 . LEU A 1 16  ? -3.120  -2.943  -4.177  1.00 53.24 ? 49   LEU A CD2 1 
ATOM   130  N  N   . ALA A 1 17  ? 0.857   -4.926  -4.524  1.00 56.86 ? 50   ALA A N   1 
ATOM   131  C  CA  . ALA A 1 17  ? 2.084   -4.782  -3.720  1.00 57.50 ? 50   ALA A CA  1 
ATOM   132  C  C   . ALA A 1 17  ? 3.374   -4.931  -4.560  1.00 57.92 ? 50   ALA A C   1 
ATOM   133  O  O   . ALA A 1 17  ? 4.344   -4.192  -4.370  1.00 58.21 ? 50   ALA A O   1 
ATOM   134  C  CB  . ALA A 1 17  ? 2.082   -5.782  -2.552  1.00 57.17 ? 50   ALA A CB  1 
ATOM   135  N  N   . ARG A 1 18  ? 3.365   -5.881  -5.491  1.00 58.18 ? 51   ARG A N   1 
ATOM   136  C  CA  . ARG A 1 18  ? 4.517   -6.169  -6.320  1.00 58.53 ? 51   ARG A CA  1 
ATOM   137  C  C   . ARG A 1 18  ? 4.772   -5.018  -7.261  1.00 57.80 ? 51   ARG A C   1 
ATOM   138  O  O   . ARG A 1 18  ? 5.893   -4.531  -7.360  1.00 57.91 ? 51   ARG A O   1 
ATOM   139  C  CB  . ARG A 1 18  ? 4.297   -7.474  -7.094  1.00 59.44 ? 51   ARG A CB  1 
ATOM   140  C  CG  . ARG A 1 18  ? 5.495   -7.948  -7.888  1.00 61.65 ? 51   ARG A CG  1 
ATOM   141  C  CD  . ARG A 1 18  ? 5.661   -9.450  -7.782  1.00 66.24 ? 51   ARG A CD  1 
ATOM   142  N  NE  . ARG A 1 18  ? 6.538   -9.982  -8.832  1.00 72.58 ? 51   ARG A NE  1 
ATOM   143  C  CZ  . ARG A 1 18  ? 7.877   -9.838  -8.910  1.00 75.62 ? 51   ARG A CZ  1 
ATOM   144  N  NH1 . ARG A 1 18  ? 8.580   -9.138  -7.999  1.00 75.42 ? 51   ARG A NH1 1 
ATOM   145  N  NH2 . ARG A 1 18  ? 8.531   -10.396 -9.937  1.00 75.12 ? 51   ARG A NH2 1 
ATOM   146  N  N   . ARG A 1 19  ? 3.728   -4.548  -7.932  1.00 56.88 ? 52   ARG A N   1 
ATOM   147  C  CA  . ARG A 1 19  ? 3.919   -3.485  -8.908  1.00 55.75 ? 52   ARG A CA  1 
ATOM   148  C  C   . ARG A 1 19  ? 4.201   -2.146  -8.255  1.00 54.36 ? 52   ARG A C   1 
ATOM   149  O  O   . ARG A 1 19  ? 4.885   -1.284  -8.817  1.00 54.97 ? 52   ARG A O   1 
ATOM   150  C  CB  . ARG A 1 19  ? 2.733   -3.433  -9.858  1.00 56.80 ? 52   ARG A CB  1 
ATOM   151  C  CG  . ARG A 1 19  ? 2.407   -4.810  -10.488 1.00 58.62 ? 52   ARG A CG  1 
ATOM   152  C  CD  . ARG A 1 19  ? 3.590   -5.455  -11.314 1.00 62.31 ? 52   ARG A CD  1 
ATOM   153  N  NE  . ARG A 1 19  ? 3.276   -6.830  -11.750 1.00 64.33 ? 52   ARG A NE  1 
ATOM   154  C  CZ  . ARG A 1 19  ? 3.976   -7.935  -11.444 1.00 65.95 ? 52   ARG A CZ  1 
ATOM   155  N  NH1 . ARG A 1 19  ? 5.094   -7.849  -10.729 1.00 67.09 ? 52   ARG A NH1 1 
ATOM   156  N  NH2 . ARG A 1 19  ? 3.565   -9.135  -11.877 1.00 65.30 ? 52   ARG A NH2 1 
ATOM   157  N  N   . PHE A 1 20  ? 3.664   -1.969  -7.055  1.00 52.90 ? 53   PHE A N   1 
ATOM   158  C  CA  . PHE A 1 20  ? 3.879   -0.751  -6.283  1.00 50.78 ? 53   PHE A CA  1 
ATOM   159  C  C   . PHE A 1 20  ? 5.332   -0.703  -5.824  1.00 50.56 ? 53   PHE A C   1 
ATOM   160  O  O   . PHE A 1 20  ? 5.991   0.342   -5.923  1.00 50.19 ? 53   PHE A O   1 
ATOM   161  C  CB  . PHE A 1 20  ? 2.895   -0.668  -5.086  1.00 49.61 ? 53   PHE A CB  1 
ATOM   162  C  CG  . PHE A 1 20  ? 3.293   0.350   -4.032  1.00 47.04 ? 53   PHE A CG  1 
ATOM   163  C  CD1 . PHE A 1 20  ? 3.828   -0.066  -2.813  1.00 44.76 ? 53   PHE A CD1 1 
ATOM   164  C  CD2 . PHE A 1 20  ? 3.154   1.708   -4.266  1.00 44.49 ? 53   PHE A CD2 1 
ATOM   165  C  CE1 . PHE A 1 20  ? 4.214   0.860   -1.842  1.00 44.54 ? 53   PHE A CE1 1 
ATOM   166  C  CE2 . PHE A 1 20  ? 3.537   2.643   -3.301  1.00 45.01 ? 53   PHE A CE2 1 
ATOM   167  C  CZ  . PHE A 1 20  ? 4.067   2.212   -2.089  1.00 45.39 ? 53   PHE A CZ  1 
ATOM   168  N  N   . TYR A 1 21  ? 5.817   -1.835  -5.308  1.00 50.43 ? 54   TYR A N   1 
ATOM   169  C  CA  . TYR A 1 21  ? 7.182   -1.918  -4.798  1.00 50.65 ? 54   TYR A CA  1 
ATOM   170  C  C   . TYR A 1 21  ? 8.297   -1.830  -5.841  1.00 50.59 ? 54   TYR A C   1 
ATOM   171  O  O   . TYR A 1 21  ? 9.369   -1.301  -5.549  1.00 50.80 ? 54   TYR A O   1 
ATOM   172  C  CB  . TYR A 1 21  ? 7.350   -3.108  -3.867  1.00 51.21 ? 54   TYR A CB  1 
ATOM   173  C  CG  . TYR A 1 21  ? 7.298   -2.662  -2.431  1.00 51.60 ? 54   TYR A CG  1 
ATOM   174  C  CD1 . TYR A 1 21  ? 6.098   -2.680  -1.716  1.00 53.18 ? 54   TYR A CD1 1 
ATOM   175  C  CD2 . TYR A 1 21  ? 8.437   -2.159  -1.807  1.00 50.31 ? 54   TYR A CD2 1 
ATOM   176  C  CE1 . TYR A 1 21  ? 6.044   -2.242  -0.402  1.00 52.33 ? 54   TYR A CE1 1 
ATOM   177  C  CE2 . TYR A 1 21  ? 8.399   -1.718  -0.512  1.00 51.27 ? 54   TYR A CE2 1 
ATOM   178  C  CZ  . TYR A 1 21  ? 7.206   -1.760  0.195   1.00 52.24 ? 54   TYR A CZ  1 
ATOM   179  O  OH  . TYR A 1 21  ? 7.188   -1.330  1.508   1.00 52.47 ? 54   TYR A OH  1 
ATOM   180  N  N   . GLU A 1 22  ? 8.040   -2.277  -7.063  1.00 50.32 ? 55   GLU A N   1 
ATOM   181  C  CA  . GLU A 1 22  ? 8.973   -1.965  -8.134  1.00 50.73 ? 55   GLU A CA  1 
ATOM   182  C  C   . GLU A 1 22  ? 9.036   -0.478  -8.416  1.00 50.94 ? 55   GLU A C   1 
ATOM   183  O  O   . GLU A 1 22  ? 10.092  0.053   -8.743  1.00 51.76 ? 55   GLU A O   1 
ATOM   184  C  CB  . GLU A 1 22  ? 8.638   -2.708  -9.407  1.00 51.19 ? 55   GLU A CB  1 
ATOM   185  C  CG  . GLU A 1 22  ? 8.554   -4.216  -9.262  1.00 50.18 ? 55   GLU A CG  1 
ATOM   186  C  CD  . GLU A 1 22  ? 7.542   -4.727  -10.247 1.00 52.71 ? 55   GLU A CD  1 
ATOM   187  O  OE1 . GLU A 1 22  ? 7.022   -5.857  -10.093 1.00 52.79 ? 55   GLU A OE1 1 
ATOM   188  O  OE2 . GLU A 1 22  ? 7.239   -3.944  -11.179 1.00 54.29 ? 55   GLU A OE2 1 
ATOM   189  N  N   . GLY A 1 23  ? 7.916   0.207   -8.276  1.00 51.23 ? 56   GLY A N   1 
ATOM   190  C  CA  . GLY A 1 23  ? 7.902   1.645   -8.457  1.00 51.48 ? 56   GLY A CA  1 
ATOM   191  C  C   . GLY A 1 23  ? 8.599   2.311   -7.291  1.00 52.28 ? 56   GLY A C   1 
ATOM   192  O  O   . GLY A 1 23  ? 9.342   3.285   -7.476  1.00 53.06 ? 56   GLY A O   1 
ATOM   193  N  N   . VAL A 1 24  ? 8.372   1.790   -6.085  1.00 52.35 ? 57   VAL A N   1 
ATOM   194  C  CA  . VAL A 1 24  ? 9.004   2.353   -4.881  1.00 52.05 ? 57   VAL A CA  1 
ATOM   195  C  C   . VAL A 1 24  ? 10.512  2.147   -4.927  1.00 52.35 ? 57   VAL A C   1 
ATOM   196  O  O   . VAL A 1 24  ? 11.282  3.116   -4.804  1.00 52.32 ? 57   VAL A O   1 
ATOM   197  C  CB  . VAL A 1 24  ? 8.417   1.765   -3.590  1.00 51.69 ? 57   VAL A CB  1 
ATOM   198  C  CG1 . VAL A 1 24  ? 9.397   1.925   -2.433  1.00 50.77 ? 57   VAL A CG1 1 
ATOM   199  C  CG2 . VAL A 1 24  ? 7.101   2.430   -3.285  1.00 50.18 ? 57   VAL A CG2 1 
ATOM   200  N  N   . ALA A 1 25  ? 10.907  0.890   -5.142  1.00 52.53 ? 58   ALA A N   1 
ATOM   201  C  CA  . ALA A 1 25  ? 12.310  0.482   -5.311  1.00 52.56 ? 58   ALA A CA  1 
ATOM   202  C  C   . ALA A 1 25  ? 13.120  1.382   -6.249  1.00 52.32 ? 58   ALA A C   1 
ATOM   203  O  O   . ALA A 1 25  ? 14.243  1.738   -5.926  1.00 52.51 ? 58   ALA A O   1 
ATOM   204  C  CB  . ALA A 1 25  ? 12.384  -0.981  -5.759  1.00 52.64 ? 58   ALA A CB  1 
ATOM   205  N  N   . ALA A 1 26  ? 12.543  1.780   -7.382  1.00 52.62 ? 59   ALA A N   1 
ATOM   206  C  CA  . ALA A 1 26  ? 13.246  2.637   -8.355  1.00 52.96 ? 59   ALA A CA  1 
ATOM   207  C  C   . ALA A 1 26  ? 12.972  4.143   -8.195  1.00 53.51 ? 59   ALA A C   1 
ATOM   208  O  O   . ALA A 1 26  ? 13.038  4.898   -9.190  1.00 54.21 ? 59   ALA A O   1 
ATOM   209  C  CB  . ALA A 1 26  ? 12.927  2.184   -9.802  1.00 52.36 ? 59   ALA A CB  1 
ATOM   210  N  N   . ASP A 1 27  ? 12.649  4.578   -6.972  1.00 53.48 ? 60   ASP A N   1 
ATOM   211  C  CA  . ASP A 1 27  ? 12.373  5.990   -6.691  1.00 53.76 ? 60   ASP A CA  1 
ATOM   212  C  C   . ASP A 1 27  ? 13.530  6.579   -5.883  1.00 54.39 ? 60   ASP A C   1 
ATOM   213  O  O   . ASP A 1 27  ? 13.769  6.152   -4.761  1.00 54.16 ? 60   ASP A O   1 
ATOM   214  C  CB  . ASP A 1 27  ? 11.064  6.138   -5.910  1.00 53.51 ? 60   ASP A CB  1 
ATOM   215  C  CG  . ASP A 1 27  ? 10.602  7.598   -5.767  1.00 54.00 ? 60   ASP A CG  1 
ATOM   216  O  OD1 . ASP A 1 27  ? 11.384  8.506   -5.351  1.00 52.74 ? 60   ASP A OD1 1 
ATOM   217  O  OD2 . ASP A 1 27  ? 9.412   7.835   -6.075  1.00 54.10 ? 60   ASP A OD2 1 
ATOM   218  N  N   . PRO A 1 28  ? 14.254  7.552   -6.462  1.00 55.01 ? 61   PRO A N   1 
ATOM   219  C  CA  . PRO A 1 28  ? 15.365  8.287   -5.854  1.00 55.63 ? 61   PRO A CA  1 
ATOM   220  C  C   . PRO A 1 28  ? 15.071  8.807   -4.451  1.00 56.04 ? 61   PRO A C   1 
ATOM   221  O  O   . PRO A 1 28  ? 15.946  8.744   -3.576  1.00 56.18 ? 61   PRO A O   1 
ATOM   222  C  CB  . PRO A 1 28  ? 15.569  9.481   -6.799  1.00 56.03 ? 61   PRO A CB  1 
ATOM   223  C  CG  . PRO A 1 28  ? 14.427  9.413   -7.814  1.00 56.25 ? 61   PRO A CG  1 
ATOM   224  C  CD  . PRO A 1 28  ? 14.013  7.984   -7.848  1.00 55.54 ? 61   PRO A CD  1 
ATOM   225  N  N   . VAL A 1 29  ? 13.859  9.310   -4.225  1.00 56.40 ? 62   VAL A N   1 
ATOM   226  C  CA  . VAL A 1 29  ? 13.497  9.774   -2.887  1.00 56.54 ? 62   VAL A CA  1 
ATOM   227  C  C   . VAL A 1 29  ? 12.893  8.701   -1.972  1.00 56.61 ? 62   VAL A C   1 
ATOM   228  O  O   . VAL A 1 29  ? 13.365  8.540   -0.846  1.00 56.83 ? 62   VAL A O   1 
ATOM   229  C  CB  . VAL A 1 29  ? 12.685  11.079  -2.910  1.00 56.81 ? 62   VAL A CB  1 
ATOM   230  C  CG1 . VAL A 1 29  ? 11.748  11.209  -1.693  1.00 55.90 ? 62   VAL A CG1 1 
ATOM   231  C  CG2 . VAL A 1 29  ? 13.649  12.217  -2.938  1.00 57.61 ? 62   VAL A CG2 1 
ATOM   232  N  N   . LEU A 1 30  ? 11.884  7.967   -2.431  1.00 55.91 ? 63   LEU A N   1 
ATOM   233  C  CA  . LEU A 1 30  ? 11.273  6.965   -1.565  1.00 55.82 ? 63   LEU A CA  1 
ATOM   234  C  C   . LEU A 1 30  ? 12.180  5.813   -1.150  1.00 56.65 ? 63   LEU A C   1 
ATOM   235  O  O   . LEU A 1 30  ? 12.187  5.436   0.022   1.00 56.39 ? 63   LEU A O   1 
ATOM   236  C  CB  . LEU A 1 30  ? 9.991   6.430   -2.179  1.00 55.51 ? 63   LEU A CB  1 
ATOM   237  C  CG  . LEU A 1 30  ? 8.852   7.451   -2.297  1.00 55.33 ? 63   LEU A CG  1 
ATOM   238  C  CD1 . LEU A 1 30  ? 7.651   6.693   -2.782  1.00 54.92 ? 63   LEU A CD1 1 
ATOM   239  C  CD2 . LEU A 1 30  ? 8.544   8.179   -0.966  1.00 52.06 ? 63   LEU A CD2 1 
ATOM   240  N  N   . ARG A 1 31  ? 12.956  5.278   -2.093  1.00 57.83 ? 64   ARG A N   1 
ATOM   241  C  CA  . ARG A 1 31  ? 13.822  4.106   -1.863  1.00 59.23 ? 64   ARG A CA  1 
ATOM   242  C  C   . ARG A 1 31  ? 14.736  4.171   -0.617  1.00 59.98 ? 64   ARG A C   1 
ATOM   243  O  O   . ARG A 1 31  ? 14.737  3.226   0.191   1.00 60.01 ? 64   ARG A O   1 
ATOM   244  C  CB  . ARG A 1 31  ? 14.613  3.752   -3.145  1.00 59.35 ? 64   ARG A CB  1 
ATOM   245  C  CG  . ARG A 1 31  ? 15.777  2.755   -3.000  1.00 60.39 ? 64   ARG A CG  1 
ATOM   246  C  CD  . ARG A 1 31  ? 15.301  1.297   -2.862  1.00 61.44 ? 64   ARG A CD  1 
ATOM   247  N  NE  . ARG A 1 31  ? 15.214  0.897   -1.463  1.00 64.73 ? 64   ARG A NE  1 
ATOM   248  C  CZ  . ARG A 1 31  ? 15.519  -0.314  -0.996  1.00 66.28 ? 64   ARG A CZ  1 
ATOM   249  N  NH1 . ARG A 1 31  ? 15.421  -0.560  0.302   1.00 66.24 ? 64   ARG A NH1 1 
ATOM   250  N  NH2 . ARG A 1 31  ? 15.937  -1.279  -1.814  1.00 66.81 ? 64   ARG A NH2 1 
ATOM   251  N  N   . PRO A 1 32  ? 15.523  5.263   -0.459  1.00 60.93 ? 65   PRO A N   1 
ATOM   252  C  CA  . PRO A 1 32  ? 16.386  5.372   0.741   1.00 61.65 ? 65   PRO A CA  1 
ATOM   253  C  C   . PRO A 1 32  ? 15.615  5.541   2.057   1.00 62.44 ? 65   PRO A C   1 
ATOM   254  O  O   . PRO A 1 32  ? 16.219  5.532   3.138   1.00 62.26 ? 65   PRO A O   1 
ATOM   255  C  CB  . PRO A 1 32  ? 17.222  6.621   0.456   1.00 61.81 ? 65   PRO A CB  1 
ATOM   256  C  CG  . PRO A 1 32  ? 16.379  7.435   -0.515  1.00 61.92 ? 65   PRO A CG  1 
ATOM   257  C  CD  . PRO A 1 32  ? 15.691  6.418   -1.366  1.00 60.90 ? 65   PRO A CD  1 
ATOM   258  N  N   . MET A 1 33  ? 14.294  5.699   1.945   1.00 63.35 ? 66   MET A N   1 
ATOM   259  C  CA  . MET A 1 33  ? 13.384  5.796   3.088   1.00 64.38 ? 66   MET A CA  1 
ATOM   260  C  C   . MET A 1 33  ? 12.903  4.440   3.573   1.00 64.57 ? 66   MET A C   1 
ATOM   261  O  O   . MET A 1 33  ? 12.536  4.289   4.726   1.00 65.00 ? 66   MET A O   1 
ATOM   262  C  CB  . MET A 1 33  ? 12.185  6.642   2.724   1.00 63.89 ? 66   MET A CB  1 
ATOM   263  C  CG  . MET A 1 33  ? 12.571  8.029   2.319   1.00 64.67 ? 66   MET A CG  1 
ATOM   264  S  SD  . MET A 1 33  ? 11.229  9.184   2.608   1.00 66.20 ? 66   MET A SD  1 
ATOM   265  C  CE  . MET A 1 33  ? 10.632  8.645   4.223   1.00 64.13 ? 66   MET A CE  1 
ATOM   266  N  N   . TYR A 1 34  ? 12.887  3.452   2.693   1.00 65.22 ? 67   TYR A N   1 
ATOM   267  C  CA  . TYR A 1 34  ? 12.644  2.095   3.129   1.00 66.25 ? 67   TYR A CA  1 
ATOM   268  C  C   . TYR A 1 34  ? 14.013  1.572   3.557   1.00 68.05 ? 67   TYR A C   1 
ATOM   269  O  O   . TYR A 1 34  ? 14.871  1.299   2.711   1.00 67.68 ? 67   TYR A O   1 
ATOM   270  C  CB  . TYR A 1 34  ? 11.998  1.267   2.015   1.00 65.21 ? 67   TYR A CB  1 
ATOM   271  C  CG  . TYR A 1 34  ? 10.630  1.790   1.653   1.00 63.31 ? 67   TYR A CG  1 
ATOM   272  C  CD1 . TYR A 1 34  ? 10.490  3.036   1.047   1.00 61.64 ? 67   TYR A CD1 1 
ATOM   273  C  CD2 . TYR A 1 34  ? 9.486   1.056   1.924   1.00 61.83 ? 67   TYR A CD2 1 
ATOM   274  C  CE1 . TYR A 1 34  ? 9.267   3.546   0.732   1.00 61.43 ? 67   TYR A CE1 1 
ATOM   275  C  CE2 . TYR A 1 34  ? 8.235   1.559   1.606   1.00 62.21 ? 67   TYR A CE2 1 
ATOM   276  C  CZ  . TYR A 1 34  ? 8.140   2.806   1.004   1.00 62.74 ? 67   TYR A CZ  1 
ATOM   277  O  OH  . TYR A 1 34  ? 6.926   3.336   0.663   1.00 62.45 ? 67   TYR A OH  1 
ATOM   278  N  N   . PRO A 1 35  ? 14.230  1.468   4.885   1.00 69.85 ? 68   PRO A N   1 
ATOM   279  C  CA  . PRO A 1 35  ? 15.589  1.298   5.411   1.00 71.13 ? 68   PRO A CA  1 
ATOM   280  C  C   . PRO A 1 35  ? 16.082  -0.154  5.342   1.00 72.08 ? 68   PRO A C   1 
ATOM   281  O  O   . PRO A 1 35  ? 17.073  -0.512  5.999   1.00 72.73 ? 68   PRO A O   1 
ATOM   282  C  CB  . PRO A 1 35  ? 15.478  1.787   6.873   1.00 71.01 ? 68   PRO A CB  1 
ATOM   283  C  CG  . PRO A 1 35  ? 14.000  2.025   7.116   1.00 70.61 ? 68   PRO A CG  1 
ATOM   284  C  CD  . PRO A 1 35  ? 13.232  1.468   5.970   1.00 70.01 ? 68   PRO A CD  1 
ATOM   285  N  N   . GLU A 1 36  ? 15.404  -0.981  4.557   1.00 72.58 ? 69   GLU A N   1 
ATOM   286  C  CA  . GLU A 1 36  ? 15.847  -2.343  4.413   1.00 73.45 ? 69   GLU A CA  1 
ATOM   287  C  C   . GLU A 1 36  ? 16.716  -2.474  3.157   1.00 73.00 ? 69   GLU A C   1 
ATOM   288  O  O   . GLU A 1 36  ? 16.417  -1.898  2.113   1.00 72.89 ? 69   GLU A O   1 
ATOM   289  C  CB  . GLU A 1 36  ? 14.642  -3.297  4.421   1.00 73.40 ? 69   GLU A CB  1 
ATOM   290  C  CG  . GLU A 1 36  ? 13.867  -3.322  5.767   1.00 74.49 ? 69   GLU A CG  1 
ATOM   291  C  CD  . GLU A 1 36  ? 12.673  -4.316  5.784   1.00 75.66 ? 69   GLU A CD  1 
ATOM   292  O  OE1 . GLU A 1 36  ? 12.193  -4.731  4.691   1.00 78.60 ? 69   GLU A OE1 1 
ATOM   293  O  OE2 . GLU A 1 36  ? 12.201  -4.675  6.898   1.00 76.76 ? 69   GLU A OE2 1 
ATOM   294  N  N   . GLU A 1 37  ? 17.821  -3.200  3.277   1.00 72.98 ? 70   GLU A N   1 
ATOM   295  C  CA  . GLU A 1 37  ? 18.553  -3.659  2.094   1.00 72.73 ? 70   GLU A CA  1 
ATOM   296  C  C   . GLU A 1 37  ? 17.620  -4.520  1.192   1.00 72.41 ? 70   GLU A C   1 
ATOM   297  O  O   . GLU A 1 37  ? 17.480  -4.251  0.002   1.00 72.57 ? 70   GLU A O   1 
ATOM   298  C  CB  . GLU A 1 37  ? 19.815  -4.425  2.524   1.00 72.75 ? 70   GLU A CB  1 
ATOM   299  C  CG  . GLU A 1 37  ? 20.728  -4.901  1.382   1.00 73.44 ? 70   GLU A CG  1 
ATOM   300  C  CD  . GLU A 1 37  ? 21.419  -3.749  0.645   1.00 75.07 ? 70   GLU A CD  1 
ATOM   301  O  OE1 . GLU A 1 37  ? 22.037  -2.881  1.314   1.00 74.10 ? 70   GLU A OE1 1 
ATOM   302  O  OE2 . GLU A 1 37  ? 21.348  -3.712  -0.610  1.00 74.86 ? 70   GLU A OE2 1 
ATOM   303  N  N   . ASP A 1 38  ? 16.965  -5.522  1.779   1.00 71.95 ? 71   ASP A N   1 
ATOM   304  C  CA  . ASP A 1 38  ? 15.955  -6.347  1.092   1.00 71.61 ? 71   ASP A CA  1 
ATOM   305  C  C   . ASP A 1 38  ? 14.511  -5.858  1.351   1.00 70.61 ? 71   ASP A C   1 
ATOM   306  O  O   . ASP A 1 38  ? 14.037  -5.858  2.495   1.00 70.48 ? 71   ASP A O   1 
ATOM   307  C  CB  . ASP A 1 38  ? 16.101  -7.808  1.553   1.00 72.16 ? 71   ASP A CB  1 
ATOM   308  C  CG  . ASP A 1 38  ? 15.103  -8.761  0.882   1.00 73.20 ? 71   ASP A CG  1 
ATOM   309  O  OD1 . ASP A 1 38  ? 14.682  -8.514  -0.281  1.00 72.64 ? 71   ASP A OD1 1 
ATOM   310  O  OD2 . ASP A 1 38  ? 14.760  -9.778  1.534   1.00 74.25 ? 71   ASP A OD2 1 
ATOM   311  N  N   . LEU A 1 39  ? 13.820  -5.473  0.279   1.00 69.44 ? 72   LEU A N   1 
ATOM   312  C  CA  . LEU A 1 39  ? 12.429  -4.973  0.341   1.00 68.25 ? 72   LEU A CA  1 
ATOM   313  C  C   . LEU A 1 39  ? 11.325  -6.042  0.278   1.00 67.55 ? 72   LEU A C   1 
ATOM   314  O  O   . LEU A 1 39  ? 10.136  -5.721  0.157   1.00 67.18 ? 72   LEU A O   1 
ATOM   315  C  CB  . LEU A 1 39  ? 12.190  -3.959  -0.780  1.00 67.93 ? 72   LEU A CB  1 
ATOM   316  C  CG  . LEU A 1 39  ? 12.766  -2.573  -0.549  1.00 67.46 ? 72   LEU A CG  1 
ATOM   317  C  CD1 . LEU A 1 39  ? 12.213  -1.652  -1.615  1.00 68.53 ? 72   LEU A CD1 1 
ATOM   318  C  CD2 . LEU A 1 39  ? 12.469  -2.060  0.872   1.00 65.34 ? 72   LEU A CD2 1 
ATOM   319  N  N   . GLY A 1 40  ? 11.729  -7.308  0.351   1.00 66.77 ? 73   GLY A N   1 
ATOM   320  C  CA  . GLY A 1 40  ? 10.806  -8.423  0.225   1.00 65.51 ? 73   GLY A CA  1 
ATOM   321  C  C   . GLY A 1 40  ? 9.760   -8.425  1.319   1.00 64.70 ? 73   GLY A C   1 
ATOM   322  O  O   . GLY A 1 40  ? 8.569   -8.408  1.015   1.00 65.18 ? 73   GLY A O   1 
ATOM   323  N  N   . PRO A 1 41  ? 10.199  -8.464  2.598   1.00 63.74 ? 74   PRO A N   1 
ATOM   324  C  CA  . PRO A 1 41  ? 9.295   -8.516  3.750   1.00 62.90 ? 74   PRO A CA  1 
ATOM   325  C  C   . PRO A 1 41  ? 8.399   -7.284  3.908   1.00 61.90 ? 74   PRO A C   1 
ATOM   326  O  O   . PRO A 1 41  ? 7.311   -7.386  4.491   1.00 61.08 ? 74   PRO A O   1 
ATOM   327  C  CB  . PRO A 1 41  ? 10.256  -8.627  4.949   1.00 63.03 ? 74   PRO A CB  1 
ATOM   328  C  CG  . PRO A 1 41  ? 11.520  -9.152  4.366   1.00 63.38 ? 74   PRO A CG  1 
ATOM   329  C  CD  . PRO A 1 41  ? 11.609  -8.504  3.029   1.00 63.49 ? 74   PRO A CD  1 
ATOM   330  N  N   . ALA A 1 42  ? 8.868   -6.135  3.417   1.00 60.75 ? 75   ALA A N   1 
ATOM   331  C  CA  . ALA A 1 42  ? 8.052   -4.926  3.421   1.00 59.42 ? 75   ALA A CA  1 
ATOM   332  C  C   . ALA A 1 42  ? 6.898   -5.136  2.444   1.00 58.58 ? 75   ALA A C   1 
ATOM   333  O  O   . ALA A 1 42  ? 5.742   -4.969  2.831   1.00 58.00 ? 75   ALA A O   1 
ATOM   334  C  CB  . ALA A 1 42  ? 8.879   -3.692  3.071   1.00 58.95 ? 75   ALA A CB  1 
ATOM   335  N  N   . GLU A 1 43  ? 7.219   -5.541  1.210   1.00 57.71 ? 76   GLU A N   1 
ATOM   336  C  CA  . GLU A 1 43  ? 6.224   -5.901  0.200   1.00 57.46 ? 76   GLU A CA  1 
ATOM   337  C  C   . GLU A 1 43  ? 5.180   -6.774  0.854   1.00 57.47 ? 76   GLU A C   1 
ATOM   338  O  O   . GLU A 1 43  ? 3.976   -6.496  0.827   1.00 56.58 ? 76   GLU A O   1 
ATOM   339  C  CB  . GLU A 1 43  ? 6.844   -6.774  -0.888  1.00 57.29 ? 76   GLU A CB  1 
ATOM   340  C  CG  . GLU A 1 43  ? 7.484   -6.087  -2.041  1.00 57.95 ? 76   GLU A CG  1 
ATOM   341  C  CD  . GLU A 1 43  ? 7.083   -6.694  -3.398  1.00 58.58 ? 76   GLU A CD  1 
ATOM   342  O  OE1 . GLU A 1 43  ? 7.683   -6.296  -4.421  1.00 61.02 ? 76   GLU A OE1 1 
ATOM   343  O  OE2 . GLU A 1 43  ? 6.171   -7.551  -3.462  1.00 56.10 ? 76   GLU A OE2 1 
ATOM   344  N  N   . GLU A 1 44  ? 5.679   -7.861  1.424   1.00 57.61 ? 77   GLU A N   1 
ATOM   345  C  CA  . GLU A 1 44  ? 4.855   -8.862  2.037   1.00 58.26 ? 77   GLU A CA  1 
ATOM   346  C  C   . GLU A 1 44  ? 3.906   -8.280  3.075   1.00 58.30 ? 77   GLU A C   1 
ATOM   347  O  O   . GLU A 1 44  ? 2.725   -8.641  3.092   1.00 58.84 ? 77   GLU A O   1 
ATOM   348  C  CB  . GLU A 1 44  ? 5.721   -9.931  2.690   1.00 58.61 ? 77   GLU A CB  1 
ATOM   349  C  CG  . GLU A 1 44  ? 4.920   -11.149 3.085   1.00 59.72 ? 77   GLU A CG  1 
ATOM   350  C  CD  . GLU A 1 44  ? 4.241   -11.775 1.887   1.00 61.25 ? 77   GLU A CD  1 
ATOM   351  O  OE1 . GLU A 1 44  ? 3.158   -12.364 2.076   1.00 63.62 ? 77   GLU A OE1 1 
ATOM   352  O  OE2 . GLU A 1 44  ? 4.780   -11.673 0.757   1.00 60.72 ? 77   GLU A OE2 1 
ATOM   353  N  N   . ARG A 1 45  ? 4.421   -7.406  3.946   1.00 57.72 ? 78   ARG A N   1 
ATOM   354  C  CA  . ARG A 1 45  ? 3.587   -6.773  4.968   1.00 57.32 ? 78   ARG A CA  1 
ATOM   355  C  C   . ARG A 1 45  ? 2.445   -5.979  4.323   1.00 56.65 ? 78   ARG A C   1 
ATOM   356  O  O   . ARG A 1 45  ? 1.295   -6.084  4.776   1.00 57.37 ? 78   ARG A O   1 
ATOM   357  C  CB  . ARG A 1 45  ? 4.409   -5.915  5.940   1.00 57.00 ? 78   ARG A CB  1 
ATOM   358  C  CG  . ARG A 1 45  ? 5.122   -6.728  7.000   1.00 57.12 ? 78   ARG A CG  1 
ATOM   359  C  CD  . ARG A 1 45  ? 5.929   -5.870  7.961   1.00 58.92 ? 78   ARG A CD  1 
ATOM   360  N  NE  . ARG A 1 45  ? 7.155   -6.575  8.349   1.00 64.29 ? 78   ARG A NE  1 
ATOM   361  C  CZ  . ARG A 1 45  ? 8.336   -6.427  7.743   1.00 65.33 ? 78   ARG A CZ  1 
ATOM   362  N  NH1 . ARG A 1 45  ? 8.477   -5.571  6.739   1.00 67.57 ? 78   ARG A NH1 1 
ATOM   363  N  NH2 . ARG A 1 45  ? 9.382   -7.132  8.135   1.00 66.20 ? 78   ARG A NH2 1 
ATOM   364  N  N   . LEU A 1 46  ? 2.754   -5.226  3.261   1.00 54.93 ? 79   LEU A N   1 
ATOM   365  C  CA  . LEU A 1 46  ? 1.754   -4.460  2.541   1.00 53.57 ? 79   LEU A CA  1 
ATOM   366  C  C   . LEU A 1 46  ? 0.688   -5.408  1.982   1.00 53.26 ? 79   LEU A C   1 
ATOM   367  O  O   . LEU A 1 46  ? -0.497  -5.299  2.329   1.00 53.04 ? 79   LEU A O   1 
ATOM   368  C  CB  . LEU A 1 46  ? 2.392   -3.656  1.405   1.00 52.76 ? 79   LEU A CB  1 
ATOM   369  C  CG  . LEU A 1 46  ? 1.860   -2.245  1.124   1.00 51.62 ? 79   LEU A CG  1 
ATOM   370  C  CD1 . LEU A 1 46  ? 1.883   -1.920  -0.364  1.00 47.65 ? 79   LEU A CD1 1 
ATOM   371  C  CD2 . LEU A 1 46  ? 0.488   -1.995  1.712   1.00 47.29 ? 79   LEU A CD2 1 
ATOM   372  N  N   . ARG A 1 47  ? 1.130   -6.333  1.131   1.00 52.98 ? 80   ARG A N   1 
ATOM   373  C  CA  . ARG A 1 47  ? 0.283   -7.357  0.523   1.00 52.86 ? 80   ARG A CA  1 
ATOM   374  C  C   . ARG A 1 47  ? -0.696  -7.887  1.535   1.00 53.03 ? 80   ARG A C   1 
ATOM   375  O  O   . ARG A 1 47  ? -1.903  -7.825  1.311   1.00 53.56 ? 80   ARG A O   1 
ATOM   376  C  CB  . ARG A 1 47  ? 1.145   -8.503  0.040   1.00 53.06 ? 80   ARG A CB  1 
ATOM   377  C  CG  . ARG A 1 47  ? 0.560   -9.324  -1.088  1.00 54.16 ? 80   ARG A CG  1 
ATOM   378  C  CD  . ARG A 1 47  ? 1.402   -10.603 -1.321  1.00 54.69 ? 80   ARG A CD  1 
ATOM   379  N  NE  . ARG A 1 47  ? 1.435   -11.425 -0.107  1.00 51.99 ? 80   ARG A NE  1 
ATOM   380  C  CZ  . ARG A 1 47  ? 0.709   -12.520 0.089   1.00 52.06 ? 80   ARG A CZ  1 
ATOM   381  N  NH1 . ARG A 1 47  ? -0.111  -12.985 -0.863  1.00 51.40 ? 80   ARG A NH1 1 
ATOM   382  N  NH2 . ARG A 1 47  ? 0.813   -13.157 1.249   1.00 50.83 ? 80   ARG A NH2 1 
ATOM   383  N  N   . LEU A 1 48  ? -0.183  -8.381  2.666   1.00 52.59 ? 81   LEU A N   1 
ATOM   384  C  CA  . LEU A 1 48  ? -1.038  -8.968  3.677   1.00 52.15 ? 81   LEU A CA  1 
ATOM   385  C  C   . LEU A 1 48  ? -1.957  -7.939  4.262   1.00 51.39 ? 81   LEU A C   1 
ATOM   386  O  O   . LEU A 1 48  ? -3.126  -8.235  4.530   1.00 51.19 ? 81   LEU A O   1 
ATOM   387  C  CB  . LEU A 1 48  ? -0.237  -9.610  4.819   1.00 52.67 ? 81   LEU A CB  1 
ATOM   388  C  CG  . LEU A 1 48  ? 0.512   -10.935 4.616   1.00 53.01 ? 81   LEU A CG  1 
ATOM   389  C  CD1 . LEU A 1 48  ? 1.211   -11.289 5.921   1.00 51.76 ? 81   LEU A CD1 1 
ATOM   390  C  CD2 . LEU A 1 48  ? -0.405  -12.066 4.151   1.00 52.70 ? 81   LEU A CD2 1 
ATOM   391  N  N   . PHE A 1 49  ? -1.433  -6.738  4.490   1.00 50.17 ? 82   PHE A N   1 
ATOM   392  C  CA  . PHE A 1 49  ? -2.261  -5.738  5.113   1.00 49.34 ? 82   PHE A CA  1 
ATOM   393  C  C   . PHE A 1 49  ? -3.482  -5.419  4.224   1.00 48.97 ? 82   PHE A C   1 
ATOM   394  O  O   . PHE A 1 49  ? -4.611  -5.354  4.702   1.00 48.78 ? 82   PHE A O   1 
ATOM   395  C  CB  . PHE A 1 49  ? -1.506  -4.449  5.451   1.00 49.35 ? 82   PHE A CB  1 
ATOM   396  C  CG  . PHE A 1 49  ? -2.433  -3.308  5.698   1.00 48.60 ? 82   PHE A CG  1 
ATOM   397  C  CD1 . PHE A 1 49  ? -3.085  -3.190  6.907   1.00 48.77 ? 82   PHE A CD1 1 
ATOM   398  C  CD2 . PHE A 1 49  ? -2.752  -2.425  4.677   1.00 49.08 ? 82   PHE A CD2 1 
ATOM   399  C  CE1 . PHE A 1 49  ? -4.013  -2.163  7.122   1.00 49.26 ? 82   PHE A CE1 1 
ATOM   400  C  CE2 . PHE A 1 49  ? -3.680  -1.409  4.884   1.00 50.43 ? 82   PHE A CE2 1 
ATOM   401  C  CZ  . PHE A 1 49  ? -4.312  -1.284  6.112   1.00 48.20 ? 82   PHE A CZ  1 
ATOM   402  N  N   . LEU A 1 50  ? -3.240  -5.226  2.941   1.00 47.79 ? 83   LEU A N   1 
ATOM   403  C  CA  . LEU A 1 50  ? -4.276  -4.853  2.043   1.00 48.03 ? 83   LEU A CA  1 
ATOM   404  C  C   . LEU A 1 50  ? -5.322  -5.964  1.934   1.00 49.23 ? 83   LEU A C   1 
ATOM   405  O  O   . LEU A 1 50  ? -6.557  -5.712  1.897   1.00 48.79 ? 83   LEU A O   1 
ATOM   406  C  CB  . LEU A 1 50  ? -3.653  -4.502  0.694   1.00 47.93 ? 83   LEU A CB  1 
ATOM   407  C  CG  . LEU A 1 50  ? -2.863  -3.180  0.633   1.00 47.50 ? 83   LEU A CG  1 
ATOM   408  C  CD1 . LEU A 1 50  ? -2.092  -3.075  -0.664  1.00 47.75 ? 83   LEU A CD1 1 
ATOM   409  C  CD2 . LEU A 1 50  ? -3.752  -1.947  0.805   1.00 47.12 ? 83   LEU A CD2 1 
ATOM   410  N  N   . MET A 1 51  ? -4.831  -7.199  1.902   1.00 49.93 ? 84   MET A N   1 
ATOM   411  C  CA  . MET A 1 51  ? -5.708  -8.347  1.883   1.00 51.04 ? 84   MET A CA  1 
ATOM   412  C  C   . MET A 1 51  ? -6.667  -8.251  3.028   1.00 50.48 ? 84   MET A C   1 
ATOM   413  O  O   . MET A 1 51  ? -7.891  -8.195  2.843   1.00 51.38 ? 84   MET A O   1 
ATOM   414  C  CB  . MET A 1 51  ? -4.916  -9.632  2.008   1.00 51.05 ? 84   MET A CB  1 
ATOM   415  C  CG  . MET A 1 51  ? -4.294  -10.045 0.710   1.00 51.96 ? 84   MET A CG  1 
ATOM   416  S  SD  . MET A 1 51  ? -3.115  -11.388 0.919   1.00 53.78 ? 84   MET A SD  1 
ATOM   417  C  CE  . MET A 1 51  ? -2.323  -11.137 -0.660  1.00 53.39 ? 84   MET A CE  1 
ATOM   418  N  N   . GLN A 1 52  ? -6.104  -8.218  4.221   1.00 49.90 ? 85   GLN A N   1 
ATOM   419  C  CA  . GLN A 1 52  ? -6.903  -8.166  5.418   1.00 49.39 ? 85   GLN A CA  1 
ATOM   420  C  C   . GLN A 1 52  ? -7.917  -7.009  5.393   1.00 48.85 ? 85   GLN A C   1 
ATOM   421  O  O   . GLN A 1 52  ? -9.088  -7.175  5.731   1.00 48.95 ? 85   GLN A O   1 
ATOM   422  C  CB  . GLN A 1 52  ? -5.998  -8.054  6.626   1.00 49.11 ? 85   GLN A CB  1 
ATOM   423  C  CG  . GLN A 1 52  ? -6.768  -7.708  7.849   1.00 50.35 ? 85   GLN A CG  1 
ATOM   424  C  CD  . GLN A 1 52  ? -5.941  -7.805  9.055   1.00 52.05 ? 85   GLN A CD  1 
ATOM   425  O  OE1 . GLN A 1 52  ? -5.195  -8.770  9.211   1.00 55.58 ? 85   GLN A OE1 1 
ATOM   426  N  NE2 . GLN A 1 52  ? -6.047  -6.812  9.937   1.00 51.30 ? 85   GLN A NE2 1 
ATOM   427  N  N   . TYR A 1 53  ? -7.452  -5.842  4.974   1.00 48.17 ? 86   TYR A N   1 
ATOM   428  C  CA  . TYR A 1 53  ? -8.259  -4.637  5.002   1.00 47.19 ? 86   TYR A CA  1 
ATOM   429  C  C   . TYR A 1 53  ? -9.493  -4.726  4.096   1.00 47.60 ? 86   TYR A C   1 
ATOM   430  O  O   . TYR A 1 53  ? -10.578 -4.314  4.479   1.00 46.43 ? 86   TYR A O   1 
ATOM   431  C  CB  . TYR A 1 53  ? -7.409  -3.430  4.603   1.00 46.02 ? 86   TYR A CB  1 
ATOM   432  C  CG  . TYR A 1 53  ? -8.237  -2.205  4.583   1.00 43.86 ? 86   TYR A CG  1 
ATOM   433  C  CD1 . TYR A 1 53  ? -8.389  -1.462  5.730   1.00 41.47 ? 86   TYR A CD1 1 
ATOM   434  C  CD2 . TYR A 1 53  ? -8.923  -1.822  3.423   1.00 42.54 ? 86   TYR A CD2 1 
ATOM   435  C  CE1 . TYR A 1 53  ? -9.175  -0.355  5.744   1.00 42.34 ? 86   TYR A CE1 1 
ATOM   436  C  CE2 . TYR A 1 53  ? -9.719  -0.724  3.425   1.00 42.25 ? 86   TYR A CE2 1 
ATOM   437  C  CZ  . TYR A 1 53  ? -9.838  0.017   4.600   1.00 42.58 ? 86   TYR A CZ  1 
ATOM   438  O  OH  . TYR A 1 53  ? -10.614 1.147   4.649   1.00 42.95 ? 86   TYR A OH  1 
ATOM   439  N  N   . TRP A 1 54  ? -9.310  -5.254  2.895   1.00 49.03 ? 87   TRP A N   1 
ATOM   440  C  CA  . TRP A 1 54  ? -10.414 -5.406  1.955   1.00 50.88 ? 87   TRP A CA  1 
ATOM   441  C  C   . TRP A 1 54  ? -11.358 -6.618  2.204   1.00 52.10 ? 87   TRP A C   1 
ATOM   442  O  O   . TRP A 1 54  ? -12.345 -6.824  1.481   1.00 52.22 ? 87   TRP A O   1 
ATOM   443  C  CB  . TRP A 1 54  ? -9.865  -5.373  0.546   1.00 50.37 ? 87   TRP A CB  1 
ATOM   444  C  CG  . TRP A 1 54  ? -9.326  -4.030  0.246   1.00 51.45 ? 87   TRP A CG  1 
ATOM   445  C  CD1 . TRP A 1 54  ? -8.006  -3.674  0.141   1.00 50.82 ? 87   TRP A CD1 1 
ATOM   446  C  CD2 . TRP A 1 54  ? -10.088 -2.821  0.052   1.00 51.78 ? 87   TRP A CD2 1 
ATOM   447  N  NE1 . TRP A 1 54  ? -7.906  -2.328  -0.126  1.00 50.98 ? 87   TRP A NE1 1 
ATOM   448  C  CE2 . TRP A 1 54  ? -9.165  -1.779  -0.173  1.00 51.22 ? 87   TRP A CE2 1 
ATOM   449  C  CE3 . TRP A 1 54  ? -11.461 -2.523  0.043   1.00 52.69 ? 87   TRP A CE3 1 
ATOM   450  C  CZ2 . TRP A 1 54  ? -9.567  -0.462  -0.418  1.00 51.08 ? 87   TRP A CZ2 1 
ATOM   451  C  CZ3 . TRP A 1 54  ? -11.863 -1.195  -0.195  1.00 50.95 ? 87   TRP A CZ3 1 
ATOM   452  C  CH2 . TRP A 1 54  ? -10.916 -0.193  -0.421  1.00 50.54 ? 87   TRP A CH2 1 
ATOM   453  N  N   . GLY A 1 55  ? -11.066 -7.382  3.253   1.00 53.21 ? 88   GLY A N   1 
ATOM   454  C  CA  . GLY A 1 55  ? -11.914 -8.496  3.683   1.00 54.74 ? 88   GLY A CA  1 
ATOM   455  C  C   . GLY A 1 55  ? -11.387 -9.890  3.341   1.00 55.85 ? 88   GLY A C   1 
ATOM   456  O  O   . GLY A 1 55  ? -12.145 -10.872 3.411   1.00 56.59 ? 88   GLY A O   1 
ATOM   457  N  N   . GLY A 1 56  ? -10.101 -9.986  2.967   1.00 56.00 ? 89   GLY A N   1 
ATOM   458  C  CA  . GLY A 1 56  ? -9.427  -11.281 2.778   1.00 55.16 ? 89   GLY A CA  1 
ATOM   459  C  C   . GLY A 1 56  ? -8.869  -11.845 4.066   1.00 54.87 ? 89   GLY A C   1 
ATOM   460  O  O   . GLY A 1 56  ? -9.337  -11.483 5.157   1.00 54.66 ? 89   GLY A O   1 
ATOM   461  N  N   . PRO A 1 57  ? -7.843  -12.714 3.959   1.00 54.73 ? 90   PRO A N   1 
ATOM   462  C  CA  . PRO A 1 57  ? -7.321  -13.369 5.153   1.00 54.65 ? 90   PRO A CA  1 
ATOM   463  C  C   . PRO A 1 57  ? -6.835  -12.378 6.225   1.00 54.84 ? 90   PRO A C   1 
ATOM   464  O  O   . PRO A 1 57  ? -6.301  -11.324 5.899   1.00 55.09 ? 90   PRO A O   1 
ATOM   465  C  CB  . PRO A 1 57  ? -6.165  -14.220 4.592   1.00 54.67 ? 90   PRO A CB  1 
ATOM   466  C  CG  . PRO A 1 57  ? -6.508  -14.466 3.171   1.00 53.30 ? 90   PRO A CG  1 
ATOM   467  C  CD  . PRO A 1 57  ? -7.108  -13.142 2.748   1.00 54.78 ? 90   PRO A CD  1 
ATOM   468  N  N   . ARG A 1 58  ? -7.033  -12.721 7.490   1.00 55.20 ? 91   ARG A N   1 
ATOM   469  C  CA  . ARG A 1 58  ? -6.595  -11.908 8.626   1.00 56.01 ? 91   ARG A CA  1 
ATOM   470  C  C   . ARG A 1 58  ? -5.149  -12.218 9.022   1.00 56.48 ? 91   ARG A C   1 
ATOM   471  O  O   . ARG A 1 58  ? -4.726  -11.974 10.181  1.00 56.08 ? 91   ARG A O   1 
ATOM   472  C  CB  . ARG A 1 58  ? -7.502  -12.152 9.831   1.00 56.36 ? 91   ARG A CB  1 
ATOM   473  C  CG  . ARG A 1 58  ? -8.977  -11.827 9.615   1.00 58.34 ? 91   ARG A CG  1 
ATOM   474  C  CD  . ARG A 1 58  ? -9.290  -10.430 10.103  1.00 61.34 ? 91   ARG A CD  1 
ATOM   475  N  NE  . ARG A 1 58  ? -8.577  -10.154 11.341  1.00 62.46 ? 91   ARG A NE  1 
ATOM   476  C  CZ  . ARG A 1 58  ? -8.701  -9.028  12.038  1.00 64.80 ? 91   ARG A CZ  1 
ATOM   477  N  NH1 . ARG A 1 58  ? -9.539  -8.081  11.622  1.00 64.36 ? 91   ARG A NH1 1 
ATOM   478  N  NH2 . ARG A 1 58  ? -7.989  -8.846  13.157  1.00 64.48 ? 91   ARG A NH2 1 
ATOM   479  N  N   . THR A 1 59  ? -4.390  -12.736 8.056   1.00 56.89 ? 92   THR A N   1 
ATOM   480  C  CA  . THR A 1 59  ? -2.990  -13.088 8.270   1.00 57.71 ? 92   THR A CA  1 
ATOM   481  C  C   . THR A 1 59  ? -2.170  -11.917 8.819   1.00 58.26 ? 92   THR A C   1 
ATOM   482  O  O   . THR A 1 59  ? -1.509  -12.053 9.860   1.00 58.51 ? 92   THR A O   1 
ATOM   483  C  CB  . THR A 1 59  ? -2.354  -13.657 7.004   1.00 57.55 ? 92   THR A CB  1 
ATOM   484  O  OG1 . THR A 1 59  ? -3.224  -14.647 6.457   1.00 57.80 ? 92   THR A OG1 1 
ATOM   485  C  CG2 . THR A 1 59  ? -1.021  -14.308 7.321   1.00 58.42 ? 92   THR A CG2 1 
ATOM   486  N  N   . TYR A 1 60  ? -2.244  -10.764 8.152   1.00 58.47 ? 93   TYR A N   1 
ATOM   487  C  CA  . TYR A 1 60  ? -1.508  -9.599  8.611   1.00 58.69 ? 93   TYR A CA  1 
ATOM   488  C  C   . TYR A 1 60  ? -1.627  -9.501  10.132  1.00 59.19 ? 93   TYR A C   1 
ATOM   489  O  O   . TYR A 1 60  ? -0.629  -9.543  10.836  1.00 59.71 ? 93   TYR A O   1 
ATOM   490  C  CB  . TYR A 1 60  ? -1.974  -8.288  7.915   1.00 58.58 ? 93   TYR A CB  1 
ATOM   491  C  CG  . TYR A 1 60  ? -1.337  -7.058  8.527   1.00 57.29 ? 93   TYR A CG  1 
ATOM   492  C  CD1 . TYR A 1 60  ? -0.101  -6.608  8.087   1.00 55.71 ? 93   TYR A CD1 1 
ATOM   493  C  CD2 . TYR A 1 60  ? -1.938  -6.392  9.610   1.00 57.62 ? 93   TYR A CD2 1 
ATOM   494  C  CE1 . TYR A 1 60  ? 0.516   -5.500  8.677   1.00 56.94 ? 93   TYR A CE1 1 
ATOM   495  C  CE2 . TYR A 1 60  ? -1.324  -5.276  10.222  1.00 57.43 ? 93   TYR A CE2 1 
ATOM   496  C  CZ  . TYR A 1 60  ? -0.089  -4.839  9.741   1.00 57.85 ? 93   TYR A CZ  1 
ATOM   497  O  OH  . TYR A 1 60  ? 0.542   -3.740  10.302  1.00 57.13 ? 93   TYR A OH  1 
ATOM   498  N  N   . SER A 1 61  ? -2.852  -9.405  10.634  1.00 59.89 ? 94   SER A N   1 
ATOM   499  C  CA  . SER A 1 61  ? -3.068  -9.138  12.044  1.00 60.76 ? 94   SER A CA  1 
ATOM   500  C  C   . SER A 1 61  ? -2.780  -10.318 12.956  1.00 61.58 ? 94   SER A C   1 
ATOM   501  O  O   . SER A 1 61  ? -2.645  -10.144 14.174  1.00 61.57 ? 94   SER A O   1 
ATOM   502  C  CB  . SER A 1 61  ? -4.462  -8.603  12.292  1.00 60.28 ? 94   SER A CB  1 
ATOM   503  O  OG  . SER A 1 61  ? -4.395  -7.196  12.330  1.00 61.04 ? 94   SER A OG  1 
ATOM   504  N  N   . GLU A 1 62  ? -2.672  -11.513 12.391  1.00 62.38 ? 95   GLU A N   1 
ATOM   505  C  CA  . GLU A 1 62  ? -2.317  -12.649 13.237  1.00 63.75 ? 95   GLU A CA  1 
ATOM   506  C  C   . GLU A 1 62  ? -0.779  -12.738 13.399  1.00 63.60 ? 95   GLU A C   1 
ATOM   507  O  O   . GLU A 1 62  ? -0.295  -13.164 14.458  1.00 63.15 ? 95   GLU A O   1 
ATOM   508  C  CB  . GLU A 1 62  ? -3.022  -13.955 12.795  1.00 63.49 ? 95   GLU A CB  1 
ATOM   509  C  CG  . GLU A 1 62  ? -2.619  -14.541 11.426  1.00 65.26 ? 95   GLU A CG  1 
ATOM   510  C  CD  . GLU A 1 62  ? -3.578  -15.657 10.936  1.00 65.64 ? 95   GLU A CD  1 
ATOM   511  O  OE1 . GLU A 1 62  ? -4.818  -15.468 10.986  1.00 67.41 ? 95   GLU A OE1 1 
ATOM   512  O  OE2 . GLU A 1 62  ? -3.086  -16.724 10.494  1.00 68.21 ? 95   GLU A OE2 1 
ATOM   513  N  N   . ARG A 1 63  ? -0.049  -12.286 12.361  1.00 63.64 ? 96   ARG A N   1 
ATOM   514  C  CA  . ARG A 1 63  ? 1.419   -12.061 12.379  1.00 63.61 ? 96   ARG A CA  1 
ATOM   515  C  C   . ARG A 1 63  ? 1.825   -10.817 13.196  1.00 63.11 ? 96   ARG A C   1 
ATOM   516  O  O   . ARG A 1 63  ? 2.468   -10.939 14.231  1.00 63.10 ? 96   ARG A O   1 
ATOM   517  C  CB  . ARG A 1 63  ? 1.997   -11.967 10.948  1.00 63.33 ? 96   ARG A CB  1 
ATOM   518  C  CG  . ARG A 1 63  ? 1.880   -13.260 10.149  1.00 63.97 ? 96   ARG A CG  1 
ATOM   519  C  CD  . ARG A 1 63  ? 2.797   -13.316 8.930   1.00 64.18 ? 96   ARG A CD  1 
ATOM   520  N  NE  . ARG A 1 63  ? 2.408   -14.447 8.082   1.00 67.05 ? 96   ARG A NE  1 
ATOM   521  C  CZ  . ARG A 1 63  ? 2.807   -14.659 6.818   1.00 68.69 ? 96   ARG A CZ  1 
ATOM   522  N  NH1 . ARG A 1 63  ? 3.651   -13.823 6.205   1.00 68.45 ? 96   ARG A NH1 1 
ATOM   523  N  NH2 . ARG A 1 63  ? 2.355   -15.728 6.152   1.00 68.07 ? 96   ARG A NH2 1 
ATOM   524  N  N   . ARG A 1 64  ? 1.460   -9.628  12.720  1.00 62.81 ? 97   ARG A N   1 
ATOM   525  C  CA  . ARG A 1 64  ? 1.689   -8.375  13.457  1.00 62.31 ? 97   ARG A CA  1 
ATOM   526  C  C   . ARG A 1 64  ? 0.360   -8.144  14.092  1.00 62.31 ? 97   ARG A C   1 
ATOM   527  O  O   . ARG A 1 64  ? -0.616  -8.710  13.608  1.00 63.56 ? 97   ARG A O   1 
ATOM   528  C  CB  . ARG A 1 64  ? 1.965   -7.231  12.494  1.00 62.35 ? 97   ARG A CB  1 
ATOM   529  C  CG  . ARG A 1 64  ? 2.443   -7.646  11.111  1.00 62.05 ? 97   ARG A CG  1 
ATOM   530  C  CD  . ARG A 1 64  ? 3.591   -6.788  10.675  1.00 63.14 ? 97   ARG A CD  1 
ATOM   531  N  NE  . ARG A 1 64  ? 4.784   -7.178  11.408  1.00 65.92 ? 97   ARG A NE  1 
ATOM   532  C  CZ  . ARG A 1 64  ? 5.836   -6.405  11.666  1.00 66.42 ? 97   ARG A CZ  1 
ATOM   533  N  NH1 . ARG A 1 64  ? 5.888   -5.139  11.270  1.00 64.28 ? 97   ARG A NH1 1 
ATOM   534  N  NH2 . ARG A 1 64  ? 6.854   -6.924  12.345  1.00 67.79 ? 97   ARG A NH2 1 
ATOM   535  N  N   . GLY A 1 65  ? 0.258   -7.330  15.140  1.00 61.09 ? 98   GLY A N   1 
ATOM   536  C  CA  . GLY A 1 65  ? -1.071  -7.130  15.753  1.00 59.67 ? 98   GLY A CA  1 
ATOM   537  C  C   . GLY A 1 65  ? -2.048  -6.281  14.936  1.00 59.13 ? 98   GLY A C   1 
ATOM   538  O  O   . GLY A 1 65  ? -2.240  -6.510  13.718  1.00 58.39 ? 98   GLY A O   1 
ATOM   539  N  N   . HIS A 1 66  ? -2.689  -5.323  15.622  1.00 58.39 ? 99   HIS A N   1 
ATOM   540  C  CA  . HIS A 1 66  ? -3.453  -4.250  14.980  1.00 58.09 ? 99   HIS A CA  1 
ATOM   541  C  C   . HIS A 1 66  ? -2.588  -3.548  13.945  1.00 57.36 ? 99   HIS A C   1 
ATOM   542  O  O   . HIS A 1 66  ? -1.370  -3.531  14.094  1.00 56.89 ? 99   HIS A O   1 
ATOM   543  C  CB  . HIS A 1 66  ? -3.911  -3.196  16.005  1.00 58.63 ? 99   HIS A CB  1 
ATOM   544  C  CG  . HIS A 1 66  ? -4.892  -3.712  17.007  1.00 60.14 ? 99   HIS A CG  1 
ATOM   545  N  ND1 . HIS A 1 66  ? -5.970  -4.504  16.660  1.00 60.98 ? 99   HIS A ND1 1 
ATOM   546  C  CD2 . HIS A 1 66  ? -4.956  -3.553  18.351  1.00 61.43 ? 99   HIS A CD2 1 
ATOM   547  C  CE1 . HIS A 1 66  ? -6.646  -4.825  17.748  1.00 60.90 ? 99   HIS A CE1 1 
ATOM   548  N  NE2 . HIS A 1 66  ? -6.056  -4.258  18.786  1.00 62.44 ? 99   HIS A NE2 1 
ATOM   549  N  N   . PRO A 1 67  ? -3.214  -2.961  12.899  1.00 56.95 ? 100  PRO A N   1 
ATOM   550  C  CA  . PRO A 1 67  ? -2.442  -2.240  11.911  1.00 56.67 ? 100  PRO A CA  1 
ATOM   551  C  C   . PRO A 1 67  ? -1.880  -0.951  12.469  1.00 56.71 ? 100  PRO A C   1 
ATOM   552  O  O   . PRO A 1 67  ? -0.738  -0.634  12.176  1.00 56.97 ? 100  PRO A O   1 
ATOM   553  C  CB  . PRO A 1 67  ? -3.462  -1.944  10.811  1.00 56.55 ? 100  PRO A CB  1 
ATOM   554  C  CG  . PRO A 1 67  ? -4.587  -2.871  11.066  1.00 56.62 ? 100  PRO A CG  1 
ATOM   555  C  CD  . PRO A 1 67  ? -4.641  -2.940  12.547  1.00 56.68 ? 100  PRO A CD  1 
ATOM   556  N  N   . ARG A 1 68  ? -2.656  -0.234  13.285  1.00 56.79 ? 101  ARG A N   1 
ATOM   557  C  CA  . ARG A 1 68  ? -2.248  1.078   13.823  1.00 57.43 ? 101  ARG A CA  1 
ATOM   558  C  C   . ARG A 1 68  ? -1.218  1.726   12.885  1.00 55.93 ? 101  ARG A C   1 
ATOM   559  O  O   . ARG A 1 68  ? -0.080  1.966   13.258  1.00 55.26 ? 101  ARG A O   1 
ATOM   560  C  CB  . ARG A 1 68  ? -1.726  0.964   15.274  1.00 57.49 ? 101  ARG A CB  1 
ATOM   561  C  CG  . ARG A 1 68  ? -0.508  0.048   15.434  1.00 59.56 ? 101  ARG A CG  1 
ATOM   562  C  CD  . ARG A 1 68  ? -0.268  -0.350  16.873  1.00 60.39 ? 101  ARG A CD  1 
ATOM   563  N  NE  . ARG A 1 68  ? -0.109  -1.805  16.960  1.00 66.25 ? 101  ARG A NE  1 
ATOM   564  C  CZ  . ARG A 1 68  ? 1.065   -2.426  17.009  1.00 68.76 ? 101  ARG A CZ  1 
ATOM   565  N  NH1 . ARG A 1 68  ? 1.119   -3.758  17.076  1.00 69.79 ? 101  ARG A NH1 1 
ATOM   566  N  NH2 . ARG A 1 68  ? 2.192   -1.711  16.986  1.00 69.35 ? 101  ARG A NH2 1 
ATOM   567  N  N   . LEU A 1 69  ? -1.643  1.972   11.653  1.00 55.08 ? 102  LEU A N   1 
ATOM   568  C  CA  . LEU A 1 69  ? -0.765  2.407   10.607  1.00 54.57 ? 102  LEU A CA  1 
ATOM   569  C  C   . LEU A 1 69  ? -0.129  3.763   10.905  1.00 55.21 ? 102  LEU A C   1 
ATOM   570  O  O   . LEU A 1 69  ? 1.089   3.904   10.815  1.00 54.37 ? 102  LEU A O   1 
ATOM   571  C  CB  . LEU A 1 69  ? -1.486  2.378   9.254   1.00 54.27 ? 102  LEU A CB  1 
ATOM   572  C  CG  . LEU A 1 69  ? -1.685  0.978   8.667   1.00 52.85 ? 102  LEU A CG  1 
ATOM   573  C  CD1 . LEU A 1 69  ? -2.059  1.020   7.214   1.00 50.18 ? 102  LEU A CD1 1 
ATOM   574  C  CD2 . LEU A 1 69  ? -0.395  0.197   8.830   1.00 53.35 ? 102  LEU A CD2 1 
ATOM   575  N  N   . ARG A 1 70  ? -0.934  4.752   11.291  1.00 56.11 ? 103  ARG A N   1 
ATOM   576  C  CA  . ARG A 1 70  ? -0.384  6.091   11.516  1.00 57.64 ? 103  ARG A CA  1 
ATOM   577  C  C   . ARG A 1 70  ? 0.697   6.021   12.586  1.00 57.27 ? 103  ARG A C   1 
ATOM   578  O  O   . ARG A 1 70  ? 1.676   6.745   12.548  1.00 57.52 ? 103  ARG A O   1 
ATOM   579  C  CB  . ARG A 1 70  ? -1.482  7.115   11.825  1.00 57.37 ? 103  ARG A CB  1 
ATOM   580  C  CG  . ARG A 1 70  ? -2.148  7.721   10.532  1.00 58.98 ? 103  ARG A CG  1 
ATOM   581  C  CD  . ARG A 1 70  ? -3.709  7.951   10.608  1.00 60.77 ? 103  ARG A CD  1 
ATOM   582  N  NE  . ARG A 1 70  ? -4.268  7.993   11.972  1.00 68.77 ? 103  ARG A NE  1 
ATOM   583  C  CZ  . ARG A 1 70  ? -5.571  8.077   12.292  1.00 72.98 ? 103  ARG A CZ  1 
ATOM   584  N  NH1 . ARG A 1 70  ? -6.506  8.156   11.334  1.00 73.11 ? 103  ARG A NH1 1 
ATOM   585  N  NH2 . ARG A 1 70  ? -5.947  8.094   13.592  1.00 73.69 ? 103  ARG A NH2 1 
ATOM   586  N  N   . MET A 1 71  ? 0.538   5.080   13.495  1.00 57.39 ? 104  MET A N   1 
ATOM   587  C  CA  . MET A 1 71  ? 1.487   4.839   14.558  1.00 57.89 ? 104  MET A CA  1 
ATOM   588  C  C   . MET A 1 71  ? 2.785   4.183   14.040  1.00 56.56 ? 104  MET A C   1 
ATOM   589  O  O   . MET A 1 71  ? 3.895   4.506   14.493  1.00 56.37 ? 104  MET A O   1 
ATOM   590  C  CB  . MET A 1 71  ? 0.789   3.950   15.611  1.00 59.59 ? 104  MET A CB  1 
ATOM   591  C  CG  . MET A 1 71  ? 1.679   3.369   16.718  1.00 64.12 ? 104  MET A CG  1 
ATOM   592  S  SD  . MET A 1 71  ? 2.456   4.682   17.685  1.00 76.35 ? 104  MET A SD  1 
ATOM   593  C  CE  . MET A 1 71  ? 1.101   5.152   18.772  1.00 73.04 ? 104  MET A CE  1 
ATOM   594  N  N   . ARG A 1 72  ? 2.631   3.254   13.100  1.00 54.73 ? 105  ARG A N   1 
ATOM   595  C  CA  . ARG A 1 72  ? 3.746   2.472   12.571  1.00 53.09 ? 105  ARG A CA  1 
ATOM   596  C  C   . ARG A 1 72  ? 4.578   3.272   11.575  1.00 52.07 ? 105  ARG A C   1 
ATOM   597  O  O   . ARG A 1 72  ? 5.746   2.953   11.348  1.00 51.91 ? 105  ARG A O   1 
ATOM   598  C  CB  . ARG A 1 72  ? 3.236   1.187   11.930  1.00 52.53 ? 105  ARG A CB  1 
ATOM   599  C  CG  . ARG A 1 72  ? 2.780   0.209   12.958  1.00 53.95 ? 105  ARG A CG  1 
ATOM   600  C  CD  . ARG A 1 72  ? 1.795   -0.766  12.401  1.00 57.05 ? 105  ARG A CD  1 
ATOM   601  N  NE  . ARG A 1 72  ? 2.345   -2.107  12.299  1.00 60.67 ? 105  ARG A NE  1 
ATOM   602  C  CZ  . ARG A 1 72  ? 2.083   -3.111  13.137  1.00 61.02 ? 105  ARG A CZ  1 
ATOM   603  N  NH1 . ARG A 1 72  ? 2.642   -4.287  12.928  1.00 63.12 ? 105  ARG A NH1 1 
ATOM   604  N  NH2 . ARG A 1 72  ? 1.268   -2.968  14.167  1.00 61.44 ? 105  ARG A NH2 1 
ATOM   605  N  N   . HIS A 1 73  ? 3.961   4.299   10.989  1.00 50.48 ? 106  HIS A N   1 
ATOM   606  C  CA  . HIS A 1 73  ? 4.629   5.241   10.111  1.00 49.25 ? 106  HIS A CA  1 
ATOM   607  C  C   . HIS A 1 73  ? 5.208   6.413   10.877  1.00 49.31 ? 106  HIS A C   1 
ATOM   608  O  O   . HIS A 1 73  ? 5.725   7.345   10.279  1.00 48.67 ? 106  HIS A O   1 
ATOM   609  C  CB  . HIS A 1 73  ? 3.654   5.765   9.063   1.00 48.23 ? 106  HIS A CB  1 
ATOM   610  C  CG  . HIS A 1 73  ? 3.305   4.745   8.042   1.00 46.05 ? 106  HIS A CG  1 
ATOM   611  N  ND1 . HIS A 1 73  ? 2.289   3.840   8.216   1.00 45.06 ? 106  HIS A ND1 1 
ATOM   612  C  CD2 . HIS A 1 73  ? 3.871   4.450   6.849   1.00 45.25 ? 106  HIS A CD2 1 
ATOM   613  C  CE1 . HIS A 1 73  ? 2.225   3.039   7.167   1.00 43.23 ? 106  HIS A CE1 1 
ATOM   614  N  NE2 . HIS A 1 73  ? 3.177   3.387   6.323   1.00 42.63 ? 106  HIS A NE2 1 
ATOM   615  N  N   . PHE A 1 74  ? 5.109   6.363   12.205  1.00 49.62 ? 107  PHE A N   1 
ATOM   616  C  CA  . PHE A 1 74  ? 5.559   7.462   13.070  1.00 49.39 ? 107  PHE A CA  1 
ATOM   617  C  C   . PHE A 1 74  ? 7.066   7.753   12.990  1.00 48.85 ? 107  PHE A C   1 
ATOM   618  O  O   . PHE A 1 74  ? 7.467   8.909   13.101  1.00 48.16 ? 107  PHE A O   1 
ATOM   619  C  CB  . PHE A 1 74  ? 5.143   7.220   14.530  1.00 49.66 ? 107  PHE A CB  1 
ATOM   620  C  CG  . PHE A 1 74  ? 5.335   8.424   15.407  1.00 50.90 ? 107  PHE A CG  1 
ATOM   621  C  CD1 . PHE A 1 74  ? 6.366   8.450   16.369  1.00 50.40 ? 107  PHE A CD1 1 
ATOM   622  C  CD2 . PHE A 1 74  ? 4.509   9.555   15.252  1.00 50.29 ? 107  PHE A CD2 1 
ATOM   623  C  CE1 . PHE A 1 74  ? 6.567   9.573   17.171  1.00 49.24 ? 107  PHE A CE1 1 
ATOM   624  C  CE2 . PHE A 1 74  ? 4.704   10.696  16.055  1.00 51.64 ? 107  PHE A CE2 1 
ATOM   625  C  CZ  . PHE A 1 74  ? 5.744   10.697  17.020  1.00 50.39 ? 107  PHE A CZ  1 
ATOM   626  N  N   . PRO A 1 75  ? 7.905   6.708   12.799  1.00 48.71 ? 108  PRO A N   1 
ATOM   627  C  CA  . PRO A 1 75  ? 9.341   6.940   12.617  1.00 47.93 ? 108  PRO A CA  1 
ATOM   628  C  C   . PRO A 1 75  ? 9.700   7.769   11.386  1.00 47.22 ? 108  PRO A C   1 
ATOM   629  O  O   . PRO A 1 75  ? 10.750  8.390   11.366  1.00 46.72 ? 108  PRO A O   1 
ATOM   630  C  CB  . PRO A 1 75  ? 9.894   5.517   12.458  1.00 48.37 ? 108  PRO A CB  1 
ATOM   631  C  CG  . PRO A 1 75  ? 8.885   4.630   13.133  1.00 47.92 ? 108  PRO A CG  1 
ATOM   632  C  CD  . PRO A 1 75  ? 7.593   5.264   12.776  1.00 48.37 ? 108  PRO A CD  1 
ATOM   633  N  N   . TYR A 1 76  ? 8.816   7.814   10.396  1.00 47.07 ? 109  TYR A N   1 
ATOM   634  C  CA  . TYR A 1 76  ? 9.171   8.297   9.056   1.00 47.16 ? 109  TYR A CA  1 
ATOM   635  C  C   . TYR A 1 76  ? 8.779   9.718   8.729   1.00 48.13 ? 109  TYR A C   1 
ATOM   636  O  O   . TYR A 1 76  ? 7.781   10.251  9.238   1.00 48.11 ? 109  TYR A O   1 
ATOM   637  C  CB  . TYR A 1 76  ? 8.670   7.324   7.986   1.00 46.56 ? 109  TYR A CB  1 
ATOM   638  C  CG  . TYR A 1 76  ? 9.034   5.897   8.318   1.00 46.33 ? 109  TYR A CG  1 
ATOM   639  C  CD1 . TYR A 1 76  ? 10.356  5.471   8.268   1.00 47.20 ? 109  TYR A CD1 1 
ATOM   640  C  CD2 . TYR A 1 76  ? 8.065   4.986   8.702   1.00 46.37 ? 109  TYR A CD2 1 
ATOM   641  C  CE1 . TYR A 1 76  ? 10.703  4.174   8.583   1.00 47.01 ? 109  TYR A CE1 1 
ATOM   642  C  CE2 . TYR A 1 76  ? 8.398   3.698   9.034   1.00 47.31 ? 109  TYR A CE2 1 
ATOM   643  C  CZ  . TYR A 1 76  ? 9.723   3.295   8.975   1.00 47.11 ? 109  TYR A CZ  1 
ATOM   644  O  OH  . TYR A 1 76  ? 10.062  2.000   9.293   1.00 46.45 ? 109  TYR A OH  1 
ATOM   645  N  N   . ARG A 1 77  ? 9.584   10.337  7.868   1.00 49.42 ? 110  ARG A N   1 
ATOM   646  C  CA  . ARG A 1 77  ? 9.326   11.709  7.442   1.00 50.34 ? 110  ARG A CA  1 
ATOM   647  C  C   . ARG A 1 77  ? 8.396   11.645  6.223   1.00 50.65 ? 110  ARG A C   1 
ATOM   648  O  O   . ARG A 1 77  ? 8.828   11.448  5.074   1.00 51.57 ? 110  ARG A O   1 
ATOM   649  C  CB  . ARG A 1 77  ? 10.634  12.452  7.163   1.00 49.66 ? 110  ARG A CB  1 
ATOM   650  C  CG  . ARG A 1 77  ? 10.470  13.899  6.689   1.00 51.18 ? 110  ARG A CG  1 
ATOM   651  C  CD  . ARG A 1 77  ? 11.719  14.432  5.925   1.00 51.35 ? 110  ARG A CD  1 
ATOM   652  N  NE  . ARG A 1 77  ? 12.911  13.686  6.294   1.00 52.49 ? 110  ARG A NE  1 
ATOM   653  C  CZ  . ARG A 1 77  ? 13.489  12.760  5.530   1.00 53.22 ? 110  ARG A CZ  1 
ATOM   654  N  NH1 . ARG A 1 77  ? 13.033  12.463  4.308   1.00 51.11 ? 110  ARG A NH1 1 
ATOM   655  N  NH2 . ARG A 1 77  ? 14.548  12.129  6.004   1.00 55.22 ? 110  ARG A NH2 1 
ATOM   656  N  N   . ILE A 1 78  ? 7.098   11.757  6.486   1.00 50.40 ? 111  ILE A N   1 
ATOM   657  C  CA  . ILE A 1 78  ? 6.104   11.660  5.428   1.00 49.29 ? 111  ILE A CA  1 
ATOM   658  C  C   . ILE A 1 78  ? 5.484   13.041  5.263   1.00 49.33 ? 111  ILE A C   1 
ATOM   659  O  O   . ILE A 1 78  ? 4.648   13.460  6.069   1.00 49.54 ? 111  ILE A O   1 
ATOM   660  C  CB  . ILE A 1 78  ? 5.050   10.568  5.740   1.00 48.80 ? 111  ILE A CB  1 
ATOM   661  C  CG1 . ILE A 1 78  ? 5.720   9.370   6.440   1.00 47.60 ? 111  ILE A CG1 1 
ATOM   662  C  CG2 . ILE A 1 78  ? 4.313   10.166  4.479   1.00 49.12 ? 111  ILE A CG2 1 
ATOM   663  C  CD1 . ILE A 1 78  ? 4.992   8.063   6.319   1.00 46.69 ? 111  ILE A CD1 1 
ATOM   664  N  N   . GLY A 1 79  ? 5.949   13.763  4.247   1.00 48.76 ? 112  GLY A N   1 
ATOM   665  C  CA  . GLY A 1 79  ? 5.442   15.091  3.931   1.00 47.78 ? 112  GLY A CA  1 
ATOM   666  C  C   . GLY A 1 79  ? 4.737   15.021  2.597   1.00 47.93 ? 112  GLY A C   1 
ATOM   667  O  O   . GLY A 1 79  ? 4.577   13.941  2.016   1.00 47.28 ? 112  GLY A O   1 
ATOM   668  N  N   . ALA A 1 80  ? 4.311   16.173  2.093   1.00 48.40 ? 113  ALA A N   1 
ATOM   669  C  CA  . ALA A 1 80  ? 3.581   16.211  0.827   1.00 48.59 ? 113  ALA A CA  1 
ATOM   670  C  C   . ALA A 1 80  ? 4.359   15.494  -0.275  1.00 48.58 ? 113  ALA A C   1 
ATOM   671  O  O   . ALA A 1 80  ? 3.799   14.678  -1.014  1.00 48.89 ? 113  ALA A O   1 
ATOM   672  C  CB  . ALA A 1 80  ? 3.274   17.647  0.441   1.00 48.52 ? 113  ALA A CB  1 
ATOM   673  N  N   . GLU A 1 81  ? 5.654   15.787  -0.362  1.00 48.71 ? 114  GLU A N   1 
ATOM   674  C  CA  . GLU A 1 81  ? 6.538   15.192  -1.381  1.00 49.60 ? 114  GLU A CA  1 
ATOM   675  C  C   . GLU A 1 81  ? 6.580   13.667  -1.330  1.00 48.13 ? 114  GLU A C   1 
ATOM   676  O  O   . GLU A 1 81  ? 6.375   13.001  -2.353  1.00 48.35 ? 114  GLU A O   1 
ATOM   677  C  CB  . GLU A 1 81  ? 7.960   15.775  -1.297  1.00 49.50 ? 114  GLU A CB  1 
ATOM   678  C  CG  . GLU A 1 81  ? 8.932   15.240  -2.377  1.00 52.39 ? 114  GLU A CG  1 
ATOM   679  C  CD  . GLU A 1 81  ? 10.201  16.085  -2.525  1.00 52.70 ? 114  GLU A CD  1 
ATOM   680  O  OE1 . GLU A 1 81  ? 10.122  17.345  -2.414  1.00 57.72 ? 114  GLU A OE1 1 
ATOM   681  O  OE2 . GLU A 1 81  ? 11.275  15.481  -2.762  1.00 57.17 ? 114  GLU A OE2 1 
ATOM   682  N  N   . GLU A 1 82  ? 6.827   13.126  -0.139  1.00 46.96 ? 115  GLU A N   1 
ATOM   683  C  CA  . GLU A 1 82  ? 6.899   11.691  0.058   1.00 45.68 ? 115  GLU A CA  1 
ATOM   684  C  C   . GLU A 1 82  ? 5.575   11.021  -0.243  1.00 45.46 ? 115  GLU A C   1 
ATOM   685  O  O   . GLU A 1 82  ? 5.547   9.919   -0.806  1.00 46.28 ? 115  GLU A O   1 
ATOM   686  C  CB  . GLU A 1 82  ? 7.332   11.380  1.478   1.00 46.01 ? 115  GLU A CB  1 
ATOM   687  C  CG  . GLU A 1 82  ? 8.804   11.663  1.783   1.00 46.70 ? 115  GLU A CG  1 
ATOM   688  C  CD  . GLU A 1 82  ? 9.131   13.163  1.954   1.00 50.98 ? 115  GLU A CD  1 
ATOM   689  O  OE1 . GLU A 1 82  ? 10.350  13.498  2.083   1.00 52.43 ? 115  GLU A OE1 1 
ATOM   690  O  OE2 . GLU A 1 82  ? 8.187   14.004  1.961   1.00 49.21 ? 115  GLU A OE2 1 
ATOM   691  N  N   . ARG A 1 83  ? 4.475   11.699  0.096   1.00 44.15 ? 116  ARG A N   1 
ATOM   692  C  CA  . ARG A 1 83  ? 3.137   11.178  -0.119  1.00 43.25 ? 116  ARG A CA  1 
ATOM   693  C  C   . ARG A 1 83  ? 2.825   11.136  -1.613  1.00 43.45 ? 116  ARG A C   1 
ATOM   694  O  O   . ARG A 1 83  ? 2.291   10.140  -2.121  1.00 42.50 ? 116  ARG A O   1 
ATOM   695  C  CB  . ARG A 1 83  ? 2.111   12.053  0.639   1.00 43.24 ? 116  ARG A CB  1 
ATOM   696  C  CG  . ARG A 1 83  ? 0.633   11.892  0.233   1.00 40.96 ? 116  ARG A CG  1 
ATOM   697  C  CD  . ARG A 1 83  ? 0.081   13.113  -0.492  1.00 38.82 ? 116  ARG A CD  1 
ATOM   698  N  NE  . ARG A 1 83  ? 0.003   14.267  0.385   1.00 39.70 ? 116  ARG A NE  1 
ATOM   699  C  CZ  . ARG A 1 83  ? 0.058   15.549  -0.003  1.00 40.47 ? 116  ARG A CZ  1 
ATOM   700  N  NH1 . ARG A 1 83  ? 0.194   15.903  -1.285  1.00 36.69 ? 116  ARG A NH1 1 
ATOM   701  N  NH2 . ARG A 1 83  ? 0.003   16.490  0.928   1.00 40.16 ? 116  ARG A NH2 1 
ATOM   702  N  N   . ASP A 1 84  ? 3.138   12.236  -2.301  1.00 43.68 ? 117  ASP A N   1 
ATOM   703  C  CA  . ASP A 1 84  ? 2.870   12.329  -3.713  1.00 44.60 ? 117  ASP A CA  1 
ATOM   704  C  C   . ASP A 1 84  ? 3.627   11.256  -4.470  1.00 44.10 ? 117  ASP A C   1 
ATOM   705  O  O   . ASP A 1 84  ? 3.046   10.601  -5.327  1.00 44.23 ? 117  ASP A O   1 
ATOM   706  C  CB  . ASP A 1 84  ? 3.214   13.715  -4.235  1.00 45.72 ? 117  ASP A CB  1 
ATOM   707  C  CG  . ASP A 1 84  ? 2.215   14.776  -3.791  1.00 48.57 ? 117  ASP A CG  1 
ATOM   708  O  OD1 . ASP A 1 84  ? 2.588   15.964  -3.900  1.00 52.58 ? 117  ASP A OD1 1 
ATOM   709  O  OD2 . ASP A 1 84  ? 1.075   14.442  -3.339  1.00 51.40 ? 117  ASP A OD2 1 
ATOM   710  N  N   . ARG A 1 85  ? 4.897   11.028  -4.124  1.00 43.55 ? 118  ARG A N   1 
ATOM   711  C  CA  . ARG A 1 85  ? 5.651   9.935   -4.759  1.00 43.30 ? 118  ARG A CA  1 
ATOM   712  C  C   . ARG A 1 85  ? 5.049   8.592   -4.450  1.00 42.56 ? 118  ARG A C   1 
ATOM   713  O  O   . ARG A 1 85  ? 4.933   7.758   -5.329  1.00 43.06 ? 118  ARG A O   1 
ATOM   714  C  CB  . ARG A 1 85  ? 7.147   9.975   -4.406  1.00 44.07 ? 118  ARG A CB  1 
ATOM   715  C  CG  . ARG A 1 85  ? 7.822   11.242  -4.904  1.00 46.01 ? 118  ARG A CG  1 
ATOM   716  C  CD  . ARG A 1 85  ? 9.220   11.381  -4.387  1.00 53.92 ? 118  ARG A CD  1 
ATOM   717  N  NE  . ARG A 1 85  ? 10.210  11.089  -5.438  1.00 61.19 ? 118  ARG A NE  1 
ATOM   718  C  CZ  . ARG A 1 85  ? 11.094  11.961  -5.925  1.00 61.89 ? 118  ARG A CZ  1 
ATOM   719  N  NH1 . ARG A 1 85  ? 11.171  13.215  -5.476  1.00 62.00 ? 118  ARG A NH1 1 
ATOM   720  N  NH2 . ARG A 1 85  ? 11.932  11.553  -6.858  1.00 65.07 ? 118  ARG A NH2 1 
ATOM   721  N  N   . TRP A 1 86  ? 4.644   8.378   -3.200  1.00 42.00 ? 119  TRP A N   1 
ATOM   722  C  CA  . TRP A 1 86  ? 3.989   7.134   -2.819  1.00 40.59 ? 119  TRP A CA  1 
ATOM   723  C  C   . TRP A 1 86  ? 2.780   6.928   -3.706  1.00 41.00 ? 119  TRP A C   1 
ATOM   724  O  O   . TRP A 1 86  ? 2.596   5.849   -4.262  1.00 41.40 ? 119  TRP A O   1 
ATOM   725  C  CB  . TRP A 1 86  ? 3.581   7.179   -1.349  1.00 40.05 ? 119  TRP A CB  1 
ATOM   726  C  CG  . TRP A 1 86  ? 3.101   5.854   -0.746  1.00 38.30 ? 119  TRP A CG  1 
ATOM   727  C  CD1 . TRP A 1 86  ? 3.860   4.990   -0.023  1.00 37.36 ? 119  TRP A CD1 1 
ATOM   728  C  CD2 . TRP A 1 86  ? 1.771   5.288   -0.790  1.00 37.01 ? 119  TRP A CD2 1 
ATOM   729  N  NE1 . TRP A 1 86  ? 3.103   3.917   0.384   1.00 40.39 ? 119  TRP A NE1 1 
ATOM   730  C  CE2 . TRP A 1 86  ? 1.818   4.065   -0.075  1.00 39.44 ? 119  TRP A CE2 1 
ATOM   731  C  CE3 . TRP A 1 86  ? 0.548   5.695   -1.358  1.00 37.85 ? 119  TRP A CE3 1 
ATOM   732  C  CZ2 . TRP A 1 86  ? 0.683   3.223   0.089   1.00 39.47 ? 119  TRP A CZ2 1 
ATOM   733  C  CZ3 . TRP A 1 86  ? -0.598  4.858   -1.197  1.00 38.46 ? 119  TRP A CZ3 1 
ATOM   734  C  CH2 . TRP A 1 86  ? -0.517  3.644   -0.464  1.00 39.32 ? 119  TRP A CH2 1 
ATOM   735  N  N   . LEU A 1 87  ? 1.965   7.971   -3.850  1.00 41.34 ? 120  LEU A N   1 
ATOM   736  C  CA  . LEU A 1 87  ? 0.789   7.920   -4.723  1.00 41.74 ? 120  LEU A CA  1 
ATOM   737  C  C   . LEU A 1 87  ? 1.082   7.578   -6.190  1.00 42.21 ? 120  LEU A C   1 
ATOM   738  O  O   . LEU A 1 87  ? 0.347   6.775   -6.818  1.00 41.68 ? 120  LEU A O   1 
ATOM   739  C  CB  . LEU A 1 87  ? -0.031  9.215   -4.599  1.00 41.44 ? 120  LEU A CB  1 
ATOM   740  C  CG  . LEU A 1 87  ? -0.808  9.234   -3.260  1.00 41.32 ? 120  LEU A CG  1 
ATOM   741  C  CD1 . LEU A 1 87  ? -1.361  10.607  -2.892  1.00 41.42 ? 120  LEU A CD1 1 
ATOM   742  C  CD2 . LEU A 1 87  ? -1.911  8.184   -3.233  1.00 42.08 ? 120  LEU A CD2 1 
ATOM   743  N  N   . THR A 1 88  ? 2.146   8.180   -6.736  1.00 42.96 ? 121  THR A N   1 
ATOM   744  C  CA  . THR A 1 88  ? 2.515   7.975   -8.144  1.00 43.71 ? 121  THR A CA  1 
ATOM   745  C  C   . THR A 1 88  ? 2.751   6.469   -8.397  1.00 44.34 ? 121  THR A C   1 
ATOM   746  O  O   . THR A 1 88  ? 2.278   5.879   -9.387  1.00 43.71 ? 121  THR A O   1 
ATOM   747  C  CB  . THR A 1 88  ? 3.742   8.817   -8.510  1.00 44.69 ? 121  THR A CB  1 
ATOM   748  O  OG1 . THR A 1 88  ? 3.459   10.214  -8.280  1.00 43.91 ? 121  THR A OG1 1 
ATOM   749  C  CG2 . THR A 1 88  ? 4.178   8.580   -9.987  1.00 45.03 ? 121  THR A CG2 1 
ATOM   750  N  N   . HIS A 1 89  ? 3.416   5.818   -7.453  1.00 44.75 ? 122  HIS A N   1 
ATOM   751  C  CA  . HIS A 1 89  ? 3.652   4.405   -7.630  1.00 45.30 ? 122  HIS A CA  1 
ATOM   752  C  C   . HIS A 1 89  ? 2.446   3.557   -7.335  1.00 45.85 ? 122  HIS A C   1 
ATOM   753  O  O   . HIS A 1 89  ? 2.306   2.467   -7.914  1.00 46.51 ? 122  HIS A O   1 
ATOM   754  C  CB  . HIS A 1 89  ? 4.885   4.001   -6.863  1.00 45.05 ? 122  HIS A CB  1 
ATOM   755  C  CG  . HIS A 1 89  ? 6.045   4.866   -7.208  1.00 45.22 ? 122  HIS A CG  1 
ATOM   756  N  ND1 . HIS A 1 89  ? 6.690   5.654   -6.279  1.00 47.33 ? 122  HIS A ND1 1 
ATOM   757  C  CD2 . HIS A 1 89  ? 6.604   5.154   -8.407  1.00 41.97 ? 122  HIS A CD2 1 
ATOM   758  C  CE1 . HIS A 1 89  ? 7.631   6.358   -6.889  1.00 45.38 ? 122  HIS A CE1 1 
ATOM   759  N  NE2 . HIS A 1 89  ? 7.601   6.068   -8.178  1.00 44.70 ? 122  HIS A NE2 1 
ATOM   760  N  N   . MET A 1 90  ? 1.555   4.057   -6.472  1.00 46.31 ? 123  MET A N   1 
ATOM   761  C  CA  . MET A 1 90  ? 0.280   3.362   -6.247  1.00 46.73 ? 123  MET A CA  1 
ATOM   762  C  C   . MET A 1 90  ? -0.665  3.427   -7.433  1.00 47.21 ? 123  MET A C   1 
ATOM   763  O  O   . MET A 1 90  ? -1.266  2.421   -7.787  1.00 46.29 ? 123  MET A O   1 
ATOM   764  C  CB  . MET A 1 90  ? -0.412  3.832   -4.981  1.00 46.56 ? 123  MET A CB  1 
ATOM   765  C  CG  . MET A 1 90  ? -0.324  2.839   -3.873  1.00 45.42 ? 123  MET A CG  1 
ATOM   766  S  SD  . MET A 1 90  ? -0.674  1.130   -4.348  1.00 45.15 ? 123  MET A SD  1 
ATOM   767  C  CE  . MET A 1 90  ? -0.116  0.347   -2.828  1.00 45.64 ? 123  MET A CE  1 
ATOM   768  N  N   . ARG A 1 91  ? -0.762  4.606   -8.047  1.00 49.57 ? 124  ARG A N   1 
ATOM   769  C  CA  . ARG A 1 91  ? -1.604  4.843   -9.227  1.00 51.20 ? 124  ARG A CA  1 
ATOM   770  C  C   . ARG A 1 91  ? -1.204  3.874   -10.322 1.00 52.11 ? 124  ARG A C   1 
ATOM   771  O  O   . ARG A 1 91  ? -2.024  3.071   -10.777 1.00 53.06 ? 124  ARG A O   1 
ATOM   772  C  CB  . ARG A 1 91  ? -1.471  6.309   -9.694  1.00 51.82 ? 124  ARG A CB  1 
ATOM   773  C  CG  . ARG A 1 91  ? -2.325  6.752   -10.914 1.00 51.83 ? 124  ARG A CG  1 
ATOM   774  C  CD  . ARG A 1 91  ? -3.850  6.796   -10.644 1.00 59.54 ? 124  ARG A CD  1 
ATOM   775  N  NE  . ARG A 1 91  ? -4.529  5.512   -10.940 1.00 63.16 ? 124  ARG A NE  1 
ATOM   776  C  CZ  . ARG A 1 91  ? -5.834  5.267   -10.763 1.00 64.42 ? 124  ARG A CZ  1 
ATOM   777  N  NH1 . ARG A 1 91  ? -6.334  4.072   -11.055 1.00 64.77 ? 124  ARG A NH1 1 
ATOM   778  N  NH2 . ARG A 1 91  ? -6.650  6.203   -10.284 1.00 65.65 ? 124  ARG A NH2 1 
ATOM   779  N  N   . ALA A 1 92  ? 0.073   3.941   -10.710 1.00 53.12 ? 125  ALA A N   1 
ATOM   780  C  CA  . ALA A 1 92  ? 0.718   2.970   -11.616 1.00 53.06 ? 125  ALA A CA  1 
ATOM   781  C  C   . ALA A 1 92  ? 0.417   1.531   -11.244 1.00 53.02 ? 125  ALA A C   1 
ATOM   782  O  O   . ALA A 1 92  ? 0.090   0.731   -12.113 1.00 52.94 ? 125  ALA A O   1 
ATOM   783  C  CB  . ALA A 1 92  ? 2.220   3.187   -11.634 1.00 53.03 ? 125  ALA A CB  1 
ATOM   784  N  N   . ALA A 1 93  ? 0.531   1.201   -9.961  1.00 53.03 ? 126  ALA A N   1 
ATOM   785  C  CA  . ALA A 1 93  ? 0.262   -0.167  -9.523  1.00 53.83 ? 126  ALA A CA  1 
ATOM   786  C  C   . ALA A 1 93  ? -1.231  -0.556  -9.614  1.00 55.17 ? 126  ALA A C   1 
ATOM   787  O  O   . ALA A 1 93  ? -1.581  -1.711  -9.916  1.00 55.14 ? 126  ALA A O   1 
ATOM   788  C  CB  . ALA A 1 93  ? 0.780   -0.367  -8.149  1.00 53.02 ? 126  ALA A CB  1 
ATOM   789  N  N   . VAL A 1 94  ? -2.107  0.418   -9.349  1.00 56.52 ? 127  VAL A N   1 
ATOM   790  C  CA  . VAL A 1 94  ? -3.546  0.216   -9.488  1.00 57.30 ? 127  VAL A CA  1 
ATOM   791  C  C   . VAL A 1 94  ? -3.930  0.115   -10.975 1.00 58.23 ? 127  VAL A C   1 
ATOM   792  O  O   . VAL A 1 94  ? -4.643  -0.810  -11.360 1.00 58.29 ? 127  VAL A O   1 
ATOM   793  C  CB  . VAL A 1 94  ? -4.377  1.300   -8.704  1.00 57.47 ? 127  VAL A CB  1 
ATOM   794  C  CG1 . VAL A 1 94  ? -5.868  1.228   -9.061  1.00 56.33 ? 127  VAL A CG1 1 
ATOM   795  C  CG2 . VAL A 1 94  ? -4.205  1.110   -7.197  1.00 56.56 ? 127  VAL A CG2 1 
ATOM   796  N  N   . ASP A 1 95  ? -3.435  1.045   -11.795 1.00 59.13 ? 128  ASP A N   1 
ATOM   797  C  CA  . ASP A 1 95  ? -3.656  1.025   -13.239 1.00 60.38 ? 128  ASP A CA  1 
ATOM   798  C  C   . ASP A 1 95  ? -3.379  -0.325  -13.896 1.00 61.31 ? 128  ASP A C   1 
ATOM   799  O  O   . ASP A 1 95  ? -4.216  -0.828  -14.652 1.00 61.21 ? 128  ASP A O   1 
ATOM   800  C  CB  . ASP A 1 95  ? -2.812  2.102   -13.909 1.00 60.59 ? 128  ASP A CB  1 
ATOM   801  C  CG  . ASP A 1 95  ? -3.465  3.466   -13.847 1.00 61.56 ? 128  ASP A CG  1 
ATOM   802  O  OD1 . ASP A 1 95  ? -4.550  3.574   -13.251 1.00 63.10 ? 128  ASP A OD1 1 
ATOM   803  O  OD2 . ASP A 1 95  ? -2.910  4.441   -14.393 1.00 62.70 ? 128  ASP A OD2 1 
ATOM   804  N  N   . ASP A 1 96  ? -2.216  -0.914  -13.578 1.00 62.71 ? 129  ASP A N   1 
ATOM   805  C  CA  . ASP A 1 96  ? -1.760  -2.172  -14.198 1.00 63.87 ? 129  ASP A CA  1 
ATOM   806  C  C   . ASP A 1 96  ? -2.690  -3.291  -13.813 1.00 64.13 ? 129  ASP A C   1 
ATOM   807  O  O   . ASP A 1 96  ? -2.758  -4.316  -14.494 1.00 64.73 ? 129  ASP A O   1 
ATOM   808  C  CB  . ASP A 1 96  ? -0.326  -2.550  -13.786 1.00 63.91 ? 129  ASP A CB  1 
ATOM   809  C  CG  . ASP A 1 96  ? 0.696   -1.478  -14.138 1.00 66.55 ? 129  ASP A CG  1 
ATOM   810  O  OD1 . ASP A 1 96  ? 1.825   -1.549  -13.605 1.00 70.22 ? 129  ASP A OD1 1 
ATOM   811  O  OD2 . ASP A 1 96  ? 0.388   -0.546  -14.923 1.00 68.16 ? 129  ASP A OD2 1 
ATOM   812  N  N   . LEU A 1 97  ? -3.399  -3.091  -12.709 1.00 64.40 ? 130  LEU A N   1 
ATOM   813  C  CA  . LEU A 1 97  ? -4.329  -4.082  -12.186 1.00 64.62 ? 130  LEU A CA  1 
ATOM   814  C  C   . LEU A 1 97  ? -5.521  -4.201  -13.153 1.00 64.99 ? 130  LEU A C   1 
ATOM   815  O  O   . LEU A 1 97  ? -6.127  -5.284  -13.269 1.00 64.94 ? 130  LEU A O   1 
ATOM   816  C  CB  . LEU A 1 97  ? -4.778  -3.663  -10.784 1.00 64.49 ? 130  LEU A CB  1 
ATOM   817  C  CG  . LEU A 1 97  ? -4.927  -4.662  -9.629  1.00 65.10 ? 130  LEU A CG  1 
ATOM   818  C  CD1 . LEU A 1 97  ? -3.894  -5.797  -9.623  1.00 63.75 ? 130  LEU A CD1 1 
ATOM   819  C  CD2 . LEU A 1 97  ? -4.874  -3.892  -8.306  1.00 64.46 ? 130  LEU A CD2 1 
ATOM   820  N  N   . ALA A 1 98  ? -5.814  -3.090  -13.856 1.00 64.76 ? 131  ALA A N   1 
ATOM   821  C  CA  . ALA A 1 98  ? -6.892  -2.999  -14.854 1.00 64.67 ? 131  ALA A CA  1 
ATOM   822  C  C   . ALA A 1 98  ? -8.172  -3.584  -14.277 1.00 64.30 ? 131  ALA A C   1 
ATOM   823  O  O   . ALA A 1 98  ? -8.719  -4.580  -14.784 1.00 64.76 ? 131  ALA A O   1 
ATOM   824  C  CB  . ALA A 1 98  ? -6.503  -3.717  -16.164 1.00 64.97 ? 131  ALA A CB  1 
ATOM   825  N  N   . LEU A 1 99  ? -8.613  -2.983  -13.177 1.00 63.16 ? 132  LEU A N   1 
ATOM   826  C  CA  . LEU A 1 99  ? -9.790  -3.443  -12.488 1.00 61.56 ? 132  LEU A CA  1 
ATOM   827  C  C   . LEU A 1 99  ? -10.965 -2.721  -13.117 1.00 60.84 ? 132  LEU A C   1 
ATOM   828  O  O   . LEU A 1 99  ? -10.767 -1.663  -13.734 1.00 60.24 ? 132  LEU A O   1 
ATOM   829  C  CB  . LEU A 1 99  ? -9.689  -3.114  -11.003 1.00 61.33 ? 132  LEU A CB  1 
ATOM   830  C  CG  . LEU A 1 99  ? -8.812  -4.010  -10.143 1.00 60.22 ? 132  LEU A CG  1 
ATOM   831  C  CD1 . LEU A 1 99  ? -8.804  -3.444  -8.746  1.00 58.85 ? 132  LEU A CD1 1 
ATOM   832  C  CD2 . LEU A 1 99  ? -9.303  -5.449  -10.143 1.00 59.24 ? 132  LEU A CD2 1 
ATOM   833  N  N   . PRO A 1 100 ? -12.182 -3.299  -12.986 1.00 60.17 ? 133  PRO A N   1 
ATOM   834  C  CA  . PRO A 1 100 ? -13.385 -2.608  -13.426 1.00 59.51 ? 133  PRO A CA  1 
ATOM   835  C  C   . PRO A 1 100 ? -13.541 -1.288  -12.678 1.00 59.02 ? 133  PRO A C   1 
ATOM   836  O  O   . PRO A 1 100 ? -13.275 -1.222  -11.472 1.00 59.04 ? 133  PRO A O   1 
ATOM   837  C  CB  . PRO A 1 100 ? -14.510 -3.580  -13.081 1.00 59.38 ? 133  PRO A CB  1 
ATOM   838  C  CG  . PRO A 1 100 ? -13.928 -4.537  -12.118 1.00 60.01 ? 133  PRO A CG  1 
ATOM   839  C  CD  . PRO A 1 100 ? -12.489 -4.640  -12.451 1.00 60.18 ? 133  PRO A CD  1 
ATOM   840  N  N   . ALA A 1 101 ? -13.965 -0.271  -13.428 1.00 57.81 ? 134  ALA A N   1 
ATOM   841  C  CA  . ALA A 1 101 ? -14.058 1.113   -13.007 1.00 56.96 ? 134  ALA A CA  1 
ATOM   842  C  C   . ALA A 1 101 ? -14.379 1.335   -11.543 1.00 56.58 ? 134  ALA A C   1 
ATOM   843  O  O   . ALA A 1 101 ? -13.713 2.136   -10.890 1.00 56.85 ? 134  ALA A O   1 
ATOM   844  C  CB  . ALA A 1 101 ? -15.069 1.860   -13.882 1.00 56.51 ? 134  ALA A CB  1 
ATOM   845  N  N   . HIS A 1 102 ? -15.388 0.637   -11.027 1.00 55.87 ? 135  HIS A N   1 
ATOM   846  C  CA  . HIS A 1 102 ? -15.926 0.986   -9.714  1.00 55.11 ? 135  HIS A CA  1 
ATOM   847  C  C   . HIS A 1 102 ? -15.132 0.378   -8.615  1.00 54.48 ? 135  HIS A C   1 
ATOM   848  O  O   . HIS A 1 102 ? -15.009 0.965   -7.524  1.00 54.19 ? 135  HIS A O   1 
ATOM   849  C  CB  . HIS A 1 102 ? -17.384 0.565   -9.571  1.00 55.19 ? 135  HIS A CB  1 
ATOM   850  C  CG  . HIS A 1 102 ? -18.334 1.456   -10.303 1.00 54.59 ? 135  HIS A CG  1 
ATOM   851  N  ND1 . HIS A 1 102 ? -18.616 2.736   -9.886  1.00 52.67 ? 135  HIS A ND1 1 
ATOM   852  C  CD2 . HIS A 1 102 ? -19.062 1.253   -11.425 1.00 53.40 ? 135  HIS A CD2 1 
ATOM   853  C  CE1 . HIS A 1 102 ? -19.476 3.284   -10.722 1.00 52.69 ? 135  HIS A CE1 1 
ATOM   854  N  NE2 . HIS A 1 102 ? -19.758 2.406   -11.666 1.00 52.75 ? 135  HIS A NE2 1 
ATOM   855  N  N   . LEU A 1 103 ? -14.609 -0.808  -8.896  1.00 53.89 ? 136  LEU A N   1 
ATOM   856  C  CA  . LEU A 1 103 ? -13.778 -1.495  -7.918  1.00 54.00 ? 136  LEU A CA  1 
ATOM   857  C  C   . LEU A 1 103 ? -12.424 -0.786  -7.833  1.00 53.78 ? 136  LEU A C   1 
ATOM   858  O  O   . LEU A 1 103 ? -11.931 -0.539  -6.719  1.00 54.01 ? 136  LEU A O   1 
ATOM   859  C  CB  . LEU A 1 103 ? -13.677 -3.010  -8.197  1.00 53.94 ? 136  LEU A CB  1 
ATOM   860  C  CG  . LEU A 1 103 ? -15.020 -3.771  -8.249  1.00 53.77 ? 136  LEU A CG  1 
ATOM   861  C  CD1 . LEU A 1 103 ? -14.839 -5.211  -8.706  1.00 54.25 ? 136  LEU A CD1 1 
ATOM   862  C  CD2 . LEU A 1 103 ? -15.792 -3.703  -6.915  1.00 52.41 ? 136  LEU A CD2 1 
ATOM   863  N  N   . GLU A 1 104 ? -11.883 -0.405  -8.993  1.00 53.09 ? 137  GLU A N   1 
ATOM   864  C  CA  . GLU A 1 104 ? -10.667 0.393   -9.079  1.00 53.72 ? 137  GLU A CA  1 
ATOM   865  C  C   . GLU A 1 104 ? -10.829 1.627   -8.238  1.00 53.08 ? 137  GLU A C   1 
ATOM   866  O  O   . GLU A 1 104 ? -10.000 1.932   -7.379  1.00 52.96 ? 137  GLU A O   1 
ATOM   867  C  CB  . GLU A 1 104 ? -10.367 0.790   -10.542 1.00 53.72 ? 137  GLU A CB  1 
ATOM   868  C  CG  . GLU A 1 104 ? -9.157  1.730   -10.742 1.00 54.42 ? 137  GLU A CG  1 
ATOM   869  C  CD  . GLU A 1 104 ? -8.802  2.009   -12.232 1.00 55.82 ? 137  GLU A CD  1 
ATOM   870  O  OE1 . GLU A 1 104 ? -9.045  3.153   -12.688 1.00 58.51 ? 137  GLU A OE1 1 
ATOM   871  O  OE2 . GLU A 1 104 ? -8.267  1.109   -12.943 1.00 59.32 ? 137  GLU A OE2 1 
ATOM   872  N  N   . GLN A 1 105 ? -11.925 2.327   -8.473  1.00 53.14 ? 138  GLN A N   1 
ATOM   873  C  CA  . GLN A 1 105 ? -12.122 3.645   -7.890  1.00 53.23 ? 138  GLN A CA  1 
ATOM   874  C  C   . GLN A 1 105 ? -12.208 3.601   -6.378  1.00 51.96 ? 138  GLN A C   1 
ATOM   875  O  O   . GLN A 1 105 ? -11.738 4.513   -5.718  1.00 52.11 ? 138  GLN A O   1 
ATOM   876  C  CB  . GLN A 1 105 ? -13.368 4.292   -8.468  1.00 53.76 ? 138  GLN A CB  1 
ATOM   877  C  CG  . GLN A 1 105 ? -13.451 5.785   -8.242  1.00 57.76 ? 138  GLN A CG  1 
ATOM   878  C  CD  . GLN A 1 105 ? -14.861 6.329   -8.517  1.00 64.03 ? 138  GLN A CD  1 
ATOM   879  O  OE1 . GLN A 1 105 ? -15.329 7.245   -7.815  1.00 64.74 ? 138  GLN A OE1 1 
ATOM   880  N  NE2 . GLN A 1 105 ? -15.556 5.750   -9.533  1.00 63.70 ? 138  GLN A NE2 1 
ATOM   881  N  N   . GLN A 1 106 ? -12.808 2.549   -5.830  1.00 50.69 ? 139  GLN A N   1 
ATOM   882  C  CA  . GLN A 1 106 ? -12.943 2.442   -4.388  1.00 49.72 ? 139  GLN A CA  1 
ATOM   883  C  C   . GLN A 1 106 ? -11.583 2.201   -3.724  1.00 48.68 ? 139  GLN A C   1 
ATOM   884  O  O   . GLN A 1 106 ? -11.245 2.836   -2.730  1.00 48.21 ? 139  GLN A O   1 
ATOM   885  C  CB  . GLN A 1 106 ? -13.932 1.340   -4.033  1.00 50.04 ? 139  GLN A CB  1 
ATOM   886  C  CG  . GLN A 1 106 ? -13.748 0.787   -2.632  1.00 53.23 ? 139  GLN A CG  1 
ATOM   887  C  CD  . GLN A 1 106 ? -14.993 0.892   -1.767  1.00 59.18 ? 139  GLN A CD  1 
ATOM   888  O  OE1 . GLN A 1 106 ? -15.603 -0.131  -1.414  1.00 60.80 ? 139  GLN A OE1 1 
ATOM   889  N  NE2 . GLN A 1 106 ? -15.389 2.143   -1.415  1.00 59.54 ? 139  GLN A NE2 1 
ATOM   890  N  N   . LEU A 1 107 ? -10.822 1.270   -4.295  1.00 47.50 ? 140  LEU A N   1 
ATOM   891  C  CA  . LEU A 1 107 ? -9.473  0.950   -3.891  1.00 46.18 ? 140  LEU A CA  1 
ATOM   892  C  C   . LEU A 1 107 ? -8.562  2.160   -4.004  1.00 46.11 ? 140  LEU A C   1 
ATOM   893  O  O   . LEU A 1 107 ? -7.768  2.421   -3.100  1.00 46.65 ? 140  LEU A O   1 
ATOM   894  C  CB  . LEU A 1 107 ? -8.955  -0.173  -4.768  1.00 46.45 ? 140  LEU A CB  1 
ATOM   895  C  CG  . LEU A 1 107 ? -7.547  -0.708  -4.551  1.00 46.78 ? 140  LEU A CG  1 
ATOM   896  C  CD1 . LEU A 1 107 ? -7.368  -1.235  -3.117  1.00 46.10 ? 140  LEU A CD1 1 
ATOM   897  C  CD2 . LEU A 1 107 ? -7.238  -1.791  -5.592  1.00 45.39 ? 140  LEU A CD2 1 
ATOM   898  N  N   . TRP A 1 108 ? -8.696  2.921   -5.086  1.00 45.32 ? 141  TRP A N   1 
ATOM   899  C  CA  . TRP A 1 108 ? -7.906  4.124   -5.248  1.00 44.18 ? 141  TRP A CA  1 
ATOM   900  C  C   . TRP A 1 108 ? -8.246  5.137   -4.203  1.00 43.97 ? 141  TRP A C   1 
ATOM   901  O  O   . TRP A 1 108 ? -7.348  5.693   -3.547  1.00 44.75 ? 141  TRP A O   1 
ATOM   902  C  CB  . TRP A 1 108 ? -8.096  4.749   -6.624  1.00 43.85 ? 141  TRP A CB  1 
ATOM   903  C  CG  . TRP A 1 108 ? -7.235  5.999   -6.831  1.00 43.58 ? 141  TRP A CG  1 
ATOM   904  C  CD1 . TRP A 1 108 ? -7.664  7.237   -7.219  1.00 43.23 ? 141  TRP A CD1 1 
ATOM   905  C  CD2 . TRP A 1 108 ? -5.804  6.098   -6.680  1.00 41.90 ? 141  TRP A CD2 1 
ATOM   906  N  NE1 . TRP A 1 108 ? -6.596  8.101   -7.312  1.00 43.71 ? 141  TRP A NE1 1 
ATOM   907  C  CE2 . TRP A 1 108 ? -5.443  7.425   -6.997  1.00 42.54 ? 141  TRP A CE2 1 
ATOM   908  C  CE3 . TRP A 1 108 ? -4.794  5.183   -6.317  1.00 42.53 ? 141  TRP A CE3 1 
ATOM   909  C  CZ2 . TRP A 1 108 ? -4.110  7.882   -6.938  1.00 42.95 ? 141  TRP A CZ2 1 
ATOM   910  C  CZ3 . TRP A 1 108 ? -3.472  5.629   -6.261  1.00 43.35 ? 141  TRP A CZ3 1 
ATOM   911  C  CH2 . TRP A 1 108 ? -3.143  6.979   -6.567  1.00 43.47 ? 141  TRP A CH2 1 
ATOM   912  N  N   . GLU A 1 109 ? -9.533  5.401   -4.036  1.00 43.66 ? 142  GLU A N   1 
ATOM   913  C  CA  . GLU A 1 109 ? -9.964  6.426   -3.075  1.00 43.88 ? 142  GLU A CA  1 
ATOM   914  C  C   . GLU A 1 109 ? -9.397  6.111   -1.708  1.00 41.71 ? 142  GLU A C   1 
ATOM   915  O  O   . GLU A 1 109 ? -8.882  6.995   -1.033  1.00 41.75 ? 142  GLU A O   1 
ATOM   916  C  CB  . GLU A 1 109 ? -11.494 6.533   -2.993  1.00 44.48 ? 142  GLU A CB  1 
ATOM   917  C  CG  . GLU A 1 109 ? -11.984 7.661   -2.044  1.00 46.82 ? 142  GLU A CG  1 
ATOM   918  C  CD  . GLU A 1 109 ? -13.474 7.573   -1.661  1.00 47.10 ? 142  GLU A CD  1 
ATOM   919  O  OE1 . GLU A 1 109 ? -13.822 8.166   -0.613  1.00 50.10 ? 142  GLU A OE1 1 
ATOM   920  O  OE2 . GLU A 1 109 ? -14.279 6.921   -2.388  1.00 51.28 ? 142  GLU A OE2 1 
ATOM   921  N  N   . TYR A 1 110 ? -9.472  4.846   -1.314  1.00 40.12 ? 143  TYR A N   1 
ATOM   922  C  CA  . TYR A 1 110 ? -8.908  4.415   -0.043  1.00 39.32 ? 143  TYR A CA  1 
ATOM   923  C  C   . TYR A 1 110 ? -7.410  4.722   0.045   1.00 39.50 ? 143  TYR A C   1 
ATOM   924  O  O   . TYR A 1 110 ? -6.928  5.338   1.004   1.00 40.43 ? 143  TYR A O   1 
ATOM   925  C  CB  . TYR A 1 110 ? -9.117  2.928   0.183   1.00 38.31 ? 143  TYR A CB  1 
ATOM   926  C  CG  . TYR A 1 110 ? -8.246  2.443   1.300   1.00 38.63 ? 143  TYR A CG  1 
ATOM   927  C  CD1 . TYR A 1 110 ? -7.113  1.675   1.041   1.00 38.26 ? 143  TYR A CD1 1 
ATOM   928  C  CD2 . TYR A 1 110 ? -8.519  2.807   2.637   1.00 39.86 ? 143  TYR A CD2 1 
ATOM   929  C  CE1 . TYR A 1 110 ? -6.298  1.242   2.072   1.00 37.55 ? 143  TYR A CE1 1 
ATOM   930  C  CE2 . TYR A 1 110 ? -7.696  2.389   3.689   1.00 37.07 ? 143  TYR A CE2 1 
ATOM   931  C  CZ  . TYR A 1 110 ? -6.592  1.600   3.380   1.00 37.82 ? 143  TYR A CZ  1 
ATOM   932  O  OH  . TYR A 1 110 ? -5.772  1.177   4.381   1.00 37.79 ? 143  TYR A OH  1 
ATOM   933  N  N   . LEU A 1 111 ? -6.677  4.280   -0.962  1.00 38.94 ? 144  LEU A N   1 
ATOM   934  C  CA  . LEU A 1 111 ? -5.249  4.472   -1.019  1.00 38.14 ? 144  LEU A CA  1 
ATOM   935  C  C   . LEU A 1 111 ? -4.899  5.958   -0.950  1.00 38.37 ? 144  LEU A C   1 
ATOM   936  O  O   . LEU A 1 111 ? -3.995  6.367   -0.169  1.00 37.53 ? 144  LEU A O   1 
ATOM   937  C  CB  . LEU A 1 111 ? -4.758  3.833   -2.317  1.00 38.31 ? 144  LEU A CB  1 
ATOM   938  C  CG  . LEU A 1 111 ? -4.195  2.412   -2.386  1.00 36.42 ? 144  LEU A CG  1 
ATOM   939  C  CD1 . LEU A 1 111 ? -4.216  1.553   -1.114  1.00 32.97 ? 144  LEU A CD1 1 
ATOM   940  C  CD2 . LEU A 1 111 ? -4.782  1.721   -3.570  1.00 38.18 ? 144  LEU A CD2 1 
ATOM   941  N  N   . VAL A 1 112 ? -5.609  6.765   -1.756  1.00 37.98 ? 145  VAL A N   1 
ATOM   942  C  CA  . VAL A 1 112 ? -5.451  8.231   -1.677  1.00 38.14 ? 145  VAL A CA  1 
ATOM   943  C  C   . VAL A 1 112 ? -5.632  8.732   -0.255  1.00 38.54 ? 145  VAL A C   1 
ATOM   944  O  O   . VAL A 1 112 ? -4.691  9.312   0.290   1.00 39.32 ? 145  VAL A O   1 
ATOM   945  C  CB  . VAL A 1 112 ? -6.343  9.061   -2.695  1.00 38.00 ? 145  VAL A CB  1 
ATOM   946  C  CG1 . VAL A 1 112 ? -6.345  10.559  -2.351  1.00 36.82 ? 145  VAL A CG1 1 
ATOM   947  C  CG2 . VAL A 1 112 ? -5.867  8.873   -4.119  1.00 37.35 ? 145  VAL A CG2 1 
ATOM   948  N  N   . TYR A 1 113 ? -6.821  8.534   0.323   1.00 39.46 ? 146  TYR A N   1 
ATOM   949  C  CA  . TYR A 1 113 ? -7.130  8.960   1.703   1.00 40.92 ? 146  TYR A CA  1 
ATOM   950  C  C   . TYR A 1 113 ? -6.118  8.496   2.717   1.00 39.69 ? 146  TYR A C   1 
ATOM   951  O  O   . TYR A 1 113 ? -5.673  9.262   3.554   1.00 39.01 ? 146  TYR A O   1 
ATOM   952  C  CB  . TYR A 1 113 ? -8.495  8.436   2.145   1.00 43.71 ? 146  TYR A CB  1 
ATOM   953  C  CG  . TYR A 1 113 ? -9.595  9.375   1.756   1.00 48.59 ? 146  TYR A CG  1 
ATOM   954  C  CD1 . TYR A 1 113 ? -9.988  10.417  2.618   1.00 52.18 ? 146  TYR A CD1 1 
ATOM   955  C  CD2 . TYR A 1 113 ? -10.217 9.265   0.505   1.00 50.93 ? 146  TYR A CD2 1 
ATOM   956  C  CE1 . TYR A 1 113 ? -11.006 11.328  2.247   1.00 52.55 ? 146  TYR A CE1 1 
ATOM   957  C  CE2 . TYR A 1 113 ? -11.231 10.140  0.120   1.00 53.14 ? 146  TYR A CE2 1 
ATOM   958  C  CZ  . TYR A 1 113 ? -11.625 11.173  0.994   1.00 53.06 ? 146  TYR A CZ  1 
ATOM   959  O  OH  . TYR A 1 113 ? -12.628 12.058  0.595   1.00 54.26 ? 146  TYR A OH  1 
ATOM   960  N  N   . ALA A 1 114 ? -5.773  7.216   2.655   1.00 39.28 ? 147  ALA A N   1 
ATOM   961  C  CA  . ALA A 1 114 ? -4.845  6.640   3.609   1.00 39.15 ? 147  ALA A CA  1 
ATOM   962  C  C   . ALA A 1 114 ? -3.487  7.377   3.524   1.00 39.34 ? 147  ALA A C   1 
ATOM   963  O  O   . ALA A 1 114 ? -2.878  7.683   4.546   1.00 39.64 ? 147  ALA A O   1 
ATOM   964  C  CB  . ALA A 1 114 ? -4.717  5.124   3.383   1.00 38.44 ? 147  ALA A CB  1 
ATOM   965  N  N   . ALA A 1 115 ? -3.034  7.711   2.322   1.00 39.38 ? 148  ALA A N   1 
ATOM   966  C  CA  . ALA A 1 115 ? -1.716  8.358   2.191   1.00 40.41 ? 148  ALA A CA  1 
ATOM   967  C  C   . ALA A 1 115 ? -1.778  9.771   2.670   1.00 40.56 ? 148  ALA A C   1 
ATOM   968  O  O   . ALA A 1 115 ? -0.913  10.211  3.445   1.00 40.56 ? 148  ALA A O   1 
ATOM   969  C  CB  . ALA A 1 115 ? -1.203  8.303   0.764   1.00 40.72 ? 148  ALA A CB  1 
ATOM   970  N  N   . TYR A 1 116 ? -2.820  10.477  2.223   1.00 41.17 ? 149  TYR A N   1 
ATOM   971  C  CA  . TYR A 1 116 ? -3.098  11.829  2.711   1.00 41.30 ? 149  TYR A CA  1 
ATOM   972  C  C   . TYR A 1 116 ? -3.103  11.874  4.219   1.00 41.13 ? 149  TYR A C   1 
ATOM   973  O  O   . TYR A 1 116 ? -2.520  12.778  4.799   1.00 41.61 ? 149  TYR A O   1 
ATOM   974  C  CB  . TYR A 1 116 ? -4.386  12.370  2.110   1.00 41.70 ? 149  TYR A CB  1 
ATOM   975  C  CG  . TYR A 1 116 ? -4.098  13.104  0.822   1.00 41.57 ? 149  TYR A CG  1 
ATOM   976  C  CD1 . TYR A 1 116 ? -3.922  14.485  0.817   1.00 40.04 ? 149  TYR A CD1 1 
ATOM   977  C  CD2 . TYR A 1 116 ? -3.939  12.414  -0.372  1.00 42.77 ? 149  TYR A CD2 1 
ATOM   978  C  CE1 . TYR A 1 116 ? -3.627  15.184  -0.344  1.00 41.07 ? 149  TYR A CE1 1 
ATOM   979  C  CE2 . TYR A 1 116 ? -3.645  13.109  -1.579  1.00 43.32 ? 149  TYR A CE2 1 
ATOM   980  C  CZ  . TYR A 1 116 ? -3.494  14.495  -1.546  1.00 43.81 ? 149  TYR A CZ  1 
ATOM   981  O  OH  . TYR A 1 116 ? -3.186  15.199  -2.709  1.00 44.20 ? 149  TYR A OH  1 
ATOM   982  N  N   . ALA A 1 117 ? -3.695  10.850  4.828   1.00 41.15 ? 150  ALA A N   1 
ATOM   983  C  CA  . ALA A 1 117 ? -3.769  10.683  6.273   1.00 41.62 ? 150  ALA A CA  1 
ATOM   984  C  C   . ALA A 1 117 ? -2.443  10.275  6.885   1.00 42.22 ? 150  ALA A C   1 
ATOM   985  O  O   . ALA A 1 117 ? -2.185  10.558  8.060   1.00 42.69 ? 150  ALA A O   1 
ATOM   986  C  CB  . ALA A 1 117 ? -4.847  9.643   6.635   1.00 40.97 ? 150  ALA A CB  1 
ATOM   987  N  N   . MET A 1 118 ? -1.609  9.577   6.117   1.00 43.04 ? 151  MET A N   1 
ATOM   988  C  CA  . MET A 1 118 ? -0.319  9.126   6.639   1.00 43.46 ? 151  MET A CA  1 
ATOM   989  C  C   . MET A 1 118 ? 0.691   10.288  6.788   1.00 44.01 ? 151  MET A C   1 
ATOM   990  O  O   . MET A 1 118 ? 1.601   10.210  7.607   1.00 44.36 ? 151  MET A O   1 
ATOM   991  C  CB  . MET A 1 118 ? 0.245   8.020   5.762   1.00 43.35 ? 151  MET A CB  1 
ATOM   992  C  CG  . MET A 1 118 ? 0.999   6.982   6.533   1.00 43.29 ? 151  MET A CG  1 
ATOM   993  S  SD  . MET A 1 118 ? -0.097  5.885   7.466   1.00 42.58 ? 151  MET A SD  1 
ATOM   994  C  CE  . MET A 1 118 ? -1.085  5.204   6.148   1.00 44.49 ? 151  MET A CE  1 
ATOM   995  N  N   . VAL A 1 119 ? 0.519   11.367  6.020   1.00 44.06 ? 152  VAL A N   1 
ATOM   996  C  CA  . VAL A 1 119 ? 1.414   12.515  6.145   1.00 44.82 ? 152  VAL A CA  1 
ATOM   997  C  C   . VAL A 1 119 ? 1.474   12.910  7.611   1.00 46.29 ? 152  VAL A C   1 
ATOM   998  O  O   . VAL A 1 119 ? 0.432   13.076  8.255   1.00 46.16 ? 152  VAL A O   1 
ATOM   999  C  CB  . VAL A 1 119 ? 0.987   13.714  5.256   1.00 44.39 ? 152  VAL A CB  1 
ATOM   1000 C  CG1 . VAL A 1 119 ? 1.850   14.938  5.527   1.00 43.78 ? 152  VAL A CG1 1 
ATOM   1001 C  CG2 . VAL A 1 119 ? 1.026   13.342  3.776   1.00 42.84 ? 152  VAL A CG2 1 
ATOM   1002 N  N   . ASN A 1 120 ? 2.694   13.046  8.136   1.00 47.76 ? 153  ASN A N   1 
ATOM   1003 C  CA  . ASN A 1 120 ? 2.896   13.204  9.563   1.00 49.32 ? 153  ASN A CA  1 
ATOM   1004 C  C   . ASN A 1 120 ? 3.985   14.214  9.893   1.00 51.39 ? 153  ASN A C   1 
ATOM   1005 O  O   . ASN A 1 120 ? 4.525   14.262  11.019  1.00 51.09 ? 153  ASN A O   1 
ATOM   1006 C  CB  . ASN A 1 120 ? 3.254   11.845  10.160  1.00 49.03 ? 153  ASN A CB  1 
ATOM   1007 C  CG  . ASN A 1 120 ? 4.601   11.339  9.680   1.00 46.99 ? 153  ASN A CG  1 
ATOM   1008 O  OD1 . ASN A 1 120 ? 5.426   12.092  9.157   1.00 45.19 ? 153  ASN A OD1 1 
ATOM   1009 N  ND2 . ASN A 1 120 ? 4.824   10.059  9.850   1.00 44.90 ? 153  ASN A ND2 1 
ATOM   1010 N  N   . VAL A 1 121 ? 4.347   15.005  8.903   1.00 54.45 ? 154  VAL A N   1 
ATOM   1011 C  CA  . VAL A 1 121 ? 5.335   16.024  9.157   1.00 57.62 ? 154  VAL A CA  1 
ATOM   1012 C  C   . VAL A 1 121 ? 4.546   17.285  9.382   1.00 60.00 ? 154  VAL A C   1 
ATOM   1013 O  O   . VAL A 1 121 ? 3.824   17.726  8.460   1.00 60.24 ? 154  VAL A O   1 
ATOM   1014 C  CB  . VAL A 1 121 ? 6.390   16.150  8.015   1.00 57.50 ? 154  VAL A CB  1 
ATOM   1015 C  CG1 . VAL A 1 121 ? 7.298   17.340  8.230   1.00 56.93 ? 154  VAL A CG1 1 
ATOM   1016 C  CG2 . VAL A 1 121 ? 7.223   14.905  7.971   1.00 57.84 ? 154  VAL A CG2 1 
ATOM   1017 N  N   . PRO A 1 122 ? 4.649   17.846  10.619  1.00 62.35 ? 155  PRO A N   1 
ATOM   1018 C  CA  . PRO A 1 122 ? 4.032   19.147  10.905  1.00 64.10 ? 155  PRO A CA  1 
ATOM   1019 C  C   . PRO A 1 122 ? 4.628   20.165  9.916   1.00 66.14 ? 155  PRO A C   1 
ATOM   1020 O  O   . PRO A 1 122 ? 5.743   20.658  10.128  1.00 66.27 ? 155  PRO A O   1 
ATOM   1021 C  CB  . PRO A 1 122 ? 4.446   19.440  12.358  1.00 63.95 ? 155  PRO A CB  1 
ATOM   1022 C  CG  . PRO A 1 122 ? 5.512   18.441  12.722  1.00 63.07 ? 155  PRO A CG  1 
ATOM   1023 C  CD  . PRO A 1 122 ? 5.370   17.283  11.787  1.00 62.19 ? 155  PRO A CD  1 
ATOM   1024 N  N   . GLU A 1 123 ? 3.914   20.401  8.809   1.00 68.18 ? 156  GLU A N   1 
ATOM   1025 C  CA  . GLU A 1 123 ? 4.400   21.244  7.696   1.00 70.39 ? 156  GLU A CA  1 
ATOM   1026 C  C   . GLU A 1 123 ? 3.289   21.603  6.702   1.00 70.21 ? 156  GLU A C   1 
ATOM   1027 O  O   . GLU A 1 123 ? 2.111   21.345  6.953   1.00 70.61 ? 156  GLU A O   1 
ATOM   1028 C  CB  . GLU A 1 123 ? 5.555   20.562  6.948   1.00 70.33 ? 156  GLU A CB  1 
ATOM   1029 C  CG  . GLU A 1 123 ? 6.963   21.106  7.278   1.00 72.28 ? 156  GLU A CG  1 
ATOM   1030 C  CD  . GLU A 1 123 ? 8.063   20.480  6.389   1.00 73.08 ? 156  GLU A CD  1 
ATOM   1031 O  OE1 . GLU A 1 123 ? 8.985   19.817  6.932   1.00 75.92 ? 156  GLU A OE1 1 
ATOM   1032 O  OE2 . GLU A 1 123 ? 8.001   20.634  5.142   1.00 77.03 ? 156  GLU A OE2 1 
HETATM 1033 C  CHA . HEM B 2 .   ? 5.494   0.496   6.171   1.00 40.92 ? 1157 HEM A CHA 1 
HETATM 1034 C  CHB . HEM B 2 .   ? 6.495   4.742   4.052   1.00 39.42 ? 1157 HEM A CHB 1 
HETATM 1035 C  CHC . HEM B 2 .   ? 1.742   5.313   3.126   1.00 37.35 ? 1157 HEM A CHC 1 
HETATM 1036 C  CHD . HEM B 2 .   ? 0.890   0.780   4.446   1.00 39.05 ? 1157 HEM A CHD 1 
HETATM 1037 C  C1A . HEM B 2 .   ? 6.189   1.590   5.669   1.00 41.17 ? 1157 HEM A C1A 1 
HETATM 1038 C  C2A . HEM B 2 .   ? 7.618   1.778   5.691   1.00 42.57 ? 1157 HEM A C2A 1 
HETATM 1039 C  C3A . HEM B 2 .   ? 7.917   2.952   5.107   1.00 42.05 ? 1157 HEM A C3A 1 
HETATM 1040 C  C4A . HEM B 2 .   ? 6.664   3.544   4.691   1.00 39.70 ? 1157 HEM A C4A 1 
HETATM 1041 C  CMA . HEM B 2 .   ? 9.312   3.609   4.918   1.00 41.35 ? 1157 HEM A CMA 1 
HETATM 1042 C  CAA . HEM B 2 .   ? 8.578   0.762   6.318   1.00 45.32 ? 1157 HEM A CAA 1 
HETATM 1043 C  CBA . HEM B 2 .   ? 9.059   -0.137  5.178   1.00 51.75 ? 1157 HEM A CBA 1 
HETATM 1044 C  CGA . HEM B 2 .   ? 10.092  -1.102  5.707   1.00 55.85 ? 1157 HEM A CGA 1 
HETATM 1045 O  O1A . HEM B 2 .   ? 11.253  -1.040  5.209   1.00 59.21 ? 1157 HEM A O1A 1 
HETATM 1046 O  O2A . HEM B 2 .   ? 9.760   -1.925  6.619   1.00 58.72 ? 1157 HEM A O2A 1 
HETATM 1047 C  C1B . HEM B 2 .   ? 5.288   5.244   3.607   1.00 38.60 ? 1157 HEM A C1B 1 
HETATM 1048 C  C2B . HEM B 2 .   ? 5.119   6.499   2.898   1.00 38.78 ? 1157 HEM A C2B 1 
HETATM 1049 C  C3B . HEM B 2 .   ? 3.800   6.660   2.648   1.00 38.61 ? 1157 HEM A C3B 1 
HETATM 1050 C  C4B . HEM B 2 .   ? 3.102   5.515   3.185   1.00 37.06 ? 1157 HEM A C4B 1 
HETATM 1051 C  CMB . HEM B 2 .   ? 6.289   7.436   2.536   1.00 34.82 ? 1157 HEM A CMB 1 
HETATM 1052 C  CAB . HEM B 2 .   ? 3.120   7.836   1.914   1.00 39.40 ? 1157 HEM A CAB 1 
HETATM 1053 C  CBB . HEM B 2 .   ? 1.927   8.276   2.301   1.00 41.84 ? 1157 HEM A CBB 1 
HETATM 1054 C  C1C . HEM B 2 .   ? 1.060   4.147   3.355   1.00 35.25 ? 1157 HEM A C1C 1 
HETATM 1055 C  C2C . HEM B 2 .   ? -0.336  3.852   3.089   1.00 37.56 ? 1157 HEM A C2C 1 
HETATM 1056 C  C3C . HEM B 2 .   ? -0.552  2.567   3.471   1.00 37.72 ? 1157 HEM A C3C 1 
HETATM 1057 C  C4C . HEM B 2 .   ? 0.690   2.047   3.974   1.00 37.90 ? 1157 HEM A C4C 1 
HETATM 1058 C  CMC . HEM B 2 .   ? -1.333  4.881   2.485   1.00 35.22 ? 1157 HEM A CMC 1 
HETATM 1059 C  CAC . HEM B 2 .   ? -1.807  1.672   3.480   1.00 37.98 ? 1157 HEM A CAC 1 
HETATM 1060 C  CBC . HEM B 2 .   ? -2.884  1.887   2.730   1.00 41.13 ? 1157 HEM A CBC 1 
HETATM 1061 C  C1D . HEM B 2 .   ? 2.007   0.310   5.091   1.00 40.58 ? 1157 HEM A C1D 1 
HETATM 1062 C  C2D . HEM B 2 .   ? 2.055   -0.924  5.839   1.00 40.90 ? 1157 HEM A C2D 1 
HETATM 1063 C  C3D . HEM B 2 .   ? 3.481   -1.009  6.393   1.00 44.17 ? 1157 HEM A C3D 1 
HETATM 1064 C  C4D . HEM B 2 .   ? 4.165   0.179   5.915   1.00 41.90 ? 1157 HEM A C4D 1 
HETATM 1065 C  CMD . HEM B 2 .   ? 0.919   -1.929  6.052   1.00 40.41 ? 1157 HEM A CMD 1 
HETATM 1066 C  CAD . HEM B 2 .   ? 4.043   -2.152  7.260   1.00 44.53 ? 1157 HEM A CAD 1 
HETATM 1067 C  CBD . HEM B 2 .   ? 3.104   -2.240  8.452   1.00 48.77 ? 1157 HEM A CBD 1 
HETATM 1068 C  CGD . HEM B 2 .   ? 3.738   -3.124  9.472   1.00 48.70 ? 1157 HEM A CGD 1 
HETATM 1069 O  O1D . HEM B 2 .   ? 4.839   -2.757  9.934   1.00 49.08 ? 1157 HEM A O1D 1 
HETATM 1070 O  O2D . HEM B 2 .   ? 3.136   -4.174  9.798   1.00 49.36 ? 1157 HEM A O2D 1 
HETATM 1071 N  NA  . HEM B 2 .   ? 5.643   2.692   5.045   1.00 39.37 ? 1157 HEM A NA  1 
HETATM 1072 N  NB  . HEM B 2 .   ? 4.037   4.677   3.754   1.00 37.87 ? 1157 HEM A NB  1 
HETATM 1073 N  NC  . HEM B 2 .   ? 1.636   3.032   3.884   1.00 37.77 ? 1157 HEM A NC  1 
HETATM 1074 N  ND  . HEM B 2 .   ? 3.250   0.922   5.156   1.00 39.59 ? 1157 HEM A ND  1 
HETATM 1075 FE FE  . HEM B 2 .   ? 3.545   2.877   4.512   1.00 38.91 ? 1157 HEM A FE  1 
HETATM 1076 C  C   . ACT C 3 .   ? 4.284   1.374   2.245   1.00 40.48 ? 1158 ACT A C   1 
HETATM 1077 O  O   . ACT C 3 .   ? 4.478   1.958   1.179   1.00 42.29 ? 1158 ACT A O   1 
HETATM 1078 O  OXT . ACT C 3 .   ? 3.722   2.098   3.049   1.00 39.15 ? 1158 ACT A OXT 1 
HETATM 1079 C  CH3 . ACT C 3 .   ? 4.661   -0.065  2.477   1.00 40.23 ? 1158 ACT A CH3 1 
HETATM 1080 O  O   . HOH D 4 .   ? -20.843 -14.663 0.597   1.00 62.28 ? 2001 HOH A O   1 
HETATM 1081 O  O   . HOH D 4 .   ? -16.603 -6.328  1.338   1.00 32.15 ? 2002 HOH A O   1 
HETATM 1082 O  O   . HOH D 4 .   ? -7.450  -15.681 -0.449  1.00 44.16 ? 2003 HOH A O   1 
HETATM 1083 O  O   . HOH D 4 .   ? -11.033 -14.866 -3.130  1.00 45.69 ? 2004 HOH A O   1 
HETATM 1084 O  O   . HOH D 4 .   ? -12.743 -12.158 -9.875  1.00 56.50 ? 2005 HOH A O   1 
HETATM 1085 O  O   . HOH D 4 .   ? -7.079  -13.207 -9.058  1.00 63.15 ? 2006 HOH A O   1 
HETATM 1086 O  O   . HOH D 4 .   ? -6.602  -15.423 -5.093  1.00 57.14 ? 2007 HOH A O   1 
HETATM 1087 O  O   . HOH D 4 .   ? -1.290  -17.340 -8.242  1.00 63.62 ? 2008 HOH A O   1 
HETATM 1088 O  O   . HOH D 4 .   ? -21.060 -17.151 1.019   1.00 53.15 ? 2009 HOH A O   1 
HETATM 1089 O  O   . HOH D 4 .   ? 3.114   -8.940  -3.923  1.00 65.83 ? 2010 HOH A O   1 
HETATM 1090 O  O   . HOH D 4 .   ? -3.927  -7.677  -13.050 1.00 68.66 ? 2011 HOH A O   1 
HETATM 1091 O  O   . HOH D 4 .   ? -0.320  -14.493 -7.631  1.00 51.78 ? 2012 HOH A O   1 
HETATM 1092 O  O   . HOH D 4 .   ? 9.794   -10.518 -14.470 1.00 53.37 ? 2013 HOH A O   1 
HETATM 1093 O  O   . HOH D 4 .   ? 2.853   -10.620 -9.251  1.00 55.92 ? 2014 HOH A O   1 
HETATM 1094 O  O   . HOH D 4 .   ? 5.402   -2.026  3.666   1.00 58.05 ? 2015 HOH A O   1 
HETATM 1095 O  O   . HOH D 4 .   ? 3.609   -14.206 -2.111  1.00 50.20 ? 2016 HOH A O   1 
HETATM 1096 O  O   . HOH D 4 .   ? -9.243  1.891   9.438   1.00 54.81 ? 2017 HOH A O   1 
HETATM 1097 O  O   . HOH D 4 .   ? -7.553  -1.457  12.387  1.00 46.50 ? 2018 HOH A O   1 
HETATM 1098 O  O   . HOH D 4 .   ? -4.223  0.264   17.621  1.00 64.57 ? 2019 HOH A O   1 
HETATM 1099 O  O   . HOH D 4 .   ? -0.131  6.955   16.657  0.50 44.37 ? 2020 HOH A O   1 
HETATM 1100 O  O   . HOH D 4 .   ? 9.918   16.805  4.989   1.00 36.57 ? 2021 HOH A O   1 
HETATM 1101 O  O   . HOH D 4 .   ? 8.922   -11.805 4.118   1.00 63.41 ? 2022 HOH A O   1 
HETATM 1102 O  O   . HOH D 4 .   ? -1.347  10.765  -7.813  1.00 52.72 ? 2023 HOH A O   1 
HETATM 1103 O  O   . HOH D 4 .   ? 4.580   -11.605 -2.762  1.00 65.52 ? 2024 HOH A O   1 
HETATM 1104 O  O   . HOH D 4 .   ? 0.939   -0.409  -18.884 1.00 61.99 ? 2025 HOH A O   1 
HETATM 1105 O  O   . HOH D 4 .   ? -3.829  -10.241 5.968   1.00 43.69 ? 2026 HOH A O   1 
HETATM 1106 O  O   . HOH D 4 .   ? -12.681 9.201   -5.225  1.00 58.32 ? 2027 HOH A O   1 
HETATM 1107 O  O   . HOH D 4 .   ? -5.328  4.509   7.621   1.00 46.00 ? 2028 HOH A O   1 
HETATM 1108 O  O   . HOH D 4 .   ? -7.427  5.860   6.814   1.00 47.42 ? 2029 HOH A O   1 
HETATM 1109 O  O   . HOH D 4 .   ? -11.940 14.550  -5.292  1.00 52.32 ? 2030 HOH A O   1 
HETATM 1110 O  O   . HOH D 4 .   ? -10.092 12.611  -4.789  1.00 53.62 ? 2031 HOH A O   1 
HETATM 1111 O  O   . HOH D 4 .   ? -7.685  -4.407  9.227   1.00 39.64 ? 2032 HOH A O   1 
HETATM 1112 O  O   . HOH D 4 .   ? -10.243 -9.313  7.089   1.00 54.14 ? 2033 HOH A O   1 
HETATM 1113 O  O   . HOH D 4 .   ? -10.614 1.934   7.377   1.00 68.58 ? 2034 HOH A O   1 
HETATM 1114 O  O   . HOH D 4 .   ? -2.619  -15.157 3.947   1.00 44.56 ? 2035 HOH A O   1 
HETATM 1115 O  O   . HOH D 4 .   ? -7.448  -3.800  14.350  1.00 67.43 ? 2036 HOH A O   1 
HETATM 1116 O  O   . HOH D 4 .   ? -6.710  -5.884  14.447  1.00 45.44 ? 2037 HOH A O   1 
HETATM 1117 O  O   . HOH D 4 .   ? -2.446  -1.638  18.483  1.00 62.73 ? 2038 HOH A O   1 
HETATM 1118 O  O   . HOH D 4 .   ? -5.536  -0.346  14.035  1.00 48.96 ? 2039 HOH A O   1 
HETATM 1119 O  O   . HOH D 4 .   ? 2.819   1.092   17.136  1.00 82.21 ? 2040 HOH A O   1 
HETATM 1120 O  O   . HOH D 4 .   ? -4.632  1.651   10.773  1.00 37.07 ? 2041 HOH A O   1 
HETATM 1121 O  O   . HOH D 4 .   ? -3.692  4.634   12.283  1.00 42.22 ? 2042 HOH A O   1 
HETATM 1122 O  O   . HOH D 4 .   ? 3.017   8.953   12.123  1.00 54.14 ? 2043 HOH A O   1 
HETATM 1123 O  O   . HOH D 4 .   ? -9.017  7.592   12.089  1.00 46.16 ? 2044 HOH A O   1 
HETATM 1124 O  O   . HOH D 4 .   ? -2.688  4.552   14.608  1.00 36.42 ? 2045 HOH A O   1 
HETATM 1125 O  O   . HOH D 4 .   ? -1.283  7.758   15.115  0.50 41.61 ? 2046 HOH A O   1 
HETATM 1126 O  O   . HOH D 4 .   ? 7.311   17.698  0.888   1.00 55.55 ? 2047 HOH A O   1 
HETATM 1127 O  O   . HOH D 4 .   ? 10.710  15.606  3.100   1.00 51.97 ? 2048 HOH A O   1 
HETATM 1128 O  O   . HOH D 4 .   ? 0.694   12.071  -7.365  1.00 47.04 ? 2049 HOH A O   1 
HETATM 1129 O  O   . HOH D 4 .   ? 10.091  6.459   -10.129 1.00 39.86 ? 2050 HOH A O   1 
HETATM 1130 O  O   . HOH D 4 .   ? 5.555   3.217   -10.476 1.00 44.71 ? 2051 HOH A O   1 
HETATM 1131 O  O   . HOH D 4 .   ? 4.275   -0.966  -12.280 1.00 50.86 ? 2052 HOH A O   1 
HETATM 1132 O  O   . HOH D 4 .   ? 1.376   0.970   -16.718 1.00 58.82 ? 2053 HOH A O   1 
HETATM 1133 O  O   . HOH D 4 .   ? 3.363   -3.528  -12.920 1.00 43.54 ? 2054 HOH A O   1 
HETATM 1134 O  O   . HOH D 4 .   ? -15.412 -0.526  -16.069 1.00 54.66 ? 2055 HOH A O   1 
HETATM 1135 O  O   . HOH D 4 .   ? -19.940 1.447   -14.855 1.00 51.47 ? 2056 HOH A O   1 
HETATM 1136 O  O   . HOH D 4 .   ? -6.722  11.317  -7.801  1.00 39.05 ? 2057 HOH A O   1 
HETATM 1137 O  O   . HOH D 4 .   ? -14.537 6.953   -4.983  1.00 59.90 ? 2058 HOH A O   1 
HETATM 1138 O  O   . HOH D 4 .   ? -6.633  2.638   6.723   1.00 48.10 ? 2059 HOH A O   1 
HETATM 1139 O  O   . HOH D 4 .   ? -11.615 13.878  -1.248  1.00 54.11 ? 2060 HOH A O   1 
HETATM 1140 O  O   . HOH D 4 .   ? -1.773  15.042  3.674   1.00 60.32 ? 2061 HOH A O   1 
HETATM 1141 O  O   . HOH D 4 .   ? 7.201   -2.661  5.917   1.00 43.91 ? 2062 HOH A O   1 
HETATM 1142 O  O   . HOH D 4 .   ? 11.442  -2.121  9.599   1.00 47.53 ? 2063 HOH A O   1 
# 
loop_
_pdbx_poly_seq_scheme.asym_id 
_pdbx_poly_seq_scheme.entity_id 
_pdbx_poly_seq_scheme.seq_id 
_pdbx_poly_seq_scheme.mon_id 
_pdbx_poly_seq_scheme.ndb_seq_num 
_pdbx_poly_seq_scheme.pdb_seq_num 
_pdbx_poly_seq_scheme.auth_seq_num 
_pdbx_poly_seq_scheme.pdb_mon_id 
_pdbx_poly_seq_scheme.auth_mon_id 
_pdbx_poly_seq_scheme.pdb_strand_id 
_pdbx_poly_seq_scheme.pdb_ins_code 
_pdbx_poly_seq_scheme.hetero 
A 1 1   MET 1   34  34  MET MET A . n 
A 1 2   THR 2   35  35  THR THR A . n 
A 1 3   PHE 3   36  36  PHE PHE A . n 
A 1 4   TYR 4   37  37  TYR TYR A . n 
A 1 5   GLU 5   38  38  GLU GLU A . n 
A 1 6   ALA 6   39  39  ALA ALA A . n 
A 1 7   VAL 7   40  40  VAL VAL A . n 
A 1 8   GLY 8   41  41  GLY GLY A . n 
A 1 9   GLY 9   42  42  GLY GLY A . n 
A 1 10  GLU 10  43  43  GLU GLU A . n 
A 1 11  GLU 11  44  44  GLU GLU A . n 
A 1 12  THR 12  45  45  THR THR A . n 
A 1 13  PHE 13  46  46  PHE PHE A . n 
A 1 14  THR 14  47  47  THR THR A . n 
A 1 15  ARG 15  48  48  ARG ARG A . n 
A 1 16  LEU 16  49  49  LEU LEU A . n 
A 1 17  ALA 17  50  50  ALA ALA A . n 
A 1 18  ARG 18  51  51  ARG ARG A . n 
A 1 19  ARG 19  52  52  ARG ARG A . n 
A 1 20  PHE 20  53  53  PHE PHE A . n 
A 1 21  TYR 21  54  54  TYR TYR A . n 
A 1 22  GLU 22  55  55  GLU GLU A . n 
A 1 23  GLY 23  56  56  GLY GLY A . n 
A 1 24  VAL 24  57  57  VAL VAL A . n 
A 1 25  ALA 25  58  58  ALA ALA A . n 
A 1 26  ALA 26  59  59  ALA ALA A . n 
A 1 27  ASP 27  60  60  ASP ASP A . n 
A 1 28  PRO 28  61  61  PRO PRO A . n 
A 1 29  VAL 29  62  62  VAL VAL A . n 
A 1 30  LEU 30  63  63  LEU LEU A . n 
A 1 31  ARG 31  64  64  ARG ARG A . n 
A 1 32  PRO 32  65  65  PRO PRO A . n 
A 1 33  MET 33  66  66  MET MET A . n 
A 1 34  TYR 34  67  67  TYR TYR A . n 
A 1 35  PRO 35  68  68  PRO PRO A . n 
A 1 36  GLU 36  69  69  GLU GLU A . n 
A 1 37  GLU 37  70  70  GLU GLU A . n 
A 1 38  ASP 38  71  71  ASP ASP A . n 
A 1 39  LEU 39  72  72  LEU LEU A . n 
A 1 40  GLY 40  73  73  GLY GLY A . n 
A 1 41  PRO 41  74  74  PRO PRO A . n 
A 1 42  ALA 42  75  75  ALA ALA A . n 
A 1 43  GLU 43  76  76  GLU GLU A . n 
A 1 44  GLU 44  77  77  GLU GLU A . n 
A 1 45  ARG 45  78  78  ARG ARG A . n 
A 1 46  LEU 46  79  79  LEU LEU A . n 
A 1 47  ARG 47  80  80  ARG ARG A . n 
A 1 48  LEU 48  81  81  LEU LEU A . n 
A 1 49  PHE 49  82  82  PHE PHE A . n 
A 1 50  LEU 50  83  83  LEU LEU A . n 
A 1 51  MET 51  84  84  MET MET A . n 
A 1 52  GLN 52  85  85  GLN GLN A . n 
A 1 53  TYR 53  86  86  TYR TYR A . n 
A 1 54  TRP 54  87  87  TRP TRP A . n 
A 1 55  GLY 55  88  88  GLY GLY A . n 
A 1 56  GLY 56  89  89  GLY GLY A . n 
A 1 57  PRO 57  90  90  PRO PRO A . n 
A 1 58  ARG 58  91  91  ARG ARG A . n 
A 1 59  THR 59  92  92  THR THR A . n 
A 1 60  TYR 60  93  93  TYR TYR A . n 
A 1 61  SER 61  94  94  SER SER A . n 
A 1 62  GLU 62  95  95  GLU GLU A . n 
A 1 63  ARG 63  96  96  ARG ARG A . n 
A 1 64  ARG 64  97  97  ARG ARG A . n 
A 1 65  GLY 65  98  98  GLY GLY A . n 
A 1 66  HIS 66  99  99  HIS HIS A . n 
A 1 67  PRO 67  100 100 PRO PRO A . n 
A 1 68  ARG 68  101 101 ARG ARG A . n 
A 1 69  LEU 69  102 102 LEU LEU A . n 
A 1 70  ARG 70  103 103 ARG ARG A . n 
A 1 71  MET 71  104 104 MET MET A . n 
A 1 72  ARG 72  105 105 ARG ARG A . n 
A 1 73  HIS 73  106 106 HIS HIS A . n 
A 1 74  PHE 74  107 107 PHE PHE A . n 
A 1 75  PRO 75  108 108 PRO PRO A . n 
A 1 76  TYR 76  109 109 TYR TYR A . n 
A 1 77  ARG 77  110 110 ARG ARG A . n 
A 1 78  ILE 78  111 111 ILE ILE A . n 
A 1 79  GLY 79  112 112 GLY GLY A . n 
A 1 80  ALA 80  113 113 ALA ALA A . n 
A 1 81  GLU 81  114 114 GLU GLU A . n 
A 1 82  GLU 82  115 115 GLU GLU A . n 
A 1 83  ARG 83  116 116 ARG ARG A . n 
A 1 84  ASP 84  117 117 ASP ASP A . n 
A 1 85  ARG 85  118 118 ARG ARG A . n 
A 1 86  TRP 86  119 119 TRP TRP A . n 
A 1 87  LEU 87  120 120 LEU LEU A . n 
A 1 88  THR 88  121 121 THR THR A . n 
A 1 89  HIS 89  122 122 HIS HIS A . n 
A 1 90  MET 90  123 123 MET MET A . n 
A 1 91  ARG 91  124 124 ARG ARG A . n 
A 1 92  ALA 92  125 125 ALA ALA A . n 
A 1 93  ALA 93  126 126 ALA ALA A . n 
A 1 94  VAL 94  127 127 VAL VAL A . n 
A 1 95  ASP 95  128 128 ASP ASP A . n 
A 1 96  ASP 96  129 129 ASP ASP A . n 
A 1 97  LEU 97  130 130 LEU LEU A . n 
A 1 98  ALA 98  131 131 ALA ALA A . n 
A 1 99  LEU 99  132 132 LEU LEU A . n 
A 1 100 PRO 100 133 133 PRO PRO A . n 
A 1 101 ALA 101 134 134 ALA ALA A . n 
A 1 102 HIS 102 135 135 HIS HIS A . n 
A 1 103 LEU 103 136 136 LEU LEU A . n 
A 1 104 GLU 104 137 137 GLU GLU A . n 
A 1 105 GLN 105 138 138 GLN GLN A . n 
A 1 106 GLN 106 139 139 GLN GLN A . n 
A 1 107 LEU 107 140 140 LEU LEU A . n 
A 1 108 TRP 108 141 141 TRP TRP A . n 
A 1 109 GLU 109 142 142 GLU GLU A . n 
A 1 110 TYR 110 143 143 TYR TYR A . n 
A 1 111 LEU 111 144 144 LEU LEU A . n 
A 1 112 VAL 112 145 145 VAL VAL A . n 
A 1 113 TYR 113 146 146 TYR TYR A . n 
A 1 114 ALA 114 147 147 ALA ALA A . n 
A 1 115 ALA 115 148 148 ALA ALA A . n 
A 1 116 TYR 116 149 149 TYR TYR A . n 
A 1 117 ALA 117 150 150 ALA ALA A . n 
A 1 118 MET 118 151 151 MET MET A . n 
A 1 119 VAL 119 152 152 VAL VAL A . n 
A 1 120 ASN 120 153 153 ASN ASN A . n 
A 1 121 VAL 121 154 154 VAL VAL A . n 
A 1 122 PRO 122 155 155 PRO PRO A . n 
A 1 123 GLU 123 156 156 GLU GLU A . n 
# 
loop_
_pdbx_nonpoly_scheme.asym_id 
_pdbx_nonpoly_scheme.entity_id 
_pdbx_nonpoly_scheme.mon_id 
_pdbx_nonpoly_scheme.ndb_seq_num 
_pdbx_nonpoly_scheme.pdb_seq_num 
_pdbx_nonpoly_scheme.auth_seq_num 
_pdbx_nonpoly_scheme.pdb_mon_id 
_pdbx_nonpoly_scheme.auth_mon_id 
_pdbx_nonpoly_scheme.pdb_strand_id 
_pdbx_nonpoly_scheme.pdb_ins_code 
B 2 HEM 1  1157 1157 HEM HEM A . 
C 3 ACT 1  1158 1158 ACT ACT A . 
D 4 HOH 1  2001 2001 HOH HOH A . 
D 4 HOH 2  2002 2002 HOH HOH A . 
D 4 HOH 3  2003 2003 HOH HOH A . 
D 4 HOH 4  2004 2004 HOH HOH A . 
D 4 HOH 5  2005 2005 HOH HOH A . 
D 4 HOH 6  2006 2006 HOH HOH A . 
D 4 HOH 7  2007 2007 HOH HOH A . 
D 4 HOH 8  2008 2008 HOH HOH A . 
D 4 HOH 9  2009 2009 HOH HOH A . 
D 4 HOH 10 2010 2010 HOH HOH A . 
D 4 HOH 11 2011 2011 HOH HOH A . 
D 4 HOH 12 2012 2012 HOH HOH A . 
D 4 HOH 13 2013 2013 HOH HOH A . 
D 4 HOH 14 2014 2014 HOH HOH A . 
D 4 HOH 15 2015 2015 HOH HOH A . 
D 4 HOH 16 2016 2016 HOH HOH A . 
D 4 HOH 17 2017 2017 HOH HOH A . 
D 4 HOH 18 2018 2018 HOH HOH A . 
D 4 HOH 19 2019 2019 HOH HOH A . 
D 4 HOH 20 2020 2020 HOH HOH A . 
D 4 HOH 21 2021 2021 HOH HOH A . 
D 4 HOH 22 2022 2022 HOH HOH A . 
D 4 HOH 23 2023 2023 HOH HOH A . 
D 4 HOH 24 2024 2024 HOH HOH A . 
D 4 HOH 25 2025 2025 HOH HOH A . 
D 4 HOH 26 2026 2026 HOH HOH A . 
D 4 HOH 27 2027 2027 HOH HOH A . 
D 4 HOH 28 2028 2028 HOH HOH A . 
D 4 HOH 29 2029 2029 HOH HOH A . 
D 4 HOH 30 2030 2030 HOH HOH A . 
D 4 HOH 31 2031 2031 HOH HOH A . 
D 4 HOH 32 2032 2032 HOH HOH A . 
D 4 HOH 33 2033 2033 HOH HOH A . 
D 4 HOH 34 2034 2034 HOH HOH A . 
D 4 HOH 35 2035 2035 HOH HOH A . 
D 4 HOH 36 2036 2036 HOH HOH A . 
D 4 HOH 37 2037 2037 HOH HOH A . 
D 4 HOH 38 2038 2038 HOH HOH A . 
D 4 HOH 39 2039 2039 HOH HOH A . 
D 4 HOH 40 2040 2040 HOH HOH A . 
D 4 HOH 41 2041 2041 HOH HOH A . 
D 4 HOH 42 2042 2042 HOH HOH A . 
D 4 HOH 43 2043 2043 HOH HOH A . 
D 4 HOH 44 2044 2044 HOH HOH A . 
D 4 HOH 45 2045 2045 HOH HOH A . 
D 4 HOH 46 2046 2046 HOH HOH A . 
D 4 HOH 47 2047 2047 HOH HOH A . 
D 4 HOH 48 2048 2048 HOH HOH A . 
D 4 HOH 49 2049 2049 HOH HOH A . 
D 4 HOH 50 2050 2050 HOH HOH A . 
D 4 HOH 51 2051 2051 HOH HOH A . 
D 4 HOH 52 2052 2052 HOH HOH A . 
D 4 HOH 53 2053 2053 HOH HOH A . 
D 4 HOH 54 2054 2054 HOH HOH A . 
D 4 HOH 55 2055 2055 HOH HOH A . 
D 4 HOH 56 2056 2056 HOH HOH A . 
D 4 HOH 57 2057 2057 HOH HOH A . 
D 4 HOH 58 2058 2058 HOH HOH A . 
D 4 HOH 59 2059 2059 HOH HOH A . 
D 4 HOH 60 2060 2060 HOH HOH A . 
D 4 HOH 61 2061 2061 HOH HOH A . 
D 4 HOH 62 2062 2062 HOH HOH A . 
D 4 HOH 63 2063 2063 HOH HOH A . 
# 
_pdbx_struct_assembly.id                   1 
_pdbx_struct_assembly.details              author_and_software_defined_assembly 
_pdbx_struct_assembly.method_details       PQS 
_pdbx_struct_assembly.oligomeric_details   monomeric 
_pdbx_struct_assembly.oligomeric_count     1 
# 
_pdbx_struct_assembly_gen.assembly_id       1 
_pdbx_struct_assembly_gen.oper_expression   1 
_pdbx_struct_assembly_gen.asym_id_list      A,B,C,D 
# 
_pdbx_struct_oper_list.id                   1 
_pdbx_struct_oper_list.type                 'identity operation' 
_pdbx_struct_oper_list.name                 1_555 
_pdbx_struct_oper_list.symmetry_operation   x,y,z 
_pdbx_struct_oper_list.matrix[1][1]         1.0000000000 
_pdbx_struct_oper_list.matrix[1][2]         0.0000000000 
_pdbx_struct_oper_list.matrix[1][3]         0.0000000000 
_pdbx_struct_oper_list.vector[1]            0.0000000000 
_pdbx_struct_oper_list.matrix[2][1]         0.0000000000 
_pdbx_struct_oper_list.matrix[2][2]         1.0000000000 
_pdbx_struct_oper_list.matrix[2][3]         0.0000000000 
_pdbx_struct_oper_list.vector[2]            0.0000000000 
_pdbx_struct_oper_list.matrix[3][1]         0.0000000000 
_pdbx_struct_oper_list.matrix[3][2]         0.0000000000 
_pdbx_struct_oper_list.matrix[3][3]         1.0000000000 
_pdbx_struct_oper_list.vector[3]            0.0000000000 
# 
loop_
_pdbx_struct_conn_angle.id 
_pdbx_struct_conn_angle.ptnr1_label_atom_id 
_pdbx_struct_conn_angle.ptnr1_label_alt_id 
_pdbx_struct_conn_angle.ptnr1_label_asym_id 
_pdbx_struct_conn_angle.ptnr1_label_comp_id 
_pdbx_struct_conn_angle.ptnr1_label_seq_id 
_pdbx_struct_conn_angle.ptnr1_auth_atom_id 
_pdbx_struct_conn_angle.ptnr1_auth_asym_id 
_pdbx_struct_conn_angle.ptnr1_auth_comp_id 
_pdbx_struct_conn_angle.ptnr1_auth_seq_id 
_pdbx_struct_conn_angle.ptnr1_PDB_ins_code 
_pdbx_struct_conn_angle.ptnr1_symmetry 
_pdbx_struct_conn_angle.ptnr2_label_atom_id 
_pdbx_struct_conn_angle.ptnr2_label_alt_id 
_pdbx_struct_conn_angle.ptnr2_label_asym_id 
_pdbx_struct_conn_angle.ptnr2_label_comp_id 
_pdbx_struct_conn_angle.ptnr2_label_seq_id 
_pdbx_struct_conn_angle.ptnr2_auth_atom_id 
_pdbx_struct_conn_angle.ptnr2_auth_asym_id 
_pdbx_struct_conn_angle.ptnr2_auth_comp_id 
_pdbx_struct_conn_angle.ptnr2_auth_seq_id 
_pdbx_struct_conn_angle.ptnr2_PDB_ins_code 
_pdbx_struct_conn_angle.ptnr2_symmetry 
_pdbx_struct_conn_angle.ptnr3_label_atom_id 
_pdbx_struct_conn_angle.ptnr3_label_alt_id 
_pdbx_struct_conn_angle.ptnr3_label_asym_id 
_pdbx_struct_conn_angle.ptnr3_label_comp_id 
_pdbx_struct_conn_angle.ptnr3_label_seq_id 
_pdbx_struct_conn_angle.ptnr3_auth_atom_id 
_pdbx_struct_conn_angle.ptnr3_auth_asym_id 
_pdbx_struct_conn_angle.ptnr3_auth_comp_id 
_pdbx_struct_conn_angle.ptnr3_auth_seq_id 
_pdbx_struct_conn_angle.ptnr3_PDB_ins_code 
_pdbx_struct_conn_angle.ptnr3_symmetry 
_pdbx_struct_conn_angle.value 
_pdbx_struct_conn_angle.value_esd 
1  NE2 ? A HIS 73 ? A HIS 106  ? 1_555 FE ? B HEM . ? A HEM 1157 ? 1_555 NA  ? B HEM . ? A HEM 1157 ? 1_555 88.6  ? 
2  NE2 ? A HIS 73 ? A HIS 106  ? 1_555 FE ? B HEM . ? A HEM 1157 ? 1_555 NB  ? B HEM . ? A HEM 1157 ? 1_555 99.5  ? 
3  NA  ? B HEM .  ? A HEM 1157 ? 1_555 FE ? B HEM . ? A HEM 1157 ? 1_555 NB  ? B HEM . ? A HEM 1157 ? 1_555 86.1  ? 
4  NE2 ? A HIS 73 ? A HIS 106  ? 1_555 FE ? B HEM . ? A HEM 1157 ? 1_555 NC  ? B HEM . ? A HEM 1157 ? 1_555 95.3  ? 
5  NA  ? B HEM .  ? A HEM 1157 ? 1_555 FE ? B HEM . ? A HEM 1157 ? 1_555 NC  ? B HEM . ? A HEM 1157 ? 1_555 176.0 ? 
6  NB  ? B HEM .  ? A HEM 1157 ? 1_555 FE ? B HEM . ? A HEM 1157 ? 1_555 NC  ? B HEM . ? A HEM 1157 ? 1_555 92.6  ? 
7  NE2 ? A HIS 73 ? A HIS 106  ? 1_555 FE ? B HEM . ? A HEM 1157 ? 1_555 ND  ? B HEM . ? A HEM 1157 ? 1_555 86.0  ? 
8  NA  ? B HEM .  ? A HEM 1157 ? 1_555 FE ? B HEM . ? A HEM 1157 ? 1_555 ND  ? B HEM . ? A HEM 1157 ? 1_555 88.9  ? 
9  NB  ? B HEM .  ? A HEM 1157 ? 1_555 FE ? B HEM . ? A HEM 1157 ? 1_555 ND  ? B HEM . ? A HEM 1157 ? 1_555 172.5 ? 
10 NC  ? B HEM .  ? A HEM 1157 ? 1_555 FE ? B HEM . ? A HEM 1157 ? 1_555 ND  ? B HEM . ? A HEM 1157 ? 1_555 92.0  ? 
11 NE2 ? A HIS 73 ? A HIS 106  ? 1_555 FE ? B HEM . ? A HEM 1157 ? 1_555 OXT ? C ACT . ? A ACT 1158 ? 1_555 166.9 ? 
12 NA  ? B HEM .  ? A HEM 1157 ? 1_555 FE ? B HEM . ? A HEM 1157 ? 1_555 OXT ? C ACT . ? A ACT 1158 ? 1_555 94.2  ? 
13 NB  ? B HEM .  ? A HEM 1157 ? 1_555 FE ? B HEM . ? A HEM 1157 ? 1_555 OXT ? C ACT . ? A ACT 1158 ? 1_555 93.5  ? 
14 NC  ? B HEM .  ? A HEM 1157 ? 1_555 FE ? B HEM . ? A HEM 1157 ? 1_555 OXT ? C ACT . ? A ACT 1158 ? 1_555 82.2  ? 
15 ND  ? B HEM .  ? A HEM 1157 ? 1_555 FE ? B HEM . ? A HEM 1157 ? 1_555 OXT ? C ACT . ? A ACT 1158 ? 1_555 81.2  ? 
# 
loop_
_pdbx_audit_revision_history.ordinal 
_pdbx_audit_revision_history.data_content_type 
_pdbx_audit_revision_history.major_revision 
_pdbx_audit_revision_history.minor_revision 
_pdbx_audit_revision_history.revision_date 
1 'Structure model' 1 0 2005-07-20 
2 'Structure model' 1 1 2011-05-08 
3 'Structure model' 1 2 2011-07-13 
4 'Structure model' 1 3 2023-12-13 
# 
_pdbx_audit_revision_details.ordinal             1 
_pdbx_audit_revision_details.revision_ordinal    1 
_pdbx_audit_revision_details.data_content_type   'Structure model' 
_pdbx_audit_revision_details.provider            repository 
_pdbx_audit_revision_details.type                'Initial release' 
_pdbx_audit_revision_details.description         ? 
_pdbx_audit_revision_details.details             ? 
# 
loop_
_pdbx_audit_revision_group.ordinal 
_pdbx_audit_revision_group.revision_ordinal 
_pdbx_audit_revision_group.data_content_type 
_pdbx_audit_revision_group.group 
1 2 'Structure model' 'Version format compliance' 
2 3 'Structure model' 'Version format compliance' 
3 4 'Structure model' 'Data collection'           
4 4 'Structure model' 'Database references'       
5 4 'Structure model' Other                       
6 4 'Structure model' 'Refinement description'    
# 
loop_
_pdbx_audit_revision_category.ordinal 
_pdbx_audit_revision_category.revision_ordinal 
_pdbx_audit_revision_category.data_content_type 
_pdbx_audit_revision_category.category 
1 4 'Structure model' chem_comp_atom                
2 4 'Structure model' chem_comp_bond                
3 4 'Structure model' database_2                    
4 4 'Structure model' pdbx_database_status          
5 4 'Structure model' pdbx_initial_refinement_model 
# 
loop_
_pdbx_audit_revision_item.ordinal 
_pdbx_audit_revision_item.revision_ordinal 
_pdbx_audit_revision_item.data_content_type 
_pdbx_audit_revision_item.item 
1 4 'Structure model' '_database_2.pdbx_DOI'                 
2 4 'Structure model' '_database_2.pdbx_database_accession'  
3 4 'Structure model' '_pdbx_database_status.status_code_sf' 
# 
loop_
_software.name 
_software.classification 
_software.version 
_software.citation_id 
_software.pdbx_ordinal 
REFMAC    refinement       5.2.0005 ? 1 
DENZO     'data reduction' .        ? 2 
SCALEPACK 'data scaling'   .        ? 3 
MOLREP    phasing          .        ? 4 
# 
loop_
_pdbx_validate_torsion.id 
_pdbx_validate_torsion.PDB_model_num 
_pdbx_validate_torsion.auth_comp_id 
_pdbx_validate_torsion.auth_asym_id 
_pdbx_validate_torsion.auth_seq_id 
_pdbx_validate_torsion.PDB_ins_code 
_pdbx_validate_torsion.label_alt_id 
_pdbx_validate_torsion.phi 
_pdbx_validate_torsion.psi 
1 1 ARG A 101 ? ? 24.85   61.34 
2 1 ASN A 153 ? ? -140.31 15.40 
3 1 PRO A 155 ? ? -58.10  95.92 
# 
loop_
_pdbx_distant_solvent_atoms.id 
_pdbx_distant_solvent_atoms.PDB_model_num 
_pdbx_distant_solvent_atoms.auth_atom_id 
_pdbx_distant_solvent_atoms.label_alt_id 
_pdbx_distant_solvent_atoms.auth_asym_id 
_pdbx_distant_solvent_atoms.auth_comp_id 
_pdbx_distant_solvent_atoms.auth_seq_id 
_pdbx_distant_solvent_atoms.PDB_ins_code 
_pdbx_distant_solvent_atoms.neighbor_macromolecule_distance 
_pdbx_distant_solvent_atoms.neighbor_ligand_distance 
1 1 O ? A HOH 2030 ? 6.43 . 
2 1 O ? A HOH 2031 ? 5.98 . 
# 
loop_
_chem_comp_atom.comp_id 
_chem_comp_atom.atom_id 
_chem_comp_atom.type_symbol 
_chem_comp_atom.pdbx_aromatic_flag 
_chem_comp_atom.pdbx_stereo_config 
_chem_comp_atom.pdbx_ordinal 
ACT C    C  N N 1   
ACT O    O  N N 2   
ACT OXT  O  N N 3   
ACT CH3  C  N N 4   
ACT H1   H  N N 5   
ACT H2   H  N N 6   
ACT H3   H  N N 7   
ALA N    N  N N 8   
ALA CA   C  N S 9   
ALA C    C  N N 10  
ALA O    O  N N 11  
ALA CB   C  N N 12  
ALA OXT  O  N N 13  
ALA H    H  N N 14  
ALA H2   H  N N 15  
ALA HA   H  N N 16  
ALA HB1  H  N N 17  
ALA HB2  H  N N 18  
ALA HB3  H  N N 19  
ALA HXT  H  N N 20  
ARG N    N  N N 21  
ARG CA   C  N S 22  
ARG C    C  N N 23  
ARG O    O  N N 24  
ARG CB   C  N N 25  
ARG CG   C  N N 26  
ARG CD   C  N N 27  
ARG NE   N  N N 28  
ARG CZ   C  N N 29  
ARG NH1  N  N N 30  
ARG NH2  N  N N 31  
ARG OXT  O  N N 32  
ARG H    H  N N 33  
ARG H2   H  N N 34  
ARG HA   H  N N 35  
ARG HB2  H  N N 36  
ARG HB3  H  N N 37  
ARG HG2  H  N N 38  
ARG HG3  H  N N 39  
ARG HD2  H  N N 40  
ARG HD3  H  N N 41  
ARG HE   H  N N 42  
ARG HH11 H  N N 43  
ARG HH12 H  N N 44  
ARG HH21 H  N N 45  
ARG HH22 H  N N 46  
ARG HXT  H  N N 47  
ASN N    N  N N 48  
ASN CA   C  N S 49  
ASN C    C  N N 50  
ASN O    O  N N 51  
ASN CB   C  N N 52  
ASN CG   C  N N 53  
ASN OD1  O  N N 54  
ASN ND2  N  N N 55  
ASN OXT  O  N N 56  
ASN H    H  N N 57  
ASN H2   H  N N 58  
ASN HA   H  N N 59  
ASN HB2  H  N N 60  
ASN HB3  H  N N 61  
ASN HD21 H  N N 62  
ASN HD22 H  N N 63  
ASN HXT  H  N N 64  
ASP N    N  N N 65  
ASP CA   C  N S 66  
ASP C    C  N N 67  
ASP O    O  N N 68  
ASP CB   C  N N 69  
ASP CG   C  N N 70  
ASP OD1  O  N N 71  
ASP OD2  O  N N 72  
ASP OXT  O  N N 73  
ASP H    H  N N 74  
ASP H2   H  N N 75  
ASP HA   H  N N 76  
ASP HB2  H  N N 77  
ASP HB3  H  N N 78  
ASP HD2  H  N N 79  
ASP HXT  H  N N 80  
GLN N    N  N N 81  
GLN CA   C  N S 82  
GLN C    C  N N 83  
GLN O    O  N N 84  
GLN CB   C  N N 85  
GLN CG   C  N N 86  
GLN CD   C  N N 87  
GLN OE1  O  N N 88  
GLN NE2  N  N N 89  
GLN OXT  O  N N 90  
GLN H    H  N N 91  
GLN H2   H  N N 92  
GLN HA   H  N N 93  
GLN HB2  H  N N 94  
GLN HB3  H  N N 95  
GLN HG2  H  N N 96  
GLN HG3  H  N N 97  
GLN HE21 H  N N 98  
GLN HE22 H  N N 99  
GLN HXT  H  N N 100 
GLU N    N  N N 101 
GLU CA   C  N S 102 
GLU C    C  N N 103 
GLU O    O  N N 104 
GLU CB   C  N N 105 
GLU CG   C  N N 106 
GLU CD   C  N N 107 
GLU OE1  O  N N 108 
GLU OE2  O  N N 109 
GLU OXT  O  N N 110 
GLU H    H  N N 111 
GLU H2   H  N N 112 
GLU HA   H  N N 113 
GLU HB2  H  N N 114 
GLU HB3  H  N N 115 
GLU HG2  H  N N 116 
GLU HG3  H  N N 117 
GLU HE2  H  N N 118 
GLU HXT  H  N N 119 
GLY N    N  N N 120 
GLY CA   C  N N 121 
GLY C    C  N N 122 
GLY O    O  N N 123 
GLY OXT  O  N N 124 
GLY H    H  N N 125 
GLY H2   H  N N 126 
GLY HA2  H  N N 127 
GLY HA3  H  N N 128 
GLY HXT  H  N N 129 
HEM CHA  C  N N 130 
HEM CHB  C  N N 131 
HEM CHC  C  N N 132 
HEM CHD  C  N N 133 
HEM C1A  C  Y N 134 
HEM C2A  C  Y N 135 
HEM C3A  C  Y N 136 
HEM C4A  C  Y N 137 
HEM CMA  C  N N 138 
HEM CAA  C  N N 139 
HEM CBA  C  N N 140 
HEM CGA  C  N N 141 
HEM O1A  O  N N 142 
HEM O2A  O  N N 143 
HEM C1B  C  N N 144 
HEM C2B  C  N N 145 
HEM C3B  C  N N 146 
HEM C4B  C  N N 147 
HEM CMB  C  N N 148 
HEM CAB  C  N N 149 
HEM CBB  C  N N 150 
HEM C1C  C  Y N 151 
HEM C2C  C  Y N 152 
HEM C3C  C  Y N 153 
HEM C4C  C  Y N 154 
HEM CMC  C  N N 155 
HEM CAC  C  N N 156 
HEM CBC  C  N N 157 
HEM C1D  C  N N 158 
HEM C2D  C  N N 159 
HEM C3D  C  N N 160 
HEM C4D  C  N N 161 
HEM CMD  C  N N 162 
HEM CAD  C  N N 163 
HEM CBD  C  N N 164 
HEM CGD  C  N N 165 
HEM O1D  O  N N 166 
HEM O2D  O  N N 167 
HEM NA   N  Y N 168 
HEM NB   N  N N 169 
HEM NC   N  Y N 170 
HEM ND   N  N N 171 
HEM FE   FE N N 172 
HEM HHB  H  N N 173 
HEM HHC  H  N N 174 
HEM HHD  H  N N 175 
HEM HMA  H  N N 176 
HEM HMAA H  N N 177 
HEM HMAB H  N N 178 
HEM HAA  H  N N 179 
HEM HAAA H  N N 180 
HEM HBA  H  N N 181 
HEM HBAA H  N N 182 
HEM HMB  H  N N 183 
HEM HMBA H  N N 184 
HEM HMBB H  N N 185 
HEM HAB  H  N N 186 
HEM HBB  H  N N 187 
HEM HBBA H  N N 188 
HEM HMC  H  N N 189 
HEM HMCA H  N N 190 
HEM HMCB H  N N 191 
HEM HAC  H  N N 192 
HEM HBC  H  N N 193 
HEM HBCA H  N N 194 
HEM HMD  H  N N 195 
HEM HMDA H  N N 196 
HEM HMDB H  N N 197 
HEM HAD  H  N N 198 
HEM HADA H  N N 199 
HEM HBD  H  N N 200 
HEM HBDA H  N N 201 
HEM H2A  H  N N 202 
HEM H2D  H  N N 203 
HEM HHA  H  N N 204 
HIS N    N  N N 205 
HIS CA   C  N S 206 
HIS C    C  N N 207 
HIS O    O  N N 208 
HIS CB   C  N N 209 
HIS CG   C  Y N 210 
HIS ND1  N  Y N 211 
HIS CD2  C  Y N 212 
HIS CE1  C  Y N 213 
HIS NE2  N  Y N 214 
HIS OXT  O  N N 215 
HIS H    H  N N 216 
HIS H2   H  N N 217 
HIS HA   H  N N 218 
HIS HB2  H  N N 219 
HIS HB3  H  N N 220 
HIS HD1  H  N N 221 
HIS HD2  H  N N 222 
HIS HE1  H  N N 223 
HIS HE2  H  N N 224 
HIS HXT  H  N N 225 
HOH O    O  N N 226 
HOH H1   H  N N 227 
HOH H2   H  N N 228 
ILE N    N  N N 229 
ILE CA   C  N S 230 
ILE C    C  N N 231 
ILE O    O  N N 232 
ILE CB   C  N S 233 
ILE CG1  C  N N 234 
ILE CG2  C  N N 235 
ILE CD1  C  N N 236 
ILE OXT  O  N N 237 
ILE H    H  N N 238 
ILE H2   H  N N 239 
ILE HA   H  N N 240 
ILE HB   H  N N 241 
ILE HG12 H  N N 242 
ILE HG13 H  N N 243 
ILE HG21 H  N N 244 
ILE HG22 H  N N 245 
ILE HG23 H  N N 246 
ILE HD11 H  N N 247 
ILE HD12 H  N N 248 
ILE HD13 H  N N 249 
ILE HXT  H  N N 250 
LEU N    N  N N 251 
LEU CA   C  N S 252 
LEU C    C  N N 253 
LEU O    O  N N 254 
LEU CB   C  N N 255 
LEU CG   C  N N 256 
LEU CD1  C  N N 257 
LEU CD2  C  N N 258 
LEU OXT  O  N N 259 
LEU H    H  N N 260 
LEU H2   H  N N 261 
LEU HA   H  N N 262 
LEU HB2  H  N N 263 
LEU HB3  H  N N 264 
LEU HG   H  N N 265 
LEU HD11 H  N N 266 
LEU HD12 H  N N 267 
LEU HD13 H  N N 268 
LEU HD21 H  N N 269 
LEU HD22 H  N N 270 
LEU HD23 H  N N 271 
LEU HXT  H  N N 272 
MET N    N  N N 273 
MET CA   C  N S 274 
MET C    C  N N 275 
MET O    O  N N 276 
MET CB   C  N N 277 
MET CG   C  N N 278 
MET SD   S  N N 279 
MET CE   C  N N 280 
MET OXT  O  N N 281 
MET H    H  N N 282 
MET H2   H  N N 283 
MET HA   H  N N 284 
MET HB2  H  N N 285 
MET HB3  H  N N 286 
MET HG2  H  N N 287 
MET HG3  H  N N 288 
MET HE1  H  N N 289 
MET HE2  H  N N 290 
MET HE3  H  N N 291 
MET HXT  H  N N 292 
PHE N    N  N N 293 
PHE CA   C  N S 294 
PHE C    C  N N 295 
PHE O    O  N N 296 
PHE CB   C  N N 297 
PHE CG   C  Y N 298 
PHE CD1  C  Y N 299 
PHE CD2  C  Y N 300 
PHE CE1  C  Y N 301 
PHE CE2  C  Y N 302 
PHE CZ   C  Y N 303 
PHE OXT  O  N N 304 
PHE H    H  N N 305 
PHE H2   H  N N 306 
PHE HA   H  N N 307 
PHE HB2  H  N N 308 
PHE HB3  H  N N 309 
PHE HD1  H  N N 310 
PHE HD2  H  N N 311 
PHE HE1  H  N N 312 
PHE HE2  H  N N 313 
PHE HZ   H  N N 314 
PHE HXT  H  N N 315 
PRO N    N  N N 316 
PRO CA   C  N S 317 
PRO C    C  N N 318 
PRO O    O  N N 319 
PRO CB   C  N N 320 
PRO CG   C  N N 321 
PRO CD   C  N N 322 
PRO OXT  O  N N 323 
PRO H    H  N N 324 
PRO HA   H  N N 325 
PRO HB2  H  N N 326 
PRO HB3  H  N N 327 
PRO HG2  H  N N 328 
PRO HG3  H  N N 329 
PRO HD2  H  N N 330 
PRO HD3  H  N N 331 
PRO HXT  H  N N 332 
SER N    N  N N 333 
SER CA   C  N S 334 
SER C    C  N N 335 
SER O    O  N N 336 
SER CB   C  N N 337 
SER OG   O  N N 338 
SER OXT  O  N N 339 
SER H    H  N N 340 
SER H2   H  N N 341 
SER HA   H  N N 342 
SER HB2  H  N N 343 
SER HB3  H  N N 344 
SER HG   H  N N 345 
SER HXT  H  N N 346 
THR N    N  N N 347 
THR CA   C  N S 348 
THR C    C  N N 349 
THR O    O  N N 350 
THR CB   C  N R 351 
THR OG1  O  N N 352 
THR CG2  C  N N 353 
THR OXT  O  N N 354 
THR H    H  N N 355 
THR H2   H  N N 356 
THR HA   H  N N 357 
THR HB   H  N N 358 
THR HG1  H  N N 359 
THR HG21 H  N N 360 
THR HG22 H  N N 361 
THR HG23 H  N N 362 
THR HXT  H  N N 363 
TRP N    N  N N 364 
TRP CA   C  N S 365 
TRP C    C  N N 366 
TRP O    O  N N 367 
TRP CB   C  N N 368 
TRP CG   C  Y N 369 
TRP CD1  C  Y N 370 
TRP CD2  C  Y N 371 
TRP NE1  N  Y N 372 
TRP CE2  C  Y N 373 
TRP CE3  C  Y N 374 
TRP CZ2  C  Y N 375 
TRP CZ3  C  Y N 376 
TRP CH2  C  Y N 377 
TRP OXT  O  N N 378 
TRP H    H  N N 379 
TRP H2   H  N N 380 
TRP HA   H  N N 381 
TRP HB2  H  N N 382 
TRP HB3  H  N N 383 
TRP HD1  H  N N 384 
TRP HE1  H  N N 385 
TRP HE3  H  N N 386 
TRP HZ2  H  N N 387 
TRP HZ3  H  N N 388 
TRP HH2  H  N N 389 
TRP HXT  H  N N 390 
TYR N    N  N N 391 
TYR CA   C  N S 392 
TYR C    C  N N 393 
TYR O    O  N N 394 
TYR CB   C  N N 395 
TYR CG   C  Y N 396 
TYR CD1  C  Y N 397 
TYR CD2  C  Y N 398 
TYR CE1  C  Y N 399 
TYR CE2  C  Y N 400 
TYR CZ   C  Y N 401 
TYR OH   O  N N 402 
TYR OXT  O  N N 403 
TYR H    H  N N 404 
TYR H2   H  N N 405 
TYR HA   H  N N 406 
TYR HB2  H  N N 407 
TYR HB3  H  N N 408 
TYR HD1  H  N N 409 
TYR HD2  H  N N 410 
TYR HE1  H  N N 411 
TYR HE2  H  N N 412 
TYR HH   H  N N 413 
TYR HXT  H  N N 414 
VAL N    N  N N 415 
VAL CA   C  N S 416 
VAL C    C  N N 417 
VAL O    O  N N 418 
VAL CB   C  N N 419 
VAL CG1  C  N N 420 
VAL CG2  C  N N 421 
VAL OXT  O  N N 422 
VAL H    H  N N 423 
VAL H2   H  N N 424 
VAL HA   H  N N 425 
VAL HB   H  N N 426 
VAL HG11 H  N N 427 
VAL HG12 H  N N 428 
VAL HG13 H  N N 429 
VAL HG21 H  N N 430 
VAL HG22 H  N N 431 
VAL HG23 H  N N 432 
VAL HXT  H  N N 433 
# 
loop_
_chem_comp_bond.comp_id 
_chem_comp_bond.atom_id_1 
_chem_comp_bond.atom_id_2 
_chem_comp_bond.value_order 
_chem_comp_bond.pdbx_aromatic_flag 
_chem_comp_bond.pdbx_stereo_config 
_chem_comp_bond.pdbx_ordinal 
ACT C   O    doub N N 1   
ACT C   OXT  sing N N 2   
ACT C   CH3  sing N N 3   
ACT CH3 H1   sing N N 4   
ACT CH3 H2   sing N N 5   
ACT CH3 H3   sing N N 6   
ALA N   CA   sing N N 7   
ALA N   H    sing N N 8   
ALA N   H2   sing N N 9   
ALA CA  C    sing N N 10  
ALA CA  CB   sing N N 11  
ALA CA  HA   sing N N 12  
ALA C   O    doub N N 13  
ALA C   OXT  sing N N 14  
ALA CB  HB1  sing N N 15  
ALA CB  HB2  sing N N 16  
ALA CB  HB3  sing N N 17  
ALA OXT HXT  sing N N 18  
ARG N   CA   sing N N 19  
ARG N   H    sing N N 20  
ARG N   H2   sing N N 21  
ARG CA  C    sing N N 22  
ARG CA  CB   sing N N 23  
ARG CA  HA   sing N N 24  
ARG C   O    doub N N 25  
ARG C   OXT  sing N N 26  
ARG CB  CG   sing N N 27  
ARG CB  HB2  sing N N 28  
ARG CB  HB3  sing N N 29  
ARG CG  CD   sing N N 30  
ARG CG  HG2  sing N N 31  
ARG CG  HG3  sing N N 32  
ARG CD  NE   sing N N 33  
ARG CD  HD2  sing N N 34  
ARG CD  HD3  sing N N 35  
ARG NE  CZ   sing N N 36  
ARG NE  HE   sing N N 37  
ARG CZ  NH1  sing N N 38  
ARG CZ  NH2  doub N N 39  
ARG NH1 HH11 sing N N 40  
ARG NH1 HH12 sing N N 41  
ARG NH2 HH21 sing N N 42  
ARG NH2 HH22 sing N N 43  
ARG OXT HXT  sing N N 44  
ASN N   CA   sing N N 45  
ASN N   H    sing N N 46  
ASN N   H2   sing N N 47  
ASN CA  C    sing N N 48  
ASN CA  CB   sing N N 49  
ASN CA  HA   sing N N 50  
ASN C   O    doub N N 51  
ASN C   OXT  sing N N 52  
ASN CB  CG   sing N N 53  
ASN CB  HB2  sing N N 54  
ASN CB  HB3  sing N N 55  
ASN CG  OD1  doub N N 56  
ASN CG  ND2  sing N N 57  
ASN ND2 HD21 sing N N 58  
ASN ND2 HD22 sing N N 59  
ASN OXT HXT  sing N N 60  
ASP N   CA   sing N N 61  
ASP N   H    sing N N 62  
ASP N   H2   sing N N 63  
ASP CA  C    sing N N 64  
ASP CA  CB   sing N N 65  
ASP CA  HA   sing N N 66  
ASP C   O    doub N N 67  
ASP C   OXT  sing N N 68  
ASP CB  CG   sing N N 69  
ASP CB  HB2  sing N N 70  
ASP CB  HB3  sing N N 71  
ASP CG  OD1  doub N N 72  
ASP CG  OD2  sing N N 73  
ASP OD2 HD2  sing N N 74  
ASP OXT HXT  sing N N 75  
GLN N   CA   sing N N 76  
GLN N   H    sing N N 77  
GLN N   H2   sing N N 78  
GLN CA  C    sing N N 79  
GLN CA  CB   sing N N 80  
GLN CA  HA   sing N N 81  
GLN C   O    doub N N 82  
GLN C   OXT  sing N N 83  
GLN CB  CG   sing N N 84  
GLN CB  HB2  sing N N 85  
GLN CB  HB3  sing N N 86  
GLN CG  CD   sing N N 87  
GLN CG  HG2  sing N N 88  
GLN CG  HG3  sing N N 89  
GLN CD  OE1  doub N N 90  
GLN CD  NE2  sing N N 91  
GLN NE2 HE21 sing N N 92  
GLN NE2 HE22 sing N N 93  
GLN OXT HXT  sing N N 94  
GLU N   CA   sing N N 95  
GLU N   H    sing N N 96  
GLU N   H2   sing N N 97  
GLU CA  C    sing N N 98  
GLU CA  CB   sing N N 99  
GLU CA  HA   sing N N 100 
GLU C   O    doub N N 101 
GLU C   OXT  sing N N 102 
GLU CB  CG   sing N N 103 
GLU CB  HB2  sing N N 104 
GLU CB  HB3  sing N N 105 
GLU CG  CD   sing N N 106 
GLU CG  HG2  sing N N 107 
GLU CG  HG3  sing N N 108 
GLU CD  OE1  doub N N 109 
GLU CD  OE2  sing N N 110 
GLU OE2 HE2  sing N N 111 
GLU OXT HXT  sing N N 112 
GLY N   CA   sing N N 113 
GLY N   H    sing N N 114 
GLY N   H2   sing N N 115 
GLY CA  C    sing N N 116 
GLY CA  HA2  sing N N 117 
GLY CA  HA3  sing N N 118 
GLY C   O    doub N N 119 
GLY C   OXT  sing N N 120 
GLY OXT HXT  sing N N 121 
HEM CHA C1A  sing N N 122 
HEM CHA C4D  doub N N 123 
HEM CHA HHA  sing N N 124 
HEM CHB C4A  sing N N 125 
HEM CHB C1B  doub N N 126 
HEM CHB HHB  sing N N 127 
HEM CHC C4B  sing N N 128 
HEM CHC C1C  doub N N 129 
HEM CHC HHC  sing N N 130 
HEM CHD C4C  doub N N 131 
HEM CHD C1D  sing N N 132 
HEM CHD HHD  sing N N 133 
HEM C1A C2A  doub Y N 134 
HEM C1A NA   sing Y N 135 
HEM C2A C3A  sing Y N 136 
HEM C2A CAA  sing N N 137 
HEM C3A C4A  doub Y N 138 
HEM C3A CMA  sing N N 139 
HEM C4A NA   sing Y N 140 
HEM CMA HMA  sing N N 141 
HEM CMA HMAA sing N N 142 
HEM CMA HMAB sing N N 143 
HEM CAA CBA  sing N N 144 
HEM CAA HAA  sing N N 145 
HEM CAA HAAA sing N N 146 
HEM CBA CGA  sing N N 147 
HEM CBA HBA  sing N N 148 
HEM CBA HBAA sing N N 149 
HEM CGA O1A  doub N N 150 
HEM CGA O2A  sing N N 151 
HEM C1B C2B  sing N N 152 
HEM C1B NB   sing N N 153 
HEM C2B C3B  doub N N 154 
HEM C2B CMB  sing N N 155 
HEM C3B C4B  sing N N 156 
HEM C3B CAB  sing N N 157 
HEM C4B NB   doub N N 158 
HEM CMB HMB  sing N N 159 
HEM CMB HMBA sing N N 160 
HEM CMB HMBB sing N N 161 
HEM CAB CBB  doub N N 162 
HEM CAB HAB  sing N N 163 
HEM CBB HBB  sing N N 164 
HEM CBB HBBA sing N N 165 
HEM C1C C2C  sing Y N 166 
HEM C1C NC   sing Y N 167 
HEM C2C C3C  doub Y N 168 
HEM C2C CMC  sing N N 169 
HEM C3C C4C  sing Y N 170 
HEM C3C CAC  sing N N 171 
HEM C4C NC   sing Y N 172 
HEM CMC HMC  sing N N 173 
HEM CMC HMCA sing N N 174 
HEM CMC HMCB sing N N 175 
HEM CAC CBC  doub N N 176 
HEM CAC HAC  sing N N 177 
HEM CBC HBC  sing N N 178 
HEM CBC HBCA sing N N 179 
HEM C1D C2D  sing N N 180 
HEM C1D ND   doub N N 181 
HEM C2D C3D  doub N N 182 
HEM C2D CMD  sing N N 183 
HEM C3D C4D  sing N N 184 
HEM C3D CAD  sing N N 185 
HEM C4D ND   sing N N 186 
HEM CMD HMD  sing N N 187 
HEM CMD HMDA sing N N 188 
HEM CMD HMDB sing N N 189 
HEM CAD CBD  sing N N 190 
HEM CAD HAD  sing N N 191 
HEM CAD HADA sing N N 192 
HEM CBD CGD  sing N N 193 
HEM CBD HBD  sing N N 194 
HEM CBD HBDA sing N N 195 
HEM CGD O1D  doub N N 196 
HEM CGD O2D  sing N N 197 
HEM O2A H2A  sing N N 198 
HEM O2D H2D  sing N N 199 
HEM FE  NA   sing N N 200 
HEM FE  NB   sing N N 201 
HEM FE  NC   sing N N 202 
HEM FE  ND   sing N N 203 
HIS N   CA   sing N N 204 
HIS N   H    sing N N 205 
HIS N   H2   sing N N 206 
HIS CA  C    sing N N 207 
HIS CA  CB   sing N N 208 
HIS CA  HA   sing N N 209 
HIS C   O    doub N N 210 
HIS C   OXT  sing N N 211 
HIS CB  CG   sing N N 212 
HIS CB  HB2  sing N N 213 
HIS CB  HB3  sing N N 214 
HIS CG  ND1  sing Y N 215 
HIS CG  CD2  doub Y N 216 
HIS ND1 CE1  doub Y N 217 
HIS ND1 HD1  sing N N 218 
HIS CD2 NE2  sing Y N 219 
HIS CD2 HD2  sing N N 220 
HIS CE1 NE2  sing Y N 221 
HIS CE1 HE1  sing N N 222 
HIS NE2 HE2  sing N N 223 
HIS OXT HXT  sing N N 224 
HOH O   H1   sing N N 225 
HOH O   H2   sing N N 226 
ILE N   CA   sing N N 227 
ILE N   H    sing N N 228 
ILE N   H2   sing N N 229 
ILE CA  C    sing N N 230 
ILE CA  CB   sing N N 231 
ILE CA  HA   sing N N 232 
ILE C   O    doub N N 233 
ILE C   OXT  sing N N 234 
ILE CB  CG1  sing N N 235 
ILE CB  CG2  sing N N 236 
ILE CB  HB   sing N N 237 
ILE CG1 CD1  sing N N 238 
ILE CG1 HG12 sing N N 239 
ILE CG1 HG13 sing N N 240 
ILE CG2 HG21 sing N N 241 
ILE CG2 HG22 sing N N 242 
ILE CG2 HG23 sing N N 243 
ILE CD1 HD11 sing N N 244 
ILE CD1 HD12 sing N N 245 
ILE CD1 HD13 sing N N 246 
ILE OXT HXT  sing N N 247 
LEU N   CA   sing N N 248 
LEU N   H    sing N N 249 
LEU N   H2   sing N N 250 
LEU CA  C    sing N N 251 
LEU CA  CB   sing N N 252 
LEU CA  HA   sing N N 253 
LEU C   O    doub N N 254 
LEU C   OXT  sing N N 255 
LEU CB  CG   sing N N 256 
LEU CB  HB2  sing N N 257 
LEU CB  HB3  sing N N 258 
LEU CG  CD1  sing N N 259 
LEU CG  CD2  sing N N 260 
LEU CG  HG   sing N N 261 
LEU CD1 HD11 sing N N 262 
LEU CD1 HD12 sing N N 263 
LEU CD1 HD13 sing N N 264 
LEU CD2 HD21 sing N N 265 
LEU CD2 HD22 sing N N 266 
LEU CD2 HD23 sing N N 267 
LEU OXT HXT  sing N N 268 
MET N   CA   sing N N 269 
MET N   H    sing N N 270 
MET N   H2   sing N N 271 
MET CA  C    sing N N 272 
MET CA  CB   sing N N 273 
MET CA  HA   sing N N 274 
MET C   O    doub N N 275 
MET C   OXT  sing N N 276 
MET CB  CG   sing N N 277 
MET CB  HB2  sing N N 278 
MET CB  HB3  sing N N 279 
MET CG  SD   sing N N 280 
MET CG  HG2  sing N N 281 
MET CG  HG3  sing N N 282 
MET SD  CE   sing N N 283 
MET CE  HE1  sing N N 284 
MET CE  HE2  sing N N 285 
MET CE  HE3  sing N N 286 
MET OXT HXT  sing N N 287 
PHE N   CA   sing N N 288 
PHE N   H    sing N N 289 
PHE N   H2   sing N N 290 
PHE CA  C    sing N N 291 
PHE CA  CB   sing N N 292 
PHE CA  HA   sing N N 293 
PHE C   O    doub N N 294 
PHE C   OXT  sing N N 295 
PHE CB  CG   sing N N 296 
PHE CB  HB2  sing N N 297 
PHE CB  HB3  sing N N 298 
PHE CG  CD1  doub Y N 299 
PHE CG  CD2  sing Y N 300 
PHE CD1 CE1  sing Y N 301 
PHE CD1 HD1  sing N N 302 
PHE CD2 CE2  doub Y N 303 
PHE CD2 HD2  sing N N 304 
PHE CE1 CZ   doub Y N 305 
PHE CE1 HE1  sing N N 306 
PHE CE2 CZ   sing Y N 307 
PHE CE2 HE2  sing N N 308 
PHE CZ  HZ   sing N N 309 
PHE OXT HXT  sing N N 310 
PRO N   CA   sing N N 311 
PRO N   CD   sing N N 312 
PRO N   H    sing N N 313 
PRO CA  C    sing N N 314 
PRO CA  CB   sing N N 315 
PRO CA  HA   sing N N 316 
PRO C   O    doub N N 317 
PRO C   OXT  sing N N 318 
PRO CB  CG   sing N N 319 
PRO CB  HB2  sing N N 320 
PRO CB  HB3  sing N N 321 
PRO CG  CD   sing N N 322 
PRO CG  HG2  sing N N 323 
PRO CG  HG3  sing N N 324 
PRO CD  HD2  sing N N 325 
PRO CD  HD3  sing N N 326 
PRO OXT HXT  sing N N 327 
SER N   CA   sing N N 328 
SER N   H    sing N N 329 
SER N   H2   sing N N 330 
SER CA  C    sing N N 331 
SER CA  CB   sing N N 332 
SER CA  HA   sing N N 333 
SER C   O    doub N N 334 
SER C   OXT  sing N N 335 
SER CB  OG   sing N N 336 
SER CB  HB2  sing N N 337 
SER CB  HB3  sing N N 338 
SER OG  HG   sing N N 339 
SER OXT HXT  sing N N 340 
THR N   CA   sing N N 341 
THR N   H    sing N N 342 
THR N   H2   sing N N 343 
THR CA  C    sing N N 344 
THR CA  CB   sing N N 345 
THR CA  HA   sing N N 346 
THR C   O    doub N N 347 
THR C   OXT  sing N N 348 
THR CB  OG1  sing N N 349 
THR CB  CG2  sing N N 350 
THR CB  HB   sing N N 351 
THR OG1 HG1  sing N N 352 
THR CG2 HG21 sing N N 353 
THR CG2 HG22 sing N N 354 
THR CG2 HG23 sing N N 355 
THR OXT HXT  sing N N 356 
TRP N   CA   sing N N 357 
TRP N   H    sing N N 358 
TRP N   H2   sing N N 359 
TRP CA  C    sing N N 360 
TRP CA  CB   sing N N 361 
TRP CA  HA   sing N N 362 
TRP C   O    doub N N 363 
TRP C   OXT  sing N N 364 
TRP CB  CG   sing N N 365 
TRP CB  HB2  sing N N 366 
TRP CB  HB3  sing N N 367 
TRP CG  CD1  doub Y N 368 
TRP CG  CD2  sing Y N 369 
TRP CD1 NE1  sing Y N 370 
TRP CD1 HD1  sing N N 371 
TRP CD2 CE2  doub Y N 372 
TRP CD2 CE3  sing Y N 373 
TRP NE1 CE2  sing Y N 374 
TRP NE1 HE1  sing N N 375 
TRP CE2 CZ2  sing Y N 376 
TRP CE3 CZ3  doub Y N 377 
TRP CE3 HE3  sing N N 378 
TRP CZ2 CH2  doub Y N 379 
TRP CZ2 HZ2  sing N N 380 
TRP CZ3 CH2  sing Y N 381 
TRP CZ3 HZ3  sing N N 382 
TRP CH2 HH2  sing N N 383 
TRP OXT HXT  sing N N 384 
TYR N   CA   sing N N 385 
TYR N   H    sing N N 386 
TYR N   H2   sing N N 387 
TYR CA  C    sing N N 388 
TYR CA  CB   sing N N 389 
TYR CA  HA   sing N N 390 
TYR C   O    doub N N 391 
TYR C   OXT  sing N N 392 
TYR CB  CG   sing N N 393 
TYR CB  HB2  sing N N 394 
TYR CB  HB3  sing N N 395 
TYR CG  CD1  doub Y N 396 
TYR CG  CD2  sing Y N 397 
TYR CD1 CE1  sing Y N 398 
TYR CD1 HD1  sing N N 399 
TYR CD2 CE2  doub Y N 400 
TYR CD2 HD2  sing N N 401 
TYR CE1 CZ   doub Y N 402 
TYR CE1 HE1  sing N N 403 
TYR CE2 CZ   sing Y N 404 
TYR CE2 HE2  sing N N 405 
TYR CZ  OH   sing N N 406 
TYR OH  HH   sing N N 407 
TYR OXT HXT  sing N N 408 
VAL N   CA   sing N N 409 
VAL N   H    sing N N 410 
VAL N   H2   sing N N 411 
VAL CA  C    sing N N 412 
VAL CA  CB   sing N N 413 
VAL CA  HA   sing N N 414 
VAL C   O    doub N N 415 
VAL C   OXT  sing N N 416 
VAL CB  CG1  sing N N 417 
VAL CB  CG2  sing N N 418 
VAL CB  HB   sing N N 419 
VAL CG1 HG11 sing N N 420 
VAL CG1 HG12 sing N N 421 
VAL CG1 HG13 sing N N 422 
VAL CG2 HG21 sing N N 423 
VAL CG2 HG22 sing N N 424 
VAL CG2 HG23 sing N N 425 
VAL OXT HXT  sing N N 426 
# 
loop_
_pdbx_entity_nonpoly.entity_id 
_pdbx_entity_nonpoly.name 
_pdbx_entity_nonpoly.comp_id 
2 'PROTOPORPHYRIN IX CONTAINING FE' HEM 
3 'ACETATE ION'                     ACT 
4 water                             HOH 
# 
_pdbx_initial_refinement_model.id               1 
_pdbx_initial_refinement_model.entity_id_list   ? 
_pdbx_initial_refinement_model.type             'experimental model' 
_pdbx_initial_refinement_model.source_name      PDB 
_pdbx_initial_refinement_model.accession_code   1UX8 
_pdbx_initial_refinement_model.details          'PDB ENTRY 1UX8' 
# 
